data_9QLN
#
_entry.id   9QLN
#
_cell.length_a   1.00
_cell.length_b   1.00
_cell.length_c   1.00
_cell.angle_alpha   90.00
_cell.angle_beta   90.00
_cell.angle_gamma   90.00
#
_symmetry.space_group_name_H-M   'P 1'
#
loop_
_entity.id
_entity.type
_entity.pdbx_description
1 polymer Myoferlin
2 non-polymer 'CALCIUM ION'
#
_entity_poly.entity_id   1
_entity_poly.type   'polypeptide(L)'
_entity_poly.pdbx_seq_one_letter_code
;MASWSHPQFEKGGGSGGGSGGGSWSHPQFEKLEVLFQGPGSGDKDCEQSNAMLRVIVESASNIPKTKFGKPDPIVSVIFK
DEKKKTKKVDNELNPVWNEILEFDLRGIPLDFSSSLGIIVKDFETIGQNKLIGTATVALKDLTGDQSRSLPYKLISLLNE
RGQDTGATIDLVIGYDPPSAPHPNDLSGPSVPGMGGDGEEDEGDEDRLDNAVRGPGPKGPVGTVSEAQLARRLTKVKNSR
RMLSNKPQDFQIRVRVIEGRQLSGNNIRPVVKVHVCGQTHRTRIKRGNNPFFDELFFYNVNMTPSELMDEIISIRVYNSH
SLRADCLMGEFKIDVGFVYDEPGHAVMRKWLLLNDPEDTSSGSKGYMKVSMFVLGTGDEPPPERRDRDNDSDDVESNLLL
PAGIALRWVTFLLKIYRAEDIPQMDDAFSQTVKEIFGGNADKKNLVDPFVEVSFAGKKVCTNIIEKNANPEWNQVVNLQI
KFPSVCEKIKLTIYDWDRLTKNDVVGTTYLHLSKIAASGGEVEDFSSSGTGAASYTVNTGETEVGFVPTFGPCYLNLYGS
PREYTGFPDPYDELNTGKGEGVAYRGRILVELATFLEKTPPDKKLEPISNDDLLVVEKYQRRRKYSLSAVFHSATMLQDV
GEAIQFEVSIGNYGNRFDTTCKPLASTTQYSRAVFDGNYYYYLPWAHTKPVVTLTSYWEDISHRLDAVNTLLAMAERLQT
NIEALKSGIQGKIPANQLAELWLKLIDEVIEDTRYTLPLTEGKANVTVLDTQIRKLRSRSLSQIHEAAVRMRSEATDVKS
TLAEIEDWLDKLMQLTEEPQNSMPDIIIWMIRGEKRLAYARIPAHQVLYSTSGENASGKYCGKTQTIFLKYPQEKNNGPK
VPVELRVNIWLGLSAVEKKFNSFAEGTFTVFAEMYENQALMFGKWGTSGLVGRHKFSDVTGKIKLKREFFLPPKGWEWEG
EWIVDPERSLLTEADAGHTEFTDEVYQNESRYPGGDWKPAEDTYTDANGDKAASPSELTCPPGWEWEDDAWSYDINRAVD
EKGWEYGITIPPDHKPKSWVAAEKMYHTHRRRRLVRKRKKDLTQTASSTARAMEELQDQEGWEYASLIGWKFHWKQRSSD
TFRRRRWRRKMAPSETHGAAAIFKLEGALGADTTEDGDEKSLEKQKHSATTVFGANTPIVSCNFDRVYIYHLRCYVYQAR
NLLALDKDSFSDPYAHICFLHRSKTTEIIHSTLNPTWDQTIIFDEVEIYGEPQTVLQNPPKVIMELFDNDQVGKDEFLGR
SIFSPVVKLNSEMDITPKLLWHPVMNGDKACGDVLVTAELILRGKDGSNLPILPPQRAPNLYMVPQGIRPVVQLTAIEIL
AWGLRNMKNFQMASITSPSLVVECGGERVESVVIKNLKKTPNFPSSVLFMKVFLPKEELYMPPLVIKVIDHRQFGRKPVV
GQCTIERLDRFRCDPYAGKEDIVPQLKASLLSAPPCRDIVIEMEDTKPLLASKLTEKEEEIVDWWSKFYASSGEHEKCGQ
YIQKGYSKLKIYNCELENVAEFEGLTDFSDTFKLYRGKSDENEDPSVVGEFKGSFRIYPLPDDPSVPAPPRQFRELPDSV
PQECTVRIYIVRGLELQPQDNNGLCDPYIKITLGKKVIEDRDHYIPNTLNPVFGRMYELSCYLPQEKDLKISVYDYDTFT
RDEKVGETIIDLENRFLSRFGSHCGIPEEYCVSGVNTWRDQLRPTQLLQNVARFKGFPQPILSEDGSRIRYGGRDYSLDE
FEANKILHQHLGAPEERLALHILRTQGLVPEHVETRTLHSTFQPNISQGKLQMWVDVFPKSLGPPGPPFNITPRKAKKYY
LRVIIWNTKDVILDEKSITGEEMSDIYVKGWVPGNEENKQKTDVHYRSLDGEGNFNWRFVFPFDYLPAEQLCIVAKKEHF
WSIDQTEFRIPPRLIIQIWDNDKFSLDDYLGFLELDLRHTIIPAKSPEKCRLDMIPDLKAMNPLKAKTASLFEQKSMKGW
WPCYAEKDGARVMAGKVEMTLEILNEKEADERPAGKGRDEPNMNPKLD
;
_entity_poly.pdbx_strand_id   E
#
# COMPACT_ATOMS: atom_id res chain seq x y z
N ASP A 249 4.27 -32.02 -15.28
CA ASP A 249 4.07 -30.59 -15.44
C ASP A 249 5.13 -29.80 -14.69
N PHE A 250 5.76 -28.85 -15.39
CA PHE A 250 6.78 -27.99 -14.80
C PHE A 250 6.24 -26.56 -14.73
N GLN A 251 6.83 -25.79 -13.82
CA GLN A 251 6.33 -24.47 -13.45
C GLN A 251 7.46 -23.45 -13.48
N ILE A 252 7.18 -22.28 -14.04
CA ILE A 252 8.11 -21.16 -14.09
C ILE A 252 7.51 -20.01 -13.28
N ARG A 253 8.27 -19.52 -12.31
CA ARG A 253 7.86 -18.39 -11.49
C ARG A 253 8.74 -17.20 -11.78
N VAL A 254 8.12 -16.07 -12.11
CA VAL A 254 8.85 -14.84 -12.43
C VAL A 254 8.33 -13.73 -11.51
N ARG A 255 9.25 -12.96 -10.94
CA ARG A 255 8.93 -11.81 -10.13
C ARG A 255 9.79 -10.63 -10.55
N VAL A 256 9.15 -9.47 -10.72
CA VAL A 256 9.84 -8.21 -10.94
C VAL A 256 9.68 -7.39 -9.66
N ILE A 257 10.76 -6.77 -9.22
CA ILE A 257 10.82 -6.15 -7.90
C ILE A 257 11.01 -4.64 -7.99
N GLU A 258 12.02 -4.20 -8.74
CA GLU A 258 12.38 -2.79 -8.72
C GLU A 258 13.04 -2.43 -10.05
N GLY A 259 13.06 -1.14 -10.35
CA GLY A 259 13.87 -0.62 -11.43
C GLY A 259 14.60 0.62 -10.96
N ARG A 260 15.85 0.75 -11.40
CA ARG A 260 16.69 1.87 -10.98
C ARG A 260 17.53 2.38 -12.14
N GLN A 261 17.56 3.70 -12.28
CA GLN A 261 18.26 4.44 -13.35
C GLN A 261 17.92 3.93 -14.74
N LEU A 262 16.62 3.87 -15.03
CA LEU A 262 16.17 3.56 -16.38
C LEU A 262 16.41 4.76 -17.28
N SER A 263 16.95 4.51 -18.47
CA SER A 263 17.44 5.58 -19.33
C SER A 263 16.31 6.41 -19.91
N GLY A 264 16.57 7.70 -20.08
CA GLY A 264 15.59 8.63 -20.61
C GLY A 264 14.91 9.45 -19.53
N ASN A 265 14.62 10.70 -19.83
CA ASN A 265 13.90 11.58 -18.91
C ASN A 265 12.42 11.64 -19.30
N ASN A 266 11.59 12.01 -18.31
CA ASN A 266 10.12 12.05 -18.41
C ASN A 266 9.54 10.72 -18.86
N ILE A 267 10.08 9.62 -18.33
CA ILE A 267 9.68 8.28 -18.75
C ILE A 267 8.58 7.75 -17.85
N ARG A 268 7.79 6.83 -18.39
CA ARG A 268 6.74 6.12 -17.65
C ARG A 268 6.92 4.62 -17.90
N PRO A 269 7.77 3.97 -17.11
CA PRO A 269 8.18 2.59 -17.42
C PRO A 269 7.08 1.57 -17.18
N VAL A 270 7.12 0.50 -17.99
CA VAL A 270 6.24 -0.65 -17.87
C VAL A 270 7.02 -1.85 -18.40
N VAL A 271 6.73 -3.04 -17.87
CA VAL A 271 7.46 -4.25 -18.22
C VAL A 271 6.48 -5.29 -18.75
N LYS A 272 6.76 -5.82 -19.93
CA LYS A 272 6.03 -6.95 -20.49
C LYS A 272 6.83 -8.23 -20.26
N VAL A 273 6.18 -9.23 -19.65
CA VAL A 273 6.82 -10.49 -19.29
C VAL A 273 6.31 -11.57 -20.21
N HIS A 274 7.24 -12.31 -20.82
CA HIS A 274 6.93 -13.38 -21.76
C HIS A 274 7.74 -14.61 -21.40
N VAL A 275 7.05 -15.71 -21.11
CA VAL A 275 7.69 -16.98 -20.78
C VAL A 275 7.08 -18.07 -21.65
N CYS A 276 7.90 -18.63 -22.55
CA CYS A 276 7.55 -19.78 -23.42
C CYS A 276 6.32 -19.50 -24.29
N GLY A 277 6.18 -18.28 -24.79
CA GLY A 277 5.07 -17.91 -25.62
C GLY A 277 3.88 -17.31 -24.90
N GLN A 278 3.81 -17.46 -23.58
CA GLN A 278 2.71 -16.89 -22.80
C GLN A 278 3.12 -15.51 -22.28
N THR A 279 2.40 -14.48 -22.70
CA THR A 279 2.82 -13.11 -22.48
C THR A 279 1.75 -12.33 -21.71
N HIS A 280 2.17 -11.65 -20.65
CA HIS A 280 1.36 -10.69 -19.92
C HIS A 280 2.19 -9.44 -19.74
N ARG A 281 1.69 -8.48 -18.95
CA ARG A 281 2.43 -7.26 -18.67
C ARG A 281 1.99 -6.67 -17.34
N THR A 282 2.82 -5.78 -16.80
CA THR A 282 2.63 -5.15 -15.52
C THR A 282 1.87 -3.83 -15.66
N ARG A 283 1.86 -3.06 -14.58
CA ARG A 283 1.24 -1.74 -14.58
C ARG A 283 2.27 -0.67 -14.91
N ILE A 284 1.76 0.53 -15.18
CA ILE A 284 2.61 1.66 -15.56
C ILE A 284 2.96 2.48 -14.32
N LYS A 285 4.26 2.72 -14.13
CA LYS A 285 4.75 3.47 -12.98
C LYS A 285 5.38 4.77 -13.47
N ARG A 286 5.82 5.59 -12.53
CA ARG A 286 6.38 6.91 -12.81
C ARG A 286 7.87 6.97 -12.48
N GLY A 287 8.55 7.94 -13.08
CA GLY A 287 9.85 8.36 -12.63
C GLY A 287 11.01 7.49 -13.08
N ASN A 288 12.20 7.89 -12.64
CA ASN A 288 13.44 7.21 -12.97
C ASN A 288 13.60 5.88 -12.24
N ASN A 289 13.09 5.77 -11.01
CA ASN A 289 13.29 4.59 -10.18
C ASN A 289 11.94 4.04 -9.71
N PRO A 290 11.28 3.21 -10.54
CA PRO A 290 10.01 2.62 -10.11
C PRO A 290 10.20 1.47 -9.16
N PHE A 291 9.12 1.09 -8.48
CA PHE A 291 9.05 -0.10 -7.65
C PHE A 291 7.82 -0.89 -8.05
N PHE A 292 7.97 -2.19 -8.30
CA PHE A 292 6.93 -2.98 -8.94
C PHE A 292 6.30 -4.00 -8.00
N ASP A 293 7.09 -4.96 -7.49
CA ASP A 293 6.64 -6.11 -6.70
C ASP A 293 5.49 -6.88 -7.38
N GLU A 294 5.64 -7.11 -8.68
CA GLU A 294 4.65 -7.91 -9.41
C GLU A 294 5.13 -9.34 -9.58
N LEU A 295 4.18 -10.28 -9.57
CA LEU A 295 4.47 -11.71 -9.66
C LEU A 295 3.57 -12.35 -10.71
N PHE A 296 4.16 -13.22 -11.53
CA PHE A 296 3.44 -13.94 -12.57
C PHE A 296 3.84 -15.41 -12.55
N PHE A 297 2.89 -16.27 -12.86
CA PHE A 297 3.08 -17.72 -12.86
C PHE A 297 2.84 -18.27 -14.25
N TYR A 298 3.60 -19.31 -14.62
CA TYR A 298 3.50 -19.96 -15.91
C TYR A 298 3.74 -21.46 -15.73
N ASN A 299 3.24 -22.25 -16.69
CA ASN A 299 3.39 -23.70 -16.67
C ASN A 299 3.55 -24.24 -18.07
N VAL A 300 4.54 -25.12 -18.26
CA VAL A 300 4.75 -25.84 -19.51
C VAL A 300 4.88 -27.32 -19.20
N ASN A 301 4.60 -28.17 -20.20
CA ASN A 301 4.71 -29.62 -20.07
C ASN A 301 5.76 -30.19 -21.02
N MET A 302 6.92 -29.55 -21.11
CA MET A 302 7.97 -30.02 -22.00
C MET A 302 8.67 -31.25 -21.42
N THR A 303 9.46 -31.91 -22.25
CA THR A 303 10.37 -32.95 -21.81
C THR A 303 11.46 -32.31 -20.95
N PRO A 304 12.03 -33.05 -19.98
CA PRO A 304 13.23 -32.55 -19.28
C PRO A 304 14.43 -32.29 -20.19
N SER A 305 14.52 -32.96 -21.33
CA SER A 305 15.57 -32.67 -22.29
C SER A 305 15.26 -31.46 -23.16
N GLU A 306 14.05 -30.90 -23.06
CA GLU A 306 13.64 -29.77 -23.87
C GLU A 306 13.25 -28.54 -23.05
N LEU A 307 13.26 -28.64 -21.72
CA LEU A 307 12.83 -27.54 -20.86
C LEU A 307 13.80 -26.37 -20.91
N MET A 308 15.09 -26.66 -21.01
CA MET A 308 16.13 -25.64 -20.94
C MET A 308 16.30 -24.88 -22.25
N ASP A 309 15.62 -25.29 -23.32
CA ASP A 309 15.82 -24.67 -24.63
C ASP A 309 15.13 -23.31 -24.74
N GLU A 310 14.01 -23.10 -24.05
CA GLU A 310 13.31 -21.84 -24.14
C GLU A 310 14.03 -20.75 -23.35
N ILE A 311 13.61 -19.51 -23.59
CA ILE A 311 14.23 -18.33 -22.99
C ILE A 311 13.16 -17.54 -22.24
N ILE A 312 13.61 -16.70 -21.31
CA ILE A 312 12.72 -15.83 -20.54
C ILE A 312 12.97 -14.40 -20.97
N SER A 313 11.94 -13.75 -21.52
CA SER A 313 12.04 -12.39 -22.00
C SER A 313 11.28 -11.47 -21.06
N ILE A 314 11.97 -10.49 -20.50
CA ILE A 314 11.43 -9.57 -19.50
C ILE A 314 11.53 -8.16 -20.07
N ARG A 315 11.24 -8.04 -21.38
CA ARG A 315 11.44 -6.81 -22.14
C ARG A 315 10.69 -5.61 -21.55
N VAL A 316 11.38 -4.48 -21.47
CA VAL A 316 10.86 -3.28 -20.83
C VAL A 316 10.54 -2.25 -21.90
N TYR A 317 9.46 -1.50 -21.69
CA TYR A 317 8.98 -0.51 -22.64
C TYR A 317 8.82 0.83 -21.94
N ASN A 318 8.69 1.88 -22.76
CA ASN A 318 8.49 3.23 -22.26
C ASN A 318 7.08 3.61 -22.73
N SER A 319 6.14 3.71 -21.78
CA SER A 319 4.78 4.04 -22.12
C SER A 319 4.63 5.52 -22.47
N HIS A 320 3.66 5.82 -23.33
CA HIS A 320 3.39 7.18 -23.77
C HIS A 320 1.89 7.42 -23.72
N SER A 321 1.53 8.70 -23.57
CA SER A 321 0.11 9.05 -23.48
C SER A 321 -0.58 8.96 -24.84
N LEU A 322 0.08 9.40 -25.91
CA LEU A 322 -0.52 9.46 -27.24
C LEU A 322 0.12 8.49 -28.22
N ARG A 323 1.14 7.75 -27.81
CA ARG A 323 1.85 6.85 -28.70
C ARG A 323 1.94 5.47 -28.08
N ALA A 324 2.31 4.49 -28.91
CA ALA A 324 2.53 3.13 -28.43
C ALA A 324 3.83 3.05 -27.64
N ASP A 325 3.99 1.92 -26.95
CA ASP A 325 5.16 1.74 -26.10
C ASP A 325 6.41 1.46 -26.93
N CYS A 326 7.49 2.16 -26.60
CA CYS A 326 8.75 2.06 -27.34
C CYS A 326 9.69 1.09 -26.63
N LEU A 327 10.33 0.23 -27.41
CA LEU A 327 11.14 -0.84 -26.85
C LEU A 327 12.45 -0.31 -26.26
N MET A 328 12.75 -0.73 -25.05
CA MET A 328 14.03 -0.41 -24.40
C MET A 328 15.02 -1.56 -24.45
N GLY A 329 14.53 -2.80 -24.47
CA GLY A 329 15.40 -3.95 -24.52
C GLY A 329 15.71 -4.56 -23.17
N GLU A 330 16.16 -5.81 -23.15
CA GLU A 330 16.47 -6.52 -21.92
C GLU A 330 17.42 -7.66 -22.24
N PHE A 331 18.16 -8.10 -21.22
CA PHE A 331 19.05 -9.24 -21.35
C PHE A 331 18.24 -10.50 -21.00
N LYS A 332 17.71 -11.14 -22.05
CA LYS A 332 17.00 -12.39 -21.86
C LYS A 332 17.97 -13.52 -21.57
N ILE A 333 17.58 -14.43 -20.68
CA ILE A 333 18.42 -15.53 -20.26
C ILE A 333 17.62 -16.82 -20.40
N ASP A 334 18.31 -17.90 -20.77
CA ASP A 334 17.66 -19.18 -20.97
C ASP A 334 17.36 -19.87 -19.65
N VAL A 335 16.52 -20.91 -19.72
CA VAL A 335 16.10 -21.64 -18.52
C VAL A 335 17.23 -22.56 -18.05
N GLY A 336 18.20 -22.86 -18.93
CA GLY A 336 19.32 -23.69 -18.52
C GLY A 336 20.24 -23.00 -17.53
N PHE A 337 20.30 -21.67 -17.57
CA PHE A 337 21.14 -20.94 -16.63
C PHE A 337 20.54 -20.98 -15.21
N VAL A 338 19.23 -20.74 -15.10
CA VAL A 338 18.61 -20.76 -13.78
C VAL A 338 18.51 -22.20 -13.27
N TYR A 339 18.29 -23.18 -14.15
CA TYR A 339 18.32 -24.58 -13.74
C TYR A 339 19.74 -25.03 -13.36
N ASP A 340 20.76 -24.42 -13.95
CA ASP A 340 22.14 -24.73 -13.60
C ASP A 340 22.58 -24.09 -12.28
N GLU A 341 21.84 -23.09 -11.81
CA GLU A 341 22.16 -22.48 -10.53
C GLU A 341 21.87 -23.45 -9.39
N PRO A 342 22.66 -23.42 -8.31
CA PRO A 342 22.31 -24.21 -7.12
C PRO A 342 20.98 -23.76 -6.53
N GLY A 343 20.14 -24.74 -6.21
CA GLY A 343 18.77 -24.46 -5.79
C GLY A 343 17.82 -24.19 -6.93
N HIS A 344 18.29 -24.27 -8.17
CA HIS A 344 17.52 -24.00 -9.40
C HIS A 344 16.89 -22.61 -9.40
N ALA A 345 17.61 -21.62 -8.87
CA ALA A 345 17.04 -20.28 -8.71
C ALA A 345 18.15 -19.25 -8.69
N VAL A 346 18.15 -18.35 -9.68
CA VAL A 346 18.85 -17.08 -9.53
C VAL A 346 17.88 -16.13 -8.81
N MET A 347 18.18 -15.88 -7.54
CA MET A 347 17.18 -15.35 -6.62
C MET A 347 17.59 -13.95 -6.18
N ARG A 348 16.71 -12.98 -6.45
CA ARG A 348 16.94 -11.54 -6.36
C ARG A 348 18.16 -11.08 -7.14
N LYS A 349 18.41 -11.65 -8.33
CA LYS A 349 19.50 -11.21 -9.16
C LYS A 349 19.08 -10.02 -10.02
N TRP A 350 20.00 -9.08 -10.20
CA TRP A 350 19.74 -7.92 -11.03
C TRP A 350 19.96 -8.25 -12.50
N LEU A 351 19.41 -7.42 -13.37
CA LEU A 351 19.42 -7.67 -14.80
C LEU A 351 19.64 -6.36 -15.53
N LEU A 352 20.31 -6.45 -16.69
CA LEU A 352 20.64 -5.27 -17.47
C LEU A 352 19.60 -5.03 -18.56
N LEU A 353 19.40 -3.76 -18.89
CA LEU A 353 18.66 -3.38 -20.08
C LEU A 353 19.64 -2.94 -21.14
N ASN A 354 19.34 -3.26 -22.40
CA ASN A 354 20.34 -3.05 -23.44
C ASN A 354 19.70 -2.76 -24.79
N ASP A 355 20.22 -1.73 -25.46
CA ASP A 355 20.14 -1.65 -26.91
C ASP A 355 20.97 -2.80 -27.47
N PRO A 356 20.47 -3.54 -28.47
CA PRO A 356 21.25 -4.66 -29.01
C PRO A 356 22.57 -4.28 -29.69
N GLU A 357 22.79 -3.00 -30.02
CA GLU A 357 24.07 -2.57 -30.56
C GLU A 357 24.76 -1.51 -29.70
N ASP A 358 23.98 -0.64 -29.05
CA ASP A 358 24.54 0.47 -28.28
C ASP A 358 24.73 0.14 -26.80
N THR A 359 24.84 -1.14 -26.44
CA THR A 359 25.04 -1.51 -25.05
C THR A 359 26.50 -1.35 -24.62
N SER A 360 27.42 -1.19 -25.57
CA SER A 360 28.83 -1.01 -25.23
C SER A 360 29.08 0.35 -24.61
N SER A 361 28.25 1.35 -24.92
CA SER A 361 28.40 2.68 -24.34
C SER A 361 27.77 2.79 -22.95
N GLY A 362 27.05 1.77 -22.51
CA GLY A 362 26.40 1.80 -21.21
C GLY A 362 25.04 1.14 -21.21
N SER A 363 24.61 0.67 -20.04
CA SER A 363 23.32 0.01 -19.92
C SER A 363 22.20 1.04 -19.98
N LYS A 364 21.01 0.56 -20.35
CA LYS A 364 19.82 1.39 -20.45
C LYS A 364 18.92 1.28 -19.22
N GLY A 365 19.42 0.66 -18.14
CA GLY A 365 18.65 0.53 -16.93
C GLY A 365 18.93 -0.79 -16.21
N TYR A 366 18.38 -0.93 -15.01
CA TYR A 366 18.52 -2.16 -14.23
C TYR A 366 17.16 -2.56 -13.69
N MET A 367 16.91 -3.87 -13.68
CA MET A 367 15.65 -4.41 -13.20
C MET A 367 15.93 -5.59 -12.26
N LYS A 368 15.34 -5.54 -11.07
CA LYS A 368 15.52 -6.60 -10.08
C LYS A 368 14.57 -7.74 -10.39
N VAL A 369 15.12 -8.95 -10.50
CA VAL A 369 14.43 -10.09 -11.10
C VAL A 369 14.64 -11.33 -10.24
N SER A 370 13.55 -12.04 -9.96
CA SER A 370 13.59 -13.30 -9.24
C SER A 370 13.11 -14.43 -10.14
N MET A 371 13.94 -15.46 -10.28
CA MET A 371 13.66 -16.63 -11.09
C MET A 371 13.60 -17.89 -10.23
N PHE A 372 12.74 -18.82 -10.62
CA PHE A 372 12.61 -20.13 -10.01
C PHE A 372 11.91 -21.08 -10.96
N VAL A 373 12.56 -22.20 -11.26
CA VAL A 373 12.00 -23.25 -12.09
C VAL A 373 11.94 -24.52 -11.24
N LEU A 374 10.75 -25.10 -11.14
CA LEU A 374 10.52 -26.23 -10.25
C LEU A 374 9.34 -27.04 -10.78
N GLY A 375 9.24 -28.29 -10.33
CA GLY A 375 8.14 -29.13 -10.74
C GLY A 375 6.83 -28.74 -10.09
N THR A 376 5.75 -29.32 -10.60
CA THR A 376 4.43 -29.03 -10.04
C THR A 376 4.27 -29.73 -8.68
N GLY A 377 3.47 -29.13 -7.81
CA GLY A 377 3.29 -29.63 -6.48
C GLY A 377 4.40 -29.31 -5.51
N ASP A 378 5.48 -28.68 -5.97
CA ASP A 378 6.60 -28.35 -5.11
C ASP A 378 6.46 -26.94 -4.54
N GLU A 379 7.25 -26.64 -3.54
CA GLU A 379 7.18 -25.37 -2.83
C GLU A 379 8.54 -24.68 -2.87
N PRO A 380 8.56 -23.35 -2.82
CA PRO A 380 9.83 -22.63 -2.87
C PRO A 380 10.41 -22.46 -1.47
N PRO A 381 11.74 -22.38 -1.37
CA PRO A 381 12.34 -21.73 -0.19
C PRO A 381 11.87 -20.29 -0.09
N PRO A 382 11.70 -19.77 1.14
CA PRO A 382 10.91 -18.55 1.32
C PRO A 382 11.57 -17.30 0.76
N GLU A 383 10.74 -16.41 0.22
CA GLU A 383 11.18 -15.11 -0.27
C GLU A 383 10.18 -14.06 0.23
N ARG A 384 10.71 -12.90 0.61
CA ARG A 384 9.95 -11.83 1.23
C ARG A 384 10.80 -10.57 1.18
N ARG A 385 10.35 -9.53 1.91
CA ARG A 385 11.03 -8.32 2.39
C ARG A 385 11.54 -7.37 1.30
N ASP A 386 11.72 -6.11 1.69
CA ASP A 386 12.29 -5.09 0.81
C ASP A 386 13.58 -4.59 1.44
N ARG A 387 14.68 -4.66 0.68
CA ARG A 387 15.98 -4.27 1.20
C ARG A 387 16.89 -3.88 0.03
N ASP A 388 17.98 -3.22 0.37
CA ASP A 388 18.96 -2.75 -0.62
C ASP A 388 20.38 -3.16 -0.27
N ASN A 389 20.56 -4.18 0.56
CA ASN A 389 21.91 -4.56 0.99
C ASN A 389 22.67 -5.30 -0.11
N ASP A 390 21.97 -6.10 -0.91
CA ASP A 390 22.59 -6.84 -2.01
C ASP A 390 22.37 -6.07 -3.30
N SER A 391 23.45 -5.46 -3.81
CA SER A 391 23.38 -4.69 -5.05
C SER A 391 24.77 -4.58 -5.64
N ASP A 392 24.90 -4.98 -6.91
CA ASP A 392 26.10 -4.82 -7.75
C ASP A 392 27.33 -5.56 -7.25
N ASP A 393 27.17 -6.47 -6.28
CA ASP A 393 28.25 -7.39 -5.90
C ASP A 393 28.11 -8.68 -6.70
N VAL A 394 28.37 -8.55 -8.01
CA VAL A 394 28.10 -9.47 -9.12
C VAL A 394 26.75 -10.19 -9.02
N GLU A 395 25.75 -9.55 -8.41
CA GLU A 395 24.39 -10.05 -8.42
C GLU A 395 23.72 -9.77 -9.76
N SER A 396 24.13 -8.70 -10.44
CA SER A 396 23.71 -8.47 -11.81
C SER A 396 24.35 -9.49 -12.72
N ASN A 397 23.64 -9.90 -13.76
CA ASN A 397 24.12 -10.96 -14.64
C ASN A 397 25.25 -10.44 -15.52
N LEU A 398 26.48 -10.83 -15.17
CA LEU A 398 27.66 -10.36 -15.88
C LEU A 398 27.88 -11.16 -17.16
N LEU A 399 28.75 -10.61 -18.02
CA LEU A 399 29.16 -11.18 -19.31
C LEU A 399 27.96 -11.41 -20.23
N LEU A 400 27.06 -10.44 -20.27
CA LEU A 400 26.08 -10.39 -21.35
C LEU A 400 26.80 -10.07 -22.66
N PRO A 401 26.30 -10.59 -23.81
CA PRO A 401 27.08 -10.50 -25.07
C PRO A 401 27.32 -9.09 -25.58
N ALA A 402 28.60 -8.71 -25.61
CA ALA A 402 29.11 -7.40 -26.07
C ALA A 402 28.48 -6.23 -25.33
N GLY A 403 28.19 -6.41 -24.05
CA GLY A 403 27.49 -5.37 -23.30
C GLY A 403 28.06 -5.08 -21.94
N ILE A 404 29.35 -5.38 -21.72
CA ILE A 404 29.99 -5.08 -20.45
C ILE A 404 30.17 -3.57 -20.32
N ALA A 405 29.96 -3.07 -19.11
CA ALA A 405 29.92 -1.62 -18.89
C ALA A 405 31.33 -1.04 -18.84
N LEU A 406 31.39 0.27 -18.61
CA LEU A 406 32.65 1.01 -18.57
C LEU A 406 33.23 0.88 -17.16
N ARG A 407 33.98 -0.20 -16.95
CA ARG A 407 34.64 -0.44 -15.66
C ARG A 407 36.04 0.14 -15.66
N TRP A 408 36.11 1.43 -16.02
CA TRP A 408 37.38 2.14 -16.11
C TRP A 408 37.34 3.39 -15.24
N VAL A 409 36.17 3.72 -14.69
CA VAL A 409 36.03 4.90 -13.88
C VAL A 409 36.57 4.65 -12.48
N THR A 410 37.17 5.67 -11.89
CA THR A 410 37.76 5.60 -10.55
C THR A 410 37.11 6.67 -9.68
N PHE A 411 36.56 6.25 -8.55
CA PHE A 411 35.97 7.19 -7.60
C PHE A 411 37.05 7.79 -6.72
N LEU A 412 37.38 9.05 -6.98
CA LEU A 412 38.32 9.82 -6.17
C LEU A 412 37.58 10.35 -4.95
N LEU A 413 37.34 9.49 -3.96
CA LEU A 413 36.65 9.91 -2.75
C LEU A 413 37.67 10.47 -1.77
N LYS A 414 37.74 11.78 -1.69
CA LYS A 414 38.49 12.46 -0.65
C LYS A 414 37.69 12.40 0.65
N ILE A 415 38.34 12.03 1.75
CA ILE A 415 37.78 12.20 3.08
C ILE A 415 38.67 13.20 3.81
N TYR A 416 38.05 14.20 4.44
CA TYR A 416 38.79 15.28 5.06
C TYR A 416 38.95 15.07 6.56
N ARG A 417 37.84 15.04 7.29
CA ARG A 417 37.88 15.01 8.74
C ARG A 417 36.53 14.55 9.28
N ALA A 418 36.39 14.58 10.59
CA ALA A 418 35.14 14.28 11.27
C ALA A 418 35.08 15.03 12.59
N GLU A 419 33.88 15.13 13.16
CA GLU A 419 33.66 15.82 14.41
C GLU A 419 32.60 15.10 15.23
N ASP A 420 32.62 15.36 16.55
CA ASP A 420 31.59 14.97 17.51
C ASP A 420 31.37 13.46 17.58
N ILE A 421 32.44 12.67 17.42
CA ILE A 421 32.28 11.22 17.48
C ILE A 421 32.08 10.78 18.92
N PRO A 422 31.03 10.02 19.23
CA PRO A 422 30.77 9.64 20.63
C PRO A 422 31.77 8.61 21.13
N GLN A 423 31.83 8.52 22.46
CA GLN A 423 32.75 7.59 23.11
C GLN A 423 32.31 6.15 22.90
N MET A 424 33.23 5.32 22.39
CA MET A 424 32.97 3.91 22.18
C MET A 424 33.92 3.02 22.97
N ASP A 425 34.59 3.57 23.97
CA ASP A 425 35.52 2.81 24.81
C ASP A 425 35.13 2.96 26.27
N ASP A 426 35.56 2.00 27.09
CA ASP A 426 35.22 1.97 28.50
C ASP A 426 35.99 2.99 29.33
N ALA A 427 36.96 3.68 28.72
CA ALA A 427 37.76 4.76 29.33
C ALA A 427 38.57 4.29 30.52
N PHE A 428 38.91 3.00 30.58
CA PHE A 428 39.69 2.48 31.71
C PHE A 428 41.14 2.89 31.60
N SER A 429 41.64 3.08 30.37
CA SER A 429 43.05 3.42 30.19
C SER A 429 43.33 4.86 30.57
N GLN A 430 42.29 5.70 30.61
CA GLN A 430 42.49 7.13 30.89
C GLN A 430 42.13 7.50 32.33
N THR A 431 41.12 6.84 32.91
CA THR A 431 40.66 7.23 34.24
C THR A 431 41.50 6.63 35.36
N VAL A 432 42.45 5.74 35.04
CA VAL A 432 43.41 5.31 36.06
C VAL A 432 44.39 6.43 36.42
N LYS A 433 44.61 7.37 35.50
CA LYS A 433 45.39 8.57 35.79
C LYS A 433 44.57 9.64 36.49
N GLU A 434 43.26 9.42 36.66
CA GLU A 434 42.33 10.31 37.36
C GLU A 434 42.28 11.71 36.72
N ILE A 435 41.91 11.73 35.45
CA ILE A 435 41.75 12.98 34.71
C ILE A 435 40.30 13.13 34.25
N ASP A 441 38.90 14.63 29.83
CA ASP A 441 39.44 14.04 28.62
C ASP A 441 38.51 12.96 28.06
N LYS A 442 37.32 12.83 28.67
CA LYS A 442 36.44 11.70 28.35
C LYS A 442 35.79 11.85 26.99
N LYS A 443 35.75 13.07 26.45
CA LYS A 443 35.00 13.32 25.23
C LYS A 443 35.78 13.00 23.96
N ASN A 444 37.03 12.57 24.07
CA ASN A 444 37.87 12.34 22.89
C ASN A 444 38.44 10.92 22.82
N LEU A 445 37.75 9.92 23.37
CA LEU A 445 38.26 8.55 23.35
C LEU A 445 37.43 7.70 22.39
N VAL A 446 37.89 7.69 21.13
CA VAL A 446 37.35 6.85 20.07
C VAL A 446 38.46 6.77 19.01
N ASP A 447 38.51 5.66 18.28
CA ASP A 447 39.52 5.43 17.25
C ASP A 447 38.83 5.28 15.90
N PRO A 448 38.42 6.39 15.28
CA PRO A 448 37.57 6.28 14.09
C PRO A 448 38.36 5.95 12.82
N PHE A 449 37.78 5.05 12.02
CA PHE A 449 38.22 4.80 10.66
C PHE A 449 36.97 4.56 9.83
N VAL A 450 37.03 4.90 8.56
CA VAL A 450 35.87 4.78 7.68
C VAL A 450 36.05 3.57 6.80
N GLU A 451 35.16 2.58 6.95
CA GLU A 451 35.10 1.49 5.99
C GLU A 451 34.23 1.96 4.85
N VAL A 452 34.87 2.35 3.74
CA VAL A 452 34.14 2.69 2.53
C VAL A 452 33.69 1.37 1.91
N SER A 453 32.47 1.37 1.36
CA SER A 453 31.90 0.15 0.79
C SER A 453 30.95 0.53 -0.34
N PHE A 454 31.20 -0.03 -1.52
CA PHE A 454 30.32 0.20 -2.65
C PHE A 454 30.48 -0.95 -3.63
N ALA A 455 29.34 -1.55 -4.00
CA ALA A 455 29.26 -2.69 -4.92
C ALA A 455 30.09 -3.87 -4.46
N GLY A 456 30.12 -4.12 -3.16
CA GLY A 456 30.86 -5.23 -2.61
C GLY A 456 32.36 -5.02 -2.51
N LYS A 457 32.86 -3.82 -2.75
CA LYS A 457 34.28 -3.52 -2.67
C LYS A 457 34.55 -2.67 -1.44
N LYS A 458 35.45 -3.13 -0.58
CA LYS A 458 35.68 -2.51 0.72
C LYS A 458 37.14 -2.12 0.87
N VAL A 459 37.38 -0.82 1.08
CA VAL A 459 38.70 -0.29 1.41
C VAL A 459 38.60 0.41 2.76
N CYS A 460 39.55 0.14 3.64
CA CYS A 460 39.58 0.72 4.98
C CYS A 460 40.66 1.79 5.05
N THR A 461 40.31 2.96 5.57
CA THR A 461 41.24 4.07 5.64
C THR A 461 42.14 3.93 6.86
N ASN A 462 42.95 4.97 7.10
CA ASN A 462 43.91 4.97 8.19
C ASN A 462 43.22 5.12 9.53
N ILE A 463 43.87 4.58 10.56
CA ILE A 463 43.36 4.67 11.93
C ILE A 463 43.95 5.89 12.61
N ILE A 464 43.11 6.63 13.32
CA ILE A 464 43.54 7.76 14.15
C ILE A 464 43.12 7.43 15.58
N GLU A 465 44.11 7.28 16.45
CA GLU A 465 43.87 6.79 17.81
C GLU A 465 43.54 7.94 18.75
N LYS A 466 42.44 7.80 19.50
CA LYS A 466 42.01 8.69 20.58
C LYS A 466 41.80 10.12 20.07
N ASN A 467 40.83 10.26 19.16
CA ASN A 467 40.49 11.58 18.62
C ASN A 467 39.04 11.55 18.17
N ALA A 468 38.18 12.28 18.89
CA ALA A 468 36.79 12.43 18.48
C ALA A 468 36.62 13.53 17.43
N ASN A 469 37.67 14.26 17.13
CA ASN A 469 37.70 15.17 15.98
C ASN A 469 38.89 14.83 15.11
N PRO A 470 38.85 13.72 14.38
CA PRO A 470 40.02 13.27 13.63
C PRO A 470 40.20 14.09 12.36
N GLU A 471 41.41 14.01 11.80
CA GLU A 471 41.74 14.65 10.53
C GLU A 471 42.46 13.62 9.68
N TRP A 472 41.71 12.96 8.79
CA TRP A 472 42.31 11.95 7.92
C TRP A 472 43.10 12.59 6.79
N ASN A 473 42.43 13.38 5.96
CA ASN A 473 42.95 13.98 4.73
C ASN A 473 43.56 12.92 3.81
N GLN A 474 42.72 11.94 3.45
CA GLN A 474 43.14 10.81 2.63
C GLN A 474 42.25 10.68 1.41
N VAL A 475 42.75 9.96 0.40
CA VAL A 475 42.04 9.68 -0.83
C VAL A 475 41.89 8.17 -0.95
N VAL A 476 40.65 7.71 -1.14
CA VAL A 476 40.37 6.29 -1.29
C VAL A 476 39.82 6.06 -2.70
N ASN A 477 40.29 4.99 -3.34
CA ASN A 477 40.01 4.73 -4.76
C ASN A 477 39.15 3.48 -4.90
N LEU A 478 38.06 3.60 -5.65
CA LEU A 478 37.22 2.48 -6.02
C LEU A 478 37.21 2.33 -7.54
N GLN A 479 37.10 1.10 -8.01
CA GLN A 479 36.98 0.82 -9.44
C GLN A 479 35.69 0.07 -9.69
N ILE A 480 34.72 0.76 -10.31
CA ILE A 480 33.38 0.23 -10.52
C ILE A 480 32.99 0.42 -11.97
N LYS A 481 31.78 -0.04 -12.30
CA LYS A 481 31.18 0.27 -13.59
C LYS A 481 30.52 1.64 -13.54
N PHE A 482 30.67 2.41 -14.63
CA PHE A 482 30.07 3.74 -14.68
C PHE A 482 28.55 3.71 -14.63
N PRO A 483 27.83 2.81 -15.33
CA PRO A 483 26.47 2.52 -14.85
C PRO A 483 26.51 1.43 -13.79
N SER A 484 26.10 1.77 -12.58
CA SER A 484 26.06 0.81 -11.48
C SER A 484 24.73 0.92 -10.76
N VAL A 485 24.09 -0.22 -10.53
CA VAL A 485 22.76 -0.25 -9.91
C VAL A 485 22.82 0.22 -8.47
N CYS A 486 23.95 -0.02 -7.79
CA CYS A 486 24.12 0.36 -6.39
C CYS A 486 24.05 1.87 -6.22
N GLU A 487 23.13 2.32 -5.38
CA GLU A 487 22.75 3.71 -5.31
C GLU A 487 23.65 4.54 -4.40
N LYS A 488 24.11 3.97 -3.29
CA LYS A 488 24.76 4.73 -2.24
C LYS A 488 26.03 4.04 -1.78
N ILE A 489 27.01 4.83 -1.35
CA ILE A 489 28.20 4.29 -0.69
C ILE A 489 27.93 4.22 0.81
N LYS A 490 28.14 3.03 1.37
CA LYS A 490 27.96 2.81 2.81
C LYS A 490 29.19 3.35 3.55
N LEU A 491 29.12 4.61 3.97
CA LEU A 491 30.15 5.21 4.81
C LEU A 491 29.82 4.85 6.26
N THR A 492 30.62 3.95 6.83
CA THR A 492 30.35 3.46 8.19
C THR A 492 31.62 3.60 9.02
N ILE A 493 31.60 4.55 9.97
CA ILE A 493 32.74 4.76 10.85
C ILE A 493 32.75 3.66 11.91
N TYR A 494 33.89 3.00 12.06
CA TYR A 494 34.11 2.00 13.09
C TYR A 494 34.96 2.59 14.22
N ASP A 495 34.87 1.97 15.39
CA ASP A 495 35.81 2.22 16.47
C ASP A 495 36.83 1.09 16.49
N TRP A 496 38.08 1.40 16.17
CA TRP A 496 39.12 0.39 16.12
C TRP A 496 39.49 -0.08 17.53
N ASP A 497 39.64 -1.38 17.68
CA ASP A 497 40.01 -1.96 18.97
C ASP A 497 40.84 -3.22 18.73
N ARG A 498 41.87 -3.39 19.56
CA ARG A 498 42.78 -4.52 19.40
C ARG A 498 42.22 -5.80 20.02
N LEU A 499 41.59 -5.69 21.18
CA LEU A 499 41.16 -6.85 21.94
C LEU A 499 39.76 -7.33 21.58
N THR A 500 39.02 -6.58 20.77
CA THR A 500 37.64 -6.92 20.48
C THR A 500 37.30 -6.51 19.05
N LYS A 501 36.15 -7.00 18.58
CA LYS A 501 35.65 -6.65 17.26
C LYS A 501 35.33 -5.16 17.20
N ASN A 502 35.60 -4.55 16.04
CA ASN A 502 35.43 -3.11 15.86
C ASN A 502 33.95 -2.75 15.91
N ASP A 503 33.57 -1.97 16.91
CA ASP A 503 32.19 -1.54 17.09
C ASP A 503 31.82 -0.52 16.02
N VAL A 504 30.53 -0.25 15.91
CA VAL A 504 30.02 0.63 14.86
C VAL A 504 29.59 1.94 15.47
N VAL A 505 30.22 3.03 15.03
CA VAL A 505 29.81 4.37 15.45
C VAL A 505 28.51 4.77 14.75
N GLY A 506 28.47 4.67 13.43
CA GLY A 506 27.28 5.05 12.71
C GLY A 506 27.45 4.84 11.23
N THR A 507 26.36 5.05 10.51
CA THR A 507 26.31 4.81 9.08
C THR A 507 25.56 5.94 8.39
N THR A 508 26.21 6.54 7.38
CA THR A 508 25.56 7.48 6.47
C THR A 508 25.78 6.94 5.06
N TYR A 509 25.03 7.48 4.10
CA TYR A 509 25.05 6.97 2.74
C TYR A 509 25.33 8.10 1.76
N LEU A 510 26.15 7.79 0.76
CA LEU A 510 26.56 8.73 -0.29
C LEU A 510 25.79 8.43 -1.56
N HIS A 511 24.64 9.07 -1.71
CA HIS A 511 23.73 8.77 -2.82
C HIS A 511 24.22 9.47 -4.08
N LEU A 512 24.12 8.80 -5.23
CA LEU A 512 24.60 9.40 -6.48
C LEU A 512 23.46 9.87 -7.37
N SER A 513 22.37 9.11 -7.48
CA SER A 513 21.36 9.36 -8.52
C SER A 513 20.48 10.58 -8.22
N LYS A 514 20.70 11.27 -7.11
CA LYS A 514 20.07 12.56 -6.88
C LYS A 514 20.64 13.64 -7.78
N ILE A 515 21.80 13.40 -8.38
CA ILE A 515 22.44 14.38 -9.25
C ILE A 515 22.33 14.02 -10.72
N ALA A 516 21.94 12.78 -11.05
CA ALA A 516 22.14 12.25 -12.38
C ALA A 516 20.99 12.57 -13.31
N ALA A 517 21.32 12.82 -14.58
CA ALA A 517 20.35 13.03 -15.64
C ALA A 517 20.80 12.26 -16.87
N SER A 518 19.83 11.70 -17.59
CA SER A 518 20.14 10.89 -18.77
C SER A 518 20.55 11.76 -19.96
N VAL A 544 24.06 16.45 -20.63
CA VAL A 544 22.89 16.54 -19.76
C VAL A 544 23.27 16.07 -18.35
N GLY A 545 23.98 14.94 -18.27
CA GLY A 545 24.45 14.43 -17.02
C GLY A 545 25.98 14.33 -17.03
N PHE A 546 26.53 14.01 -15.85
CA PHE A 546 27.97 13.93 -15.69
C PHE A 546 28.30 12.76 -14.77
N VAL A 547 29.59 12.64 -14.46
CA VAL A 547 30.13 11.62 -13.56
C VAL A 547 29.66 11.94 -12.14
N PRO A 548 29.58 10.95 -11.23
CA PRO A 548 29.15 11.24 -9.85
C PRO A 548 30.10 12.16 -9.10
N THR A 549 29.54 13.22 -8.51
CA THR A 549 30.33 14.17 -7.74
C THR A 549 29.58 14.48 -6.45
N PHE A 550 30.32 15.00 -5.47
CA PHE A 550 29.80 15.30 -4.14
C PHE A 550 30.79 16.23 -3.46
N GLY A 551 30.27 17.06 -2.56
CA GLY A 551 31.07 17.66 -1.52
C GLY A 551 32.01 18.76 -1.96
N PRO A 552 32.82 19.30 -1.02
CA PRO A 552 32.97 18.91 0.40
C PRO A 552 31.82 19.33 1.32
N CYS A 553 31.11 18.35 1.86
CA CYS A 553 29.95 18.60 2.71
C CYS A 553 29.91 17.53 3.80
N TYR A 554 29.49 17.94 4.99
CA TYR A 554 29.38 17.02 6.11
C TYR A 554 28.18 16.09 5.93
N LEU A 555 28.35 14.84 6.35
CA LEU A 555 27.30 13.83 6.36
C LEU A 555 27.12 13.31 7.78
N ASN A 556 25.88 13.36 8.27
CA ASN A 556 25.61 13.03 9.66
C ASN A 556 25.38 11.54 9.84
N LEU A 557 25.92 11.00 10.92
CA LEU A 557 25.77 9.61 11.30
C LEU A 557 24.70 9.47 12.37
N TYR A 558 24.03 8.32 12.39
CA TYR A 558 23.01 8.04 13.39
C TYR A 558 23.11 6.59 13.83
N GLY A 559 22.71 6.34 15.07
CA GLY A 559 22.78 5.01 15.63
C GLY A 559 22.29 4.97 17.06
N SER A 560 22.96 4.20 17.92
CA SER A 560 22.55 3.98 19.29
C SER A 560 22.71 5.25 20.12
N PRO A 561 22.08 5.33 21.31
CA PRO A 561 22.36 6.46 22.21
C PRO A 561 23.83 6.56 22.59
N ARG A 562 24.29 7.80 22.76
CA ARG A 562 25.72 8.09 22.84
C ARG A 562 26.34 7.62 24.14
N GLU A 563 25.52 7.36 25.17
CA GLU A 563 26.04 6.96 26.47
C GLU A 563 26.53 5.53 26.42
N TYR A 564 27.83 5.34 26.66
CA TYR A 564 28.39 4.00 26.63
C TYR A 564 27.97 3.21 27.86
N THR A 565 27.79 1.91 27.66
CA THR A 565 27.46 0.98 28.73
C THR A 565 28.53 -0.12 28.76
N GLY A 566 28.87 -0.55 29.97
CA GLY A 566 29.82 -1.65 30.12
C GLY A 566 29.28 -2.96 29.58
N PHE A 567 28.00 -3.23 29.83
CA PHE A 567 27.31 -4.30 29.15
C PHE A 567 27.16 -3.96 27.66
N PRO A 568 27.11 -4.96 26.78
CA PRO A 568 27.01 -4.66 25.35
C PRO A 568 25.68 -4.01 24.97
N ASP A 569 25.74 -3.18 23.93
CA ASP A 569 24.67 -2.25 23.61
C ASP A 569 23.48 -2.97 22.98
N PRO A 570 22.28 -2.88 23.57
CA PRO A 570 21.11 -3.54 22.95
C PRO A 570 20.67 -2.90 21.65
N TYR A 571 20.96 -1.62 21.44
CA TYR A 571 20.58 -0.93 20.22
C TYR A 571 21.72 -0.85 19.21
N ASP A 572 22.57 -1.88 19.16
CA ASP A 572 23.69 -1.88 18.22
C ASP A 572 23.25 -2.14 16.79
N GLU A 573 22.03 -2.62 16.59
CA GLU A 573 21.51 -2.86 15.25
C GLU A 573 21.29 -1.55 14.49
N LEU A 574 20.94 -0.49 15.22
CA LEU A 574 20.71 0.81 14.59
C LEU A 574 22.01 1.46 14.14
N ASN A 575 23.14 1.04 14.71
CA ASN A 575 24.44 1.57 14.31
C ASN A 575 24.80 1.18 12.88
N THR A 576 24.48 -0.05 12.47
CA THR A 576 24.88 -0.55 11.15
C THR A 576 23.92 -0.17 10.04
N GLY A 577 23.04 0.80 10.25
CA GLY A 577 22.12 1.23 9.21
C GLY A 577 20.79 0.52 9.19
N LYS A 578 20.64 -0.57 9.95
CA LYS A 578 19.36 -1.26 10.06
C LYS A 578 18.48 -0.47 11.03
N GLY A 579 17.46 0.20 10.49
CA GLY A 579 16.73 1.19 11.25
C GLY A 579 17.24 2.59 10.98
N GLU A 580 16.45 3.58 11.39
CA GLU A 580 16.76 4.95 11.03
C GLU A 580 17.69 5.64 12.03
N GLY A 581 18.08 4.96 13.11
CA GLY A 581 18.99 5.55 14.07
C GLY A 581 18.27 6.46 15.06
N VAL A 582 18.66 6.40 16.32
CA VAL A 582 17.92 7.12 17.36
C VAL A 582 18.72 8.28 17.95
N ALA A 583 20.03 8.35 17.78
CA ALA A 583 20.85 9.42 18.31
C ALA A 583 21.94 9.79 17.32
N TYR A 584 22.38 11.04 17.38
CA TYR A 584 23.43 11.54 16.50
C TYR A 584 24.77 10.96 16.95
N ARG A 585 25.54 10.46 15.99
CA ARG A 585 26.82 9.80 16.25
C ARG A 585 27.98 10.46 15.51
N GLY A 586 28.01 11.78 15.49
CA GLY A 586 29.07 12.48 14.79
C GLY A 586 28.71 12.75 13.34
N ARG A 587 29.64 13.41 12.65
CA ARG A 587 29.48 13.67 11.23
C ARG A 587 30.85 13.79 10.60
N ILE A 588 30.91 13.59 9.28
CA ILE A 588 32.18 13.42 8.57
C ILE A 588 32.15 14.25 7.30
N LEU A 589 33.19 15.06 7.09
CA LEU A 589 33.35 15.86 5.89
C LEU A 589 34.01 15.04 4.80
N VAL A 590 33.28 14.79 3.70
CA VAL A 590 33.82 14.09 2.54
C VAL A 590 33.46 14.84 1.26
N GLU A 591 34.22 14.54 0.21
CA GLU A 591 34.02 15.09 -1.12
C GLU A 591 34.30 13.98 -2.13
N LEU A 592 33.39 13.77 -3.07
CA LEU A 592 33.59 12.78 -4.12
C LEU A 592 33.89 13.47 -5.44
N ALA A 593 34.98 13.05 -6.08
CA ALA A 593 35.29 13.40 -7.45
C ALA A 593 35.36 12.11 -8.24
N THR A 594 35.46 12.22 -9.58
CA THR A 594 35.57 11.05 -10.42
C THR A 594 36.52 11.32 -11.57
N PHE A 595 37.62 10.57 -11.59
CA PHE A 595 38.48 10.44 -12.75
C PHE A 595 37.94 9.33 -13.63
N LEU A 596 37.91 9.56 -14.94
CA LEU A 596 37.67 8.46 -15.87
C LEU A 596 38.98 7.87 -16.37
N GLU A 597 39.90 7.59 -15.45
CA GLU A 597 41.29 7.24 -15.75
C GLU A 597 41.87 6.56 -14.51
N LYS A 598 43.20 6.40 -14.54
CA LYS A 598 44.12 6.16 -13.41
C LYS A 598 44.09 4.74 -12.84
N THR A 599 43.00 3.97 -13.10
CA THR A 599 42.73 2.54 -12.97
C THR A 599 43.55 1.82 -11.88
N PRO A 600 43.54 2.31 -10.64
CA PRO A 600 44.66 2.04 -9.70
C PRO A 600 44.61 0.65 -9.10
N PRO A 601 45.63 -0.18 -9.35
CA PRO A 601 45.67 -1.51 -8.72
C PRO A 601 46.22 -1.50 -7.31
N ASP A 602 47.22 -0.63 -7.06
CA ASP A 602 47.98 -0.67 -5.81
C ASP A 602 48.09 0.68 -5.12
N LYS A 603 47.88 1.78 -5.83
CA LYS A 603 47.93 3.10 -5.21
C LYS A 603 46.55 3.49 -4.70
N LYS A 604 46.02 2.71 -3.76
CA LYS A 604 44.67 2.87 -3.26
C LYS A 604 44.54 3.94 -2.18
N LEU A 605 45.65 4.39 -1.61
CA LEU A 605 45.59 5.33 -0.49
C LEU A 605 46.71 6.35 -0.63
N GLU A 606 46.35 7.59 -0.92
CA GLU A 606 47.30 8.69 -1.09
C GLU A 606 46.81 9.90 -0.31
N PRO A 607 47.72 10.70 0.24
CA PRO A 607 47.30 11.89 0.99
C PRO A 607 46.75 12.99 0.07
N ILE A 608 45.93 13.85 0.66
CA ILE A 608 45.35 14.98 -0.07
C ILE A 608 46.39 16.08 -0.20
N SER A 609 46.53 16.63 -1.41
CA SER A 609 47.43 17.75 -1.64
C SER A 609 46.93 19.00 -0.92
N ASN A 610 47.87 19.89 -0.60
CA ASN A 610 47.62 21.01 0.31
C ASN A 610 46.67 22.07 -0.25
N ASP A 611 46.58 22.22 -1.58
CA ASP A 611 45.68 23.22 -2.15
C ASP A 611 44.22 22.85 -1.92
N ASP A 612 43.92 21.55 -1.91
CA ASP A 612 42.58 21.11 -1.53
C ASP A 612 42.34 21.31 -0.04
N LEU A 613 43.41 21.34 0.76
CA LEU A 613 43.26 21.57 2.18
C LEU A 613 43.00 23.03 2.52
N LEU A 614 43.59 24.00 1.81
CA LEU A 614 43.16 25.36 2.13
C LEU A 614 41.89 25.75 1.39
N VAL A 615 41.50 25.00 0.34
CA VAL A 615 40.22 25.35 -0.27
C VAL A 615 39.07 24.73 0.51
N VAL A 616 39.35 23.74 1.38
CA VAL A 616 38.28 23.08 2.12
C VAL A 616 37.90 23.87 3.36
N GLU A 617 38.71 24.86 3.74
CA GLU A 617 38.40 25.69 4.90
C GLU A 617 37.20 26.60 4.63
N LYS A 618 36.94 26.89 3.35
CA LYS A 618 35.77 27.67 2.99
C LYS A 618 34.47 26.90 3.19
N TYR A 619 34.52 25.57 3.27
CA TYR A 619 33.34 24.76 3.54
C TYR A 619 33.17 24.43 5.01
N GLN A 620 34.07 24.90 5.88
CA GLN A 620 33.99 24.64 7.31
C GLN A 620 33.70 25.90 8.13
N ARG A 621 33.19 26.96 7.51
CA ARG A 621 33.01 28.24 8.21
C ARG A 621 31.75 28.16 9.07
N ARG A 622 31.94 28.29 10.38
CA ARG A 622 30.84 28.14 11.31
C ARG A 622 30.06 29.44 11.48
N ARG A 623 28.77 29.29 11.78
CA ARG A 623 27.92 30.39 12.21
C ARG A 623 27.10 29.92 13.40
N LYS A 624 26.79 30.84 14.30
CA LYS A 624 26.08 30.50 15.52
C LYS A 624 24.59 30.34 15.23
N TYR A 625 23.96 29.36 15.87
CA TYR A 625 22.57 29.01 15.65
C TYR A 625 21.83 29.00 16.97
N SER A 626 20.53 29.29 16.92
CA SER A 626 19.69 29.40 18.10
C SER A 626 18.45 28.54 17.94
N LEU A 627 18.07 27.83 19.01
CA LEU A 627 16.93 26.93 18.99
C LEU A 627 16.02 27.24 20.17
N SER A 628 14.72 27.17 19.95
CA SER A 628 13.72 27.31 21.00
C SER A 628 12.57 26.36 20.73
N ALA A 629 12.20 25.56 21.73
CA ALA A 629 11.14 24.57 21.61
C ALA A 629 10.12 24.79 22.71
N VAL A 630 8.90 25.16 22.32
CA VAL A 630 7.80 25.37 23.24
C VAL A 630 6.91 24.13 23.20
N PHE A 631 6.79 23.44 24.34
CA PHE A 631 6.11 22.16 24.40
C PHE A 631 4.64 22.39 24.71
N HIS A 632 3.76 22.00 23.79
CA HIS A 632 2.34 22.30 23.93
C HIS A 632 1.57 21.19 24.63
N SER A 633 1.77 19.93 24.26
CA SER A 633 1.10 18.84 24.94
C SER A 633 1.96 17.59 24.83
N ALA A 634 1.72 16.65 25.74
CA ALA A 634 2.39 15.35 25.70
C ALA A 634 1.44 14.33 26.30
N THR A 635 0.64 13.68 25.45
CA THR A 635 -0.54 12.94 25.87
C THR A 635 -0.40 11.48 25.44
N MET A 636 -1.50 10.74 25.59
CA MET A 636 -1.60 9.30 25.33
C MET A 636 -0.59 8.49 26.13
N LEU A 637 -0.26 8.93 27.35
CA LEU A 637 0.65 8.19 28.19
C LEU A 637 -0.06 6.99 28.82
N GLN A 638 0.70 5.95 29.10
CA GLN A 638 0.20 4.79 29.84
C GLN A 638 0.87 4.65 31.19
N ASP A 639 2.17 4.94 31.26
CA ASP A 639 2.86 4.95 32.53
C ASP A 639 2.53 6.22 33.32
N VAL A 640 2.40 6.08 34.63
CA VAL A 640 2.12 7.22 35.50
C VAL A 640 3.18 7.26 36.60
N GLY A 641 3.88 6.15 36.80
CA GLY A 641 4.91 6.11 37.82
C GLY A 641 6.15 6.87 37.38
N GLU A 642 6.67 7.69 38.31
CA GLU A 642 7.86 8.54 38.27
C GLU A 642 7.84 9.61 37.18
N ALA A 643 8.60 10.69 37.41
CA ALA A 643 8.45 11.91 36.64
C ALA A 643 8.94 11.76 35.21
N ILE A 644 8.30 12.49 34.31
CA ILE A 644 8.64 12.54 32.90
C ILE A 644 9.39 13.84 32.64
N GLN A 645 10.13 13.87 31.53
CA GLN A 645 10.64 15.12 30.96
C GLN A 645 10.91 14.89 29.48
N PHE A 646 11.44 15.93 28.84
CA PHE A 646 11.83 15.86 27.44
C PHE A 646 13.13 16.62 27.25
N GLU A 647 13.80 16.35 26.13
CA GLU A 647 15.11 16.90 25.86
C GLU A 647 15.25 17.17 24.37
N VAL A 648 15.55 18.42 24.02
CA VAL A 648 15.74 18.81 22.63
C VAL A 648 17.23 19.04 22.40
N SER A 649 17.80 18.25 21.50
CA SER A 649 19.22 18.35 21.18
C SER A 649 19.40 18.29 19.68
N ILE A 650 20.29 19.12 19.14
CA ILE A 650 20.66 19.08 17.73
C ILE A 650 22.15 18.76 17.65
N GLY A 651 22.48 17.68 16.94
CA GLY A 651 23.84 17.19 16.95
C GLY A 651 24.26 16.73 18.33
N ASN A 652 25.43 17.19 18.77
CA ASN A 652 25.92 16.91 20.10
C ASN A 652 25.48 17.95 21.13
N TYR A 653 25.14 19.16 20.69
CA TYR A 653 24.68 20.19 21.59
C TYR A 653 23.28 19.85 22.11
N GLY A 654 23.09 19.96 23.43
CA GLY A 654 21.85 19.59 24.05
C GLY A 654 21.85 18.24 24.73
N ASN A 655 22.93 17.46 24.59
CA ASN A 655 23.05 16.17 25.25
C ASN A 655 23.26 16.38 26.75
N ARG A 656 22.29 15.96 27.56
CA ARG A 656 22.34 16.24 28.99
C ARG A 656 23.35 15.37 29.73
N PHE A 657 23.80 14.28 29.11
CA PHE A 657 24.78 13.43 29.76
C PHE A 657 26.22 13.81 29.42
N ASP A 658 26.42 14.60 28.36
CA ASP A 658 27.76 15.04 28.00
C ASP A 658 28.21 16.15 28.95
N THR A 659 29.48 16.10 29.36
CA THR A 659 30.03 17.08 30.28
C THR A 659 30.49 18.33 29.52
N THR A 660 30.03 19.49 29.98
CA THR A 660 30.40 20.75 29.36
C THR A 660 30.29 21.86 30.40
N CYS A 661 31.05 22.93 30.18
CA CYS A 661 30.94 24.12 31.01
C CYS A 661 29.70 24.92 30.62
N LYS A 662 29.09 25.58 31.63
CA LYS A 662 27.82 26.29 31.55
C LYS A 662 26.73 25.40 30.96
N PRO A 663 26.19 24.47 31.75
CA PRO A 663 25.22 23.49 31.22
C PRO A 663 23.94 24.15 30.70
N LEU A 664 23.48 23.65 29.56
CA LEU A 664 22.41 24.29 28.82
C LEU A 664 21.05 23.98 29.44
N ALA A 665 20.06 24.82 29.11
CA ALA A 665 18.66 24.54 29.42
C ALA A 665 18.03 23.75 28.28
N SER A 666 18.57 22.55 28.06
CA SER A 666 18.17 21.71 26.96
C SER A 666 17.01 20.78 27.32
N THR A 667 16.59 20.75 28.58
CA THR A 667 15.58 19.81 29.05
C THR A 667 14.44 20.56 29.71
N THR A 668 13.23 20.03 29.56
CA THR A 668 12.07 20.56 30.26
C THR A 668 12.10 20.13 31.72
N GLN A 669 11.25 20.78 32.53
CA GLN A 669 11.15 20.43 33.93
C GLN A 669 10.37 19.13 34.10
N TYR A 670 10.48 18.55 35.29
CA TYR A 670 9.78 17.31 35.61
C TYR A 670 8.28 17.53 35.68
N SER A 671 7.52 16.56 35.18
CA SER A 671 6.07 16.62 35.17
C SER A 671 5.51 15.26 35.53
N ARG A 672 4.45 15.25 36.34
CA ARG A 672 3.77 14.03 36.74
C ARG A 672 2.45 13.92 36.00
N ALA A 673 2.27 12.83 35.27
CA ALA A 673 1.07 12.65 34.46
C ALA A 673 -0.16 12.40 35.34
N VAL A 674 -1.29 12.93 34.90
CA VAL A 674 -2.56 12.75 35.58
C VAL A 674 -3.50 11.98 34.67
N PHE A 675 -4.50 11.34 35.27
CA PHE A 675 -5.44 10.52 34.52
C PHE A 675 -6.49 11.42 33.86
N ASP A 676 -6.76 11.18 32.58
CA ASP A 676 -7.73 12.01 31.87
C ASP A 676 -9.17 11.62 32.21
N GLY A 677 -9.36 10.54 32.94
CA GLY A 677 -10.67 10.11 33.40
C GLY A 677 -11.10 8.77 32.87
N ASN A 678 -10.69 8.42 31.65
CA ASN A 678 -11.21 7.22 30.99
C ASN A 678 -10.17 6.16 30.67
N TYR A 679 -9.15 6.46 29.86
CA TYR A 679 -8.11 5.44 29.68
C TYR A 679 -6.67 5.94 29.80
N TYR A 680 -6.37 7.11 29.26
CA TYR A 680 -4.98 7.51 29.09
C TYR A 680 -4.53 8.50 30.16
N TYR A 681 -3.32 9.01 29.96
CA TYR A 681 -2.73 10.01 30.84
C TYR A 681 -2.20 11.17 30.01
N TYR A 682 -2.18 12.35 30.60
CA TYR A 682 -1.68 13.53 29.93
C TYR A 682 -0.84 14.34 30.89
N LEU A 683 -0.20 15.39 30.36
CA LEU A 683 0.61 16.18 31.26
C LEU A 683 -0.11 17.47 31.66
N PRO A 684 0.07 17.90 32.92
CA PRO A 684 -0.72 19.03 33.44
C PRO A 684 -0.19 20.41 33.07
N TRP A 685 0.55 20.52 31.95
CA TRP A 685 1.25 21.73 31.55
C TRP A 685 0.33 22.96 31.52
N ALA A 686 -0.84 22.83 30.91
CA ALA A 686 -1.94 23.82 30.91
C ALA A 686 -1.44 25.12 30.27
N HIS A 687 -1.50 26.26 30.97
CA HIS A 687 -1.12 27.52 30.33
C HIS A 687 0.39 27.73 30.34
N THR A 688 1.10 27.11 31.27
CA THR A 688 2.55 27.30 31.38
C THR A 688 3.22 26.17 30.61
N LYS A 689 3.72 26.49 29.44
CA LYS A 689 4.40 25.51 28.60
C LYS A 689 5.89 25.50 28.92
N PRO A 690 6.54 24.34 28.95
CA PRO A 690 8.01 24.34 29.09
C PRO A 690 8.69 24.84 27.84
N VAL A 691 9.85 25.48 28.03
CA VAL A 691 10.64 26.04 26.94
C VAL A 691 12.07 25.54 27.07
N VAL A 692 12.59 25.00 25.97
CA VAL A 692 13.97 24.53 25.88
C VAL A 692 14.73 25.47 24.94
N THR A 693 15.86 26.01 25.40
CA THR A 693 16.66 26.92 24.61
C THR A 693 18.12 26.48 24.66
N LEU A 694 18.72 26.31 23.49
CA LEU A 694 20.12 25.90 23.40
C LEU A 694 20.79 26.58 22.22
N THR A 695 22.11 26.67 22.28
CA THR A 695 22.92 27.36 21.30
C THR A 695 23.90 26.38 20.66
N SER A 696 23.92 26.35 19.33
CA SER A 696 24.72 25.39 18.59
C SER A 696 25.60 26.11 17.58
N TYR A 697 26.51 25.35 16.97
CA TYR A 697 27.44 25.86 15.96
C TYR A 697 27.41 24.95 14.75
N TRP A 698 26.90 25.45 13.63
CA TRP A 698 26.81 24.67 12.41
C TRP A 698 27.22 25.52 11.21
N GLU A 699 27.46 24.85 10.08
CA GLU A 699 27.79 25.55 8.85
C GLU A 699 26.56 26.27 8.30
N ASP A 700 26.79 27.43 7.68
CA ASP A 700 25.72 28.18 7.03
C ASP A 700 25.54 27.62 5.62
N ILE A 701 24.77 26.54 5.54
CA ILE A 701 24.48 25.88 4.27
C ILE A 701 23.11 26.30 3.79
N SER A 702 22.67 27.50 4.21
CA SER A 702 21.34 27.99 3.88
C SER A 702 21.16 28.30 2.40
N HIS A 703 22.27 28.41 1.64
CA HIS A 703 22.17 28.57 0.20
C HIS A 703 21.61 27.32 -0.48
N ARG A 704 21.71 26.16 0.17
CA ARG A 704 21.21 24.89 -0.33
C ARG A 704 19.81 24.61 0.19
N LEU A 705 19.62 24.74 1.51
CA LEU A 705 18.35 24.39 2.12
C LEU A 705 17.25 25.39 1.79
N ASP A 706 17.59 26.60 1.33
CA ASP A 706 16.58 27.47 0.75
C ASP A 706 15.93 26.83 -0.46
N ALA A 707 16.77 26.26 -1.35
CA ALA A 707 16.26 25.54 -2.50
C ALA A 707 15.47 24.31 -2.08
N VAL A 708 15.98 23.58 -1.08
CA VAL A 708 15.30 22.36 -0.60
C VAL A 708 13.92 22.69 -0.06
N ASN A 709 13.83 23.74 0.77
CA ASN A 709 12.56 24.11 1.37
C ASN A 709 11.60 24.69 0.34
N THR A 710 12.12 25.43 -0.66
CA THR A 710 11.23 26.03 -1.63
C THR A 710 10.63 24.99 -2.58
N LEU A 711 11.45 24.06 -3.09
CA LEU A 711 10.83 23.00 -3.90
C LEU A 711 10.04 22.00 -3.06
N LEU A 712 10.33 21.86 -1.77
CA LEU A 712 9.46 21.04 -0.93
C LEU A 712 8.11 21.72 -0.71
N ALA A 713 8.10 23.05 -0.61
CA ALA A 713 6.84 23.79 -0.54
C ALA A 713 6.08 23.68 -1.86
N MET A 714 6.80 23.67 -2.98
CA MET A 714 6.20 23.39 -4.28
C MET A 714 5.58 22.01 -4.32
N ALA A 715 6.31 21.01 -3.81
CA ALA A 715 5.84 19.64 -3.82
C ALA A 715 4.60 19.45 -2.95
N GLU A 716 4.58 20.10 -1.78
CA GLU A 716 3.42 19.98 -0.90
C GLU A 716 2.22 20.75 -1.46
N ARG A 717 2.44 21.93 -2.06
CA ARG A 717 1.34 22.65 -2.69
C ARG A 717 0.78 21.89 -3.88
N LEU A 718 1.67 21.30 -4.69
CA LEU A 718 1.23 20.53 -5.84
C LEU A 718 0.50 19.26 -5.41
N GLN A 719 0.95 18.64 -4.32
CA GLN A 719 0.28 17.44 -3.81
C GLN A 719 -1.09 17.77 -3.25
N THR A 720 -1.22 18.91 -2.54
CA THR A 720 -2.51 19.34 -2.03
C THR A 720 -3.47 19.66 -3.18
N ASN A 721 -2.99 20.34 -4.22
CA ASN A 721 -3.84 20.65 -5.35
C ASN A 721 -4.16 19.40 -6.18
N ILE A 722 -3.25 18.42 -6.21
CA ILE A 722 -3.52 17.13 -6.85
C ILE A 722 -4.63 16.40 -6.12
N GLU A 723 -4.59 16.41 -4.78
CA GLU A 723 -5.67 15.80 -4.01
C GLU A 723 -6.98 16.57 -4.15
N ALA A 724 -6.90 17.88 -4.38
CA ALA A 724 -8.11 18.66 -4.68
C ALA A 724 -8.72 18.22 -6.01
N LEU A 725 -7.88 18.00 -7.03
CA LEU A 725 -8.37 17.46 -8.31
C LEU A 725 -8.90 16.05 -8.16
N LYS A 726 -8.27 15.23 -7.32
CA LYS A 726 -8.73 13.87 -7.10
C LYS A 726 -10.09 13.85 -6.41
N SER A 727 -10.29 14.70 -5.41
CA SER A 727 -11.60 14.81 -4.77
C SER A 727 -12.63 15.44 -5.70
N GLY A 728 -12.18 16.28 -6.63
CA GLY A 728 -13.07 16.80 -7.65
C GLY A 728 -13.56 15.76 -8.63
N ILE A 729 -12.67 14.88 -9.09
CA ILE A 729 -13.05 13.90 -10.11
C ILE A 729 -13.76 12.71 -9.46
N GLN A 730 -13.43 12.40 -8.20
CA GLN A 730 -14.11 11.30 -7.52
C GLN A 730 -15.51 11.71 -7.07
N GLY A 731 -15.64 12.95 -6.59
CA GLY A 731 -16.93 13.45 -6.13
C GLY A 731 -17.85 13.94 -7.22
N LYS A 732 -17.36 14.01 -8.46
CA LYS A 732 -18.09 14.49 -9.64
C LYS A 732 -18.63 15.91 -9.42
N ILE A 733 -17.71 16.84 -9.22
CA ILE A 733 -18.03 18.25 -9.06
C ILE A 733 -18.39 18.82 -10.44
N PRO A 734 -19.07 19.97 -10.52
CA PRO A 734 -19.33 20.59 -11.82
C PRO A 734 -18.06 20.96 -12.57
N ALA A 735 -18.17 20.97 -13.91
CA ALA A 735 -16.99 21.04 -14.77
C ALA A 735 -16.30 22.39 -14.68
N ASN A 736 -17.05 23.46 -14.38
CA ASN A 736 -16.42 24.76 -14.20
C ASN A 736 -15.58 24.81 -12.93
N GLN A 737 -16.01 24.12 -11.87
CA GLN A 737 -15.22 24.05 -10.65
C GLN A 737 -13.94 23.24 -10.86
N LEU A 738 -14.04 22.14 -11.59
CA LEU A 738 -12.85 21.34 -11.91
C LEU A 738 -11.90 22.11 -12.83
N ALA A 739 -12.46 22.88 -13.76
CA ALA A 739 -11.63 23.69 -14.66
C ALA A 739 -10.92 24.80 -13.93
N GLU A 740 -11.59 25.48 -13.00
CA GLU A 740 -10.92 26.55 -12.25
C GLU A 740 -9.95 25.98 -11.23
N LEU A 741 -10.21 24.77 -10.70
CA LEU A 741 -9.23 24.12 -9.84
C LEU A 741 -7.98 23.75 -10.62
N TRP A 742 -8.14 23.20 -11.83
CA TRP A 742 -6.98 22.85 -12.66
C TRP A 742 -6.22 24.09 -13.12
N LEU A 743 -6.95 25.19 -13.37
CA LEU A 743 -6.31 26.47 -13.64
C LEU A 743 -5.53 26.95 -12.42
N LYS A 744 -6.05 26.72 -11.22
CA LYS A 744 -5.33 27.09 -10.00
C LYS A 744 -4.05 26.27 -9.84
N LEU A 745 -4.12 24.96 -10.15
CA LEU A 745 -2.92 24.12 -10.21
C LEU A 745 -1.87 24.68 -11.17
N ILE A 746 -2.28 24.93 -12.41
CA ILE A 746 -1.34 25.31 -13.46
C ILE A 746 -0.77 26.69 -13.18
N ASP A 747 -1.59 27.61 -12.66
CA ASP A 747 -1.11 28.94 -12.32
C ASP A 747 -0.23 28.91 -11.08
N GLU A 748 -0.42 27.94 -10.18
CA GLU A 748 0.47 27.80 -9.03
C GLU A 748 1.88 27.38 -9.48
N VAL A 749 1.93 26.38 -10.37
CA VAL A 749 3.23 25.98 -10.93
C VAL A 749 3.83 27.10 -11.79
N ILE A 750 2.98 27.85 -12.49
CA ILE A 750 3.45 28.97 -13.30
C ILE A 750 4.05 30.06 -12.43
N GLU A 751 3.39 30.37 -11.30
CA GLU A 751 3.86 31.44 -10.44
C GLU A 751 5.14 31.07 -9.71
N ASP A 752 5.18 29.89 -9.06
CA ASP A 752 6.28 29.73 -8.13
C ASP A 752 7.28 28.70 -8.68
N THR A 753 7.13 28.31 -9.95
CA THR A 753 8.26 27.70 -10.63
C THR A 753 9.21 28.76 -11.20
N ARG A 754 8.77 30.02 -11.27
CA ARG A 754 9.66 31.14 -11.53
C ARG A 754 10.58 31.49 -10.36
N TYR A 755 10.60 30.69 -9.29
CA TYR A 755 11.54 30.79 -8.19
C TYR A 755 12.96 30.71 -8.71
N THR A 756 13.68 31.83 -8.65
CA THR A 756 15.09 31.83 -9.02
C THR A 756 15.88 31.12 -7.93
N LEU A 757 16.83 30.29 -8.34
CA LEU A 757 17.69 29.60 -7.41
C LEU A 757 18.61 30.62 -6.73
N PRO A 758 19.05 30.34 -5.49
CA PRO A 758 19.89 31.29 -4.76
C PRO A 758 21.23 31.54 -5.45
N LEU A 759 21.71 32.77 -5.32
CA LEU A 759 22.91 33.23 -6.01
C LEU A 759 24.12 32.55 -5.39
N THR A 760 24.65 31.54 -6.08
CA THR A 760 25.78 30.77 -5.57
C THR A 760 27.12 31.37 -5.97
N GLU A 761 27.31 32.67 -5.73
CA GLU A 761 28.60 33.32 -5.91
C GLU A 761 28.78 34.31 -4.76
N GLY A 762 29.96 34.28 -4.15
CA GLY A 762 30.18 34.98 -2.91
C GLY A 762 29.92 34.15 -1.67
N LYS A 763 29.19 33.04 -1.81
CA LYS A 763 29.06 32.05 -0.74
C LYS A 763 30.27 31.14 -0.83
N ALA A 764 31.09 31.15 0.22
CA ALA A 764 32.36 30.44 0.17
C ALA A 764 32.20 28.93 0.24
N ASN A 765 31.08 28.45 0.76
CA ASN A 765 30.86 27.03 0.96
C ASN A 765 30.13 26.36 -0.21
N VAL A 766 30.02 27.05 -1.35
CA VAL A 766 29.36 26.46 -2.51
C VAL A 766 30.29 25.43 -3.14
N THR A 767 29.79 24.20 -3.29
CA THR A 767 30.58 23.12 -3.86
C THR A 767 30.40 23.07 -5.37
N VAL A 768 31.20 22.20 -6.01
CA VAL A 768 31.05 21.99 -7.46
C VAL A 768 29.76 21.21 -7.74
N LEU A 769 29.36 20.34 -6.81
CA LEU A 769 28.07 19.67 -6.93
C LEU A 769 26.93 20.65 -6.75
N ASP A 770 27.15 21.72 -5.98
CA ASP A 770 26.14 22.76 -5.83
C ASP A 770 25.89 23.49 -7.15
N THR A 771 26.96 23.79 -7.89
CA THR A 771 26.79 24.47 -9.18
C THR A 771 26.21 23.53 -10.24
N GLN A 772 26.65 22.26 -10.24
CA GLN A 772 26.08 21.30 -11.19
C GLN A 772 24.61 21.01 -10.90
N ILE A 773 24.26 20.87 -9.62
CA ILE A 773 22.88 20.64 -9.21
C ILE A 773 22.04 21.88 -9.47
N ARG A 774 22.61 23.07 -9.30
CA ARG A 774 21.90 24.31 -9.61
C ARG A 774 21.63 24.44 -11.11
N LYS A 775 22.59 24.05 -11.94
CA LYS A 775 22.38 24.06 -13.38
C LYS A 775 21.31 23.05 -13.79
N LEU A 776 21.37 21.84 -13.21
CA LEU A 776 20.37 20.81 -13.50
C LEU A 776 18.98 21.23 -13.02
N ARG A 777 18.91 21.87 -11.85
CA ARG A 777 17.63 22.32 -11.32
C ARG A 777 17.07 23.48 -12.12
N SER A 778 17.93 24.38 -12.61
CA SER A 778 17.47 25.45 -13.48
C SER A 778 16.96 24.89 -14.80
N ARG A 779 17.64 23.86 -15.33
CA ARG A 779 17.20 23.21 -16.57
C ARG A 779 15.85 22.53 -16.39
N SER A 780 15.70 21.74 -15.33
CA SER A 780 14.45 21.02 -15.07
C SER A 780 13.32 22.00 -14.74
N LEU A 781 13.64 23.06 -14.00
CA LEU A 781 12.64 24.04 -13.61
C LEU A 781 12.17 24.85 -14.81
N SER A 782 13.09 25.21 -15.71
CA SER A 782 12.69 25.90 -16.94
C SER A 782 11.90 24.98 -17.87
N GLN A 783 12.25 23.68 -17.88
CA GLN A 783 11.49 22.72 -18.68
C GLN A 783 10.06 22.58 -18.18
N ILE A 784 9.88 22.41 -16.86
CA ILE A 784 8.52 22.26 -16.34
C ILE A 784 7.77 23.58 -16.37
N HIS A 785 8.51 24.71 -16.34
CA HIS A 785 7.87 26.01 -16.48
C HIS A 785 7.32 26.22 -17.89
N GLU A 786 8.15 25.95 -18.92
CA GLU A 786 7.68 26.14 -20.29
C GLU A 786 6.61 25.11 -20.67
N ALA A 787 6.71 23.90 -20.12
CA ALA A 787 5.62 22.95 -20.34
C ALA A 787 4.38 23.30 -19.53
N ALA A 788 4.53 24.10 -18.47
CA ALA A 788 3.36 24.61 -17.77
C ALA A 788 2.68 25.74 -18.55
N VAL A 789 3.47 26.57 -19.24
CA VAL A 789 2.86 27.51 -20.20
C VAL A 789 2.19 26.74 -21.33
N ARG A 790 2.78 25.63 -21.76
CA ARG A 790 2.16 24.78 -22.76
C ARG A 790 0.83 24.22 -22.28
N MET A 791 0.79 23.75 -21.02
CA MET A 791 -0.45 23.24 -20.44
C MET A 791 -1.49 24.34 -20.29
N ARG A 792 -1.05 25.56 -19.99
CA ARG A 792 -1.98 26.67 -19.87
C ARG A 792 -2.50 27.14 -21.23
N SER A 793 -1.77 26.90 -22.32
CA SER A 793 -2.15 27.48 -23.60
C SER A 793 -2.51 26.50 -24.71
N GLU A 794 -2.43 25.19 -24.51
CA GLU A 794 -2.74 24.29 -25.63
C GLU A 794 -3.91 23.36 -25.38
N ALA A 795 -4.29 23.11 -24.12
CA ALA A 795 -5.26 22.05 -23.85
C ALA A 795 -6.20 22.46 -22.75
N THR A 796 -7.43 21.92 -22.82
CA THR A 796 -8.43 22.08 -21.78
C THR A 796 -8.86 20.73 -21.19
N ASP A 797 -8.28 19.63 -21.67
CA ASP A 797 -8.62 18.30 -21.18
C ASP A 797 -8.01 18.09 -19.80
N VAL A 798 -8.83 18.22 -18.75
CA VAL A 798 -8.34 18.13 -17.39
C VAL A 798 -8.15 16.69 -16.94
N LYS A 799 -8.66 15.72 -17.70
CA LYS A 799 -8.55 14.31 -17.32
C LYS A 799 -7.32 13.66 -17.96
N SER A 800 -6.84 14.19 -19.08
CA SER A 800 -5.68 13.61 -19.72
C SER A 800 -4.38 14.19 -19.17
N THR A 801 -4.39 15.45 -18.74
CA THR A 801 -3.16 16.12 -18.32
C THR A 801 -2.71 15.73 -16.92
N LEU A 802 -3.56 15.03 -16.16
CA LEU A 802 -3.18 14.70 -14.78
C LEU A 802 -2.14 13.57 -14.74
N ALA A 803 -1.97 12.85 -15.84
CA ALA A 803 -0.89 11.87 -15.91
C ALA A 803 0.47 12.53 -15.92
N GLU A 804 0.60 13.68 -16.60
CA GLU A 804 1.87 14.39 -16.63
C GLU A 804 2.07 15.22 -15.36
N ILE A 805 0.98 15.63 -14.71
CA ILE A 805 1.10 16.31 -13.42
C ILE A 805 1.58 15.35 -12.34
N GLU A 806 1.13 14.09 -12.42
CA GLU A 806 1.47 13.11 -11.40
C GLU A 806 2.94 12.67 -11.47
N ASP A 807 3.60 12.82 -12.61
CA ASP A 807 5.05 12.61 -12.61
C ASP A 807 5.84 13.91 -12.66
N TRP A 808 5.18 15.06 -12.87
CA TRP A 808 5.78 16.33 -12.49
C TRP A 808 6.00 16.39 -10.98
N LEU A 809 5.06 15.82 -10.23
CA LEU A 809 5.21 15.70 -8.78
C LEU A 809 6.40 14.82 -8.43
N ASP A 810 6.62 13.75 -9.20
CA ASP A 810 7.79 12.90 -8.97
C ASP A 810 9.07 13.60 -9.41
N LYS A 811 8.98 14.48 -10.42
CA LYS A 811 10.12 15.31 -10.80
C LYS A 811 10.48 16.28 -9.68
N LEU A 812 9.47 16.82 -9.00
CA LEU A 812 9.72 17.67 -7.84
C LEU A 812 10.33 16.88 -6.70
N MET A 813 9.87 15.64 -6.48
CA MET A 813 10.54 14.75 -5.54
C MET A 813 11.99 14.49 -5.91
N GLN A 814 12.28 14.34 -7.20
CA GLN A 814 13.66 14.14 -7.64
C GLN A 814 14.48 15.42 -7.59
N LEU A 815 13.83 16.59 -7.52
CA LEU A 815 14.56 17.84 -7.38
C LEU A 815 14.83 18.18 -5.92
N THR A 816 13.93 17.80 -5.01
CA THR A 816 14.06 18.23 -3.60
C THR A 816 15.21 17.54 -2.88
N GLU A 817 15.32 16.23 -3.04
CA GLU A 817 16.09 15.43 -2.09
C GLU A 817 17.59 15.59 -2.33
N GLU A 818 18.37 15.45 -1.24
CA GLU A 818 19.76 15.89 -1.29
C GLU A 818 20.73 14.85 -0.77
N PRO A 819 21.92 14.77 -1.37
CA PRO A 819 23.03 14.09 -0.71
C PRO A 819 23.78 15.00 0.24
N GLN A 820 23.69 16.32 0.02
CA GLN A 820 24.54 17.28 0.70
C GLN A 820 23.84 18.01 1.85
N ASN A 821 23.02 17.33 2.63
CA ASN A 821 22.40 17.96 3.80
C ASN A 821 23.32 17.75 5.00
N SER A 822 23.99 18.82 5.44
CA SER A 822 24.92 18.72 6.55
C SER A 822 24.31 19.10 7.89
N MET A 823 23.10 19.64 7.89
CA MET A 823 22.41 19.95 9.13
C MET A 823 21.95 18.66 9.79
N PRO A 824 22.39 18.37 11.01
CA PRO A 824 21.93 17.15 11.68
C PRO A 824 20.51 17.32 12.17
N ASP A 825 19.87 16.19 12.44
CA ASP A 825 18.46 16.19 12.79
C ASP A 825 18.27 16.62 14.22
N ILE A 826 17.21 17.39 14.47
CA ILE A 826 16.83 17.77 15.82
C ILE A 826 16.17 16.56 16.47
N ILE A 827 16.90 15.89 17.35
CA ILE A 827 16.44 14.65 17.97
C ILE A 827 15.86 15.01 19.34
N ILE A 828 14.57 14.76 19.50
CA ILE A 828 13.80 15.19 20.67
C ILE A 828 13.36 13.94 21.42
N TRP A 829 13.89 13.76 22.62
CA TRP A 829 13.76 12.52 23.38
C TRP A 829 12.74 12.68 24.51
N MET A 830 12.48 11.56 25.16
CA MET A 830 11.65 11.47 26.36
C MET A 830 12.41 10.70 27.42
N ILE A 831 12.53 11.28 28.61
CA ILE A 831 13.29 10.67 29.69
C ILE A 831 12.34 10.41 30.85
N ARG A 832 12.26 9.14 31.28
CA ARG A 832 11.53 8.74 32.47
C ARG A 832 12.53 8.66 33.62
N GLY A 833 12.60 9.72 34.42
CA GLY A 833 13.64 9.78 35.42
C GLY A 833 14.98 10.06 34.78
N GLU A 834 15.89 9.10 34.84
CA GLU A 834 17.19 9.19 34.19
C GLU A 834 17.34 8.19 33.04
N LYS A 835 16.25 7.59 32.59
CA LYS A 835 16.29 6.55 31.56
C LYS A 835 15.68 7.08 30.28
N ARG A 836 16.42 7.00 29.18
CA ARG A 836 15.90 7.43 27.89
C ARG A 836 14.96 6.36 27.33
N LEU A 837 13.73 6.74 27.01
CA LEU A 837 12.68 5.80 26.66
C LEU A 837 12.16 5.93 25.24
N ALA A 838 11.88 7.14 24.76
CA ALA A 838 11.26 7.30 23.45
C ALA A 838 11.96 8.42 22.70
N TYR A 839 11.93 8.33 21.36
CA TYR A 839 12.68 9.24 20.52
C TYR A 839 11.83 9.73 19.36
N ALA A 840 12.30 10.82 18.75
CA ALA A 840 11.95 11.19 17.39
C ALA A 840 13.05 12.09 16.86
N ARG A 841 13.08 12.26 15.54
CA ARG A 841 14.04 13.16 14.92
C ARG A 841 13.35 13.93 13.81
N ILE A 842 13.41 15.24 13.89
CA ILE A 842 12.96 16.14 12.84
C ILE A 842 14.13 16.37 11.90
N PRO A 843 13.97 16.15 10.60
CA PRO A 843 14.97 16.67 9.66
C PRO A 843 14.97 18.20 9.69
N ALA A 844 16.16 18.76 9.90
CA ALA A 844 16.31 20.14 10.33
C ALA A 844 16.02 21.15 9.23
N HIS A 845 15.84 20.71 7.99
CA HIS A 845 15.58 21.65 6.92
C HIS A 845 14.17 22.23 7.00
N GLN A 846 13.20 21.43 7.47
CA GLN A 846 11.85 21.99 7.59
C GLN A 846 11.61 22.74 8.89
N VAL A 847 12.63 22.92 9.73
CA VAL A 847 12.54 23.85 10.85
C VAL A 847 13.52 25.00 10.75
N LEU A 848 14.36 25.04 9.73
CA LEU A 848 15.37 26.08 9.63
C LEU A 848 14.77 27.37 9.07
N TYR A 849 15.07 28.48 9.74
CA TYR A 849 14.66 29.80 9.29
C TYR A 849 15.74 30.40 8.41
N SER A 850 15.32 31.16 7.40
CA SER A 850 16.24 31.89 6.54
C SER A 850 15.57 33.16 6.04
N THR A 851 16.39 34.16 5.75
CA THR A 851 15.90 35.49 5.39
C THR A 851 15.36 35.56 3.96
N SER A 852 15.56 34.52 3.16
CA SER A 852 15.23 34.58 1.74
C SER A 852 13.72 34.57 1.50
N GLY A 853 12.94 34.05 2.44
CA GLY A 853 11.50 34.08 2.31
C GLY A 853 10.83 33.10 3.24
N GLU A 854 9.50 33.19 3.28
CA GLU A 854 8.73 32.27 4.09
C GLU A 854 8.73 30.87 3.49
N ASN A 855 8.65 30.77 2.16
CA ASN A 855 8.71 29.47 1.50
C ASN A 855 10.11 28.88 1.59
N ALA A 856 11.13 29.74 1.57
CA ALA A 856 12.50 29.29 1.79
C ALA A 856 12.74 28.88 3.23
N SER A 857 11.92 29.33 4.16
CA SER A 857 11.92 28.80 5.52
C SER A 857 11.19 27.46 5.55
N GLY A 858 11.28 26.79 6.69
CA GLY A 858 10.74 25.45 6.80
C GLY A 858 9.23 25.44 6.96
N LYS A 859 8.65 24.26 6.71
CA LYS A 859 7.21 24.06 6.89
C LYS A 859 6.83 24.12 8.36
N TYR A 860 7.59 23.43 9.21
CA TYR A 860 7.41 23.42 10.66
C TYR A 860 8.35 24.39 11.37
N CYS A 861 8.81 25.42 10.68
CA CYS A 861 9.67 26.42 11.30
C CYS A 861 8.81 27.47 11.99
N GLY A 862 8.85 27.48 13.32
CA GLY A 862 8.03 28.40 14.08
C GLY A 862 6.56 28.03 14.11
N LYS A 863 6.24 26.78 13.80
CA LYS A 863 4.86 26.30 13.80
C LYS A 863 4.80 24.97 14.55
N THR A 864 3.66 24.72 15.18
CA THR A 864 3.48 23.51 15.96
C THR A 864 3.37 22.30 15.05
N GLN A 865 3.63 21.13 15.61
CA GLN A 865 3.54 19.89 14.85
C GLN A 865 3.25 18.74 15.80
N THR A 866 2.50 17.77 15.31
CA THR A 866 2.19 16.57 16.06
C THR A 866 3.21 15.49 15.71
N ILE A 867 3.85 14.94 16.73
CA ILE A 867 5.00 14.05 16.57
C ILE A 867 4.72 12.82 17.41
N PHE A 868 4.72 11.66 16.78
CA PHE A 868 4.56 10.41 17.52
C PHE A 868 5.94 9.85 17.82
N LEU A 869 6.33 9.87 19.10
CA LEU A 869 7.58 9.25 19.47
C LEU A 869 7.47 7.73 19.37
N LYS A 870 8.60 7.08 19.11
CA LYS A 870 8.67 5.64 18.97
C LYS A 870 9.67 5.09 19.98
N TYR A 871 9.61 3.78 20.19
CA TYR A 871 10.64 3.10 20.96
C TYR A 871 11.91 2.99 20.10
N PRO A 872 13.09 2.89 20.74
CA PRO A 872 14.34 2.90 19.95
C PRO A 872 14.49 1.75 18.96
N GLN A 873 14.14 0.53 19.33
CA GLN A 873 14.27 -0.59 18.41
C GLN A 873 13.14 -0.65 17.40
N GLU A 874 12.04 0.06 17.63
CA GLU A 874 10.89 0.02 16.73
C GLU A 874 11.11 0.97 15.57
N LYS A 875 11.03 0.45 14.34
CA LYS A 875 11.04 1.31 13.15
C LYS A 875 9.80 2.19 13.12
N ASN A 876 8.65 1.64 13.47
CA ASN A 876 7.42 2.38 13.64
C ASN A 876 6.78 1.92 14.94
N ASN A 877 5.93 2.78 15.51
CA ASN A 877 5.30 2.48 16.80
C ASN A 877 4.29 1.34 16.66
N GLY A 878 4.37 0.36 17.54
CA GLY A 878 3.62 -0.87 17.40
C GLY A 878 2.34 -0.90 18.19
N PRO A 879 2.29 -1.71 19.26
CA PRO A 879 1.06 -1.80 20.06
C PRO A 879 0.80 -0.58 20.93
N LYS A 880 1.83 0.11 21.41
CA LYS A 880 1.67 1.22 22.33
C LYS A 880 2.48 2.41 21.86
N VAL A 881 1.81 3.52 21.60
CA VAL A 881 2.52 4.80 21.46
C VAL A 881 3.02 5.24 22.83
N PRO A 882 4.31 5.55 22.99
CA PRO A 882 4.79 6.08 24.27
C PRO A 882 4.18 7.43 24.63
N VAL A 883 4.24 8.39 23.72
CA VAL A 883 3.63 9.70 23.96
C VAL A 883 3.35 10.34 22.59
N GLU A 884 2.24 11.08 22.53
CA GLU A 884 1.90 11.92 21.37
C GLU A 884 2.39 13.33 21.68
N LEU A 885 3.68 13.53 21.44
CA LEU A 885 4.31 14.80 21.78
C LEU A 885 3.97 15.86 20.74
N ARG A 886 3.64 17.06 21.21
CA ARG A 886 3.33 18.19 20.34
C ARG A 886 4.24 19.34 20.73
N VAL A 887 5.03 19.82 19.78
CA VAL A 887 6.10 20.76 20.09
C VAL A 887 6.13 21.84 19.00
N ASN A 888 6.76 22.96 19.33
CA ASN A 888 6.91 24.10 18.42
C ASN A 888 8.37 24.49 18.41
N ILE A 889 9.11 24.03 17.39
CA ILE A 889 10.55 24.20 17.33
C ILE A 889 10.90 25.24 16.28
N TRP A 890 11.65 26.25 16.69
CA TRP A 890 12.24 27.25 15.81
C TRP A 890 13.75 27.10 15.84
N LEU A 891 14.37 27.09 14.67
CA LEU A 891 15.82 27.06 14.52
C LEU A 891 16.21 28.13 13.52
N GLY A 892 17.37 28.74 13.70
CA GLY A 892 17.79 29.75 12.74
C GLY A 892 19.13 30.35 13.10
N LEU A 893 19.61 31.21 12.22
CA LEU A 893 20.86 31.90 12.44
C LEU A 893 20.73 32.92 13.56
N SER A 894 21.76 33.02 14.40
CA SER A 894 21.74 33.96 15.51
C SER A 894 22.06 35.38 15.08
N ALA A 895 22.45 35.59 13.83
CA ALA A 895 22.53 36.95 13.31
C ALA A 895 21.15 37.51 13.02
N VAL A 896 20.17 36.65 12.80
CA VAL A 896 18.81 37.06 12.45
C VAL A 896 17.81 36.42 13.42
N GLU A 897 18.23 36.19 14.67
CA GLU A 897 17.29 35.72 15.68
C GLU A 897 16.45 36.86 16.26
N LYS A 898 16.72 38.09 15.84
CA LYS A 898 15.98 39.27 16.30
C LYS A 898 14.51 39.22 15.91
N LYS A 899 14.18 38.56 14.79
CA LYS A 899 12.80 38.47 14.34
C LYS A 899 12.14 37.16 14.77
N PHE A 900 12.46 36.67 15.97
CA PHE A 900 11.61 35.68 16.64
C PHE A 900 10.23 36.26 16.92
N ASN A 901 10.16 37.58 17.14
CA ASN A 901 8.95 38.24 17.64
C ASN A 901 7.76 38.17 16.67
N SER A 902 8.00 37.88 15.39
CA SER A 902 6.89 37.63 14.48
C SER A 902 6.27 36.25 14.72
N PHE A 903 7.11 35.23 14.91
CA PHE A 903 6.66 33.87 15.20
C PHE A 903 6.14 33.69 16.61
N ALA A 904 6.48 34.58 17.54
CA ALA A 904 6.29 34.33 18.96
C ALA A 904 4.83 34.42 19.36
N GLU A 905 4.44 33.55 20.29
CA GLU A 905 3.10 33.55 20.85
C GLU A 905 3.20 33.50 22.37
N GLY A 906 2.29 34.21 23.03
CA GLY A 906 2.35 34.27 24.48
C GLY A 906 3.43 35.23 24.94
N THR A 907 4.03 34.94 26.09
CA THR A 907 5.05 35.81 26.68
C THR A 907 6.00 34.94 27.49
N PHE A 908 7.28 34.95 27.13
CA PHE A 908 8.27 34.14 27.84
C PHE A 908 8.55 34.73 29.22
N THR A 909 8.81 33.85 30.17
CA THR A 909 8.86 34.20 31.58
C THR A 909 9.86 33.33 32.30
N VAL A 910 10.74 33.96 33.09
CA VAL A 910 11.74 33.28 33.90
C VAL A 910 11.55 33.74 35.34
N PHE A 911 11.61 32.81 36.29
CA PHE A 911 11.45 33.13 37.70
C PHE A 911 12.78 33.02 38.44
N ALA A 912 13.16 34.09 39.14
CA ALA A 912 14.34 34.07 39.99
C ALA A 912 14.02 33.42 41.33
N GLU A 913 15.04 32.81 41.93
CA GLU A 913 14.82 31.94 43.08
C GLU A 913 15.78 32.26 44.22
N MET A 914 15.25 32.25 45.44
CA MET A 914 16.02 32.13 46.67
C MET A 914 15.09 31.63 47.77
N TYR A 915 15.68 31.09 48.82
CA TYR A 915 14.96 30.39 49.87
C TYR A 915 15.48 30.82 51.24
N GLU A 916 14.81 30.34 52.28
CA GLU A 916 15.23 30.55 53.66
C GLU A 916 14.88 29.31 54.49
N ASN A 917 15.85 28.79 55.21
CA ASN A 917 15.69 27.59 56.01
C ASN A 917 15.54 27.94 57.49
N GLN A 918 14.72 27.17 58.18
CA GLN A 918 14.55 27.26 59.64
C GLN A 918 14.52 25.86 60.21
N ALA A 919 14.82 25.75 61.50
CA ALA A 919 14.86 24.48 62.20
C ALA A 919 14.12 24.59 63.52
N LEU A 920 13.43 23.50 63.89
CA LEU A 920 12.71 23.43 65.16
C LEU A 920 13.67 22.95 66.24
N MET A 921 14.31 23.89 66.91
CA MET A 921 15.21 23.59 68.02
C MET A 921 14.60 24.12 69.32
N PHE A 922 14.67 23.29 70.36
CA PHE A 922 14.10 23.58 71.70
C PHE A 922 12.60 23.87 71.63
N GLY A 923 11.90 23.23 70.70
CA GLY A 923 10.46 23.41 70.56
C GLY A 923 10.02 24.64 69.83
N LYS A 924 10.95 25.44 69.30
CA LYS A 924 10.61 26.69 68.62
C LYS A 924 11.34 26.77 67.28
N TRP A 925 10.69 27.34 66.29
CA TRP A 925 11.32 27.54 64.99
C TRP A 925 12.29 28.72 65.05
N GLY A 926 13.46 28.55 64.44
CA GLY A 926 14.47 29.59 64.44
C GLY A 926 15.46 29.39 63.32
N THR A 927 16.06 30.50 62.90
CA THR A 927 16.99 30.49 61.77
C THR A 927 18.42 30.10 62.14
N SER A 928 18.72 29.99 63.44
CA SER A 928 20.07 29.69 63.85
C SER A 928 20.31 28.19 63.87
N GLY A 929 21.59 27.81 64.05
CA GLY A 929 21.98 26.43 64.25
C GLY A 929 21.88 25.56 63.03
N LEU A 930 21.91 26.15 61.83
CA LEU A 930 21.83 25.39 60.59
C LEU A 930 23.24 25.02 60.13
N VAL A 931 23.70 23.88 60.65
CA VAL A 931 25.04 23.39 60.30
C VAL A 931 24.99 22.75 58.92
N GLY A 932 25.87 23.21 58.03
CA GLY A 932 25.88 22.75 56.66
C GLY A 932 24.96 23.49 55.73
N ARG A 933 24.14 24.40 56.25
CA ARG A 933 23.23 25.21 55.44
C ARG A 933 23.47 26.67 55.76
N HIS A 934 22.63 27.53 55.19
CA HIS A 934 22.70 28.97 55.39
C HIS A 934 21.31 29.51 55.72
N LYS A 935 21.28 30.74 56.21
CA LYS A 935 20.00 31.39 56.51
C LYS A 935 19.24 31.72 55.23
N PHE A 936 19.91 32.33 54.27
CA PHE A 936 19.37 32.54 52.93
C PHE A 936 20.20 31.71 51.95
N SER A 937 19.54 30.85 51.19
CA SER A 937 20.24 29.83 50.43
C SER A 937 19.36 29.37 49.27
N ASP A 938 19.75 28.25 48.67
CA ASP A 938 18.97 27.65 47.59
C ASP A 938 17.98 26.63 48.16
N VAL A 939 17.42 25.80 47.26
CA VAL A 939 16.36 24.87 47.64
C VAL A 939 16.89 23.77 48.55
N THR A 940 18.12 23.30 48.30
CA THR A 940 18.73 22.32 49.19
C THR A 940 19.34 22.96 50.43
N GLY A 941 19.54 24.28 50.42
CA GLY A 941 20.11 25.00 51.53
C GLY A 941 21.61 25.09 51.54
N LYS A 942 22.31 24.37 50.65
CA LYS A 942 23.76 24.25 50.75
C LYS A 942 24.49 25.48 50.23
N ILE A 943 23.99 26.12 49.16
CA ILE A 943 24.66 27.23 48.51
C ILE A 943 23.92 28.52 48.87
N LYS A 944 24.66 29.48 49.43
CA LYS A 944 24.07 30.74 49.88
C LYS A 944 23.61 31.58 48.70
N LEU A 945 22.41 32.17 48.84
CA LEU A 945 21.82 32.99 47.78
C LEU A 945 21.18 34.22 48.40
N LYS A 946 20.89 35.20 47.53
CA LYS A 946 20.26 36.44 47.92
C LYS A 946 19.48 36.94 46.70
N ARG A 947 18.49 37.81 46.95
CA ARG A 947 17.54 38.24 45.92
C ARG A 947 18.19 38.96 44.75
N GLU A 948 19.26 39.73 45.01
CA GLU A 948 19.92 40.47 43.94
C GLU A 948 21.20 39.78 43.44
N PHE A 949 21.42 38.53 43.83
CA PHE A 949 22.57 37.78 43.32
C PHE A 949 22.45 37.53 41.82
N PHE A 950 21.25 37.19 41.35
CA PHE A 950 20.96 37.09 39.93
C PHE A 950 20.08 38.26 39.51
N LEU A 951 20.58 39.06 38.58
CA LEU A 951 19.93 40.26 38.10
C LEU A 951 19.51 40.04 36.66
N PRO A 952 18.49 40.76 36.17
CA PRO A 952 18.08 40.62 34.77
C PRO A 952 19.16 41.09 33.81
N PRO A 953 19.55 40.24 32.86
CA PRO A 953 20.57 40.64 31.87
C PRO A 953 20.03 41.58 30.80
N LYS A 954 20.84 41.81 29.77
CA LYS A 954 20.44 42.65 28.64
C LYS A 954 19.21 42.08 27.94
N GLY A 955 18.23 42.93 27.69
CA GLY A 955 16.96 42.51 27.15
C GLY A 955 15.93 42.12 28.18
N TRP A 956 16.27 42.16 29.47
CA TRP A 956 15.37 41.75 30.53
C TRP A 956 15.22 42.86 31.58
N GLU A 957 14.04 42.90 32.19
CA GLU A 957 13.78 43.76 33.34
C GLU A 957 12.96 42.96 34.34
N TRP A 958 12.97 43.40 35.59
CA TRP A 958 12.13 42.78 36.60
C TRP A 958 10.68 43.25 36.43
N GLU A 959 9.75 42.36 36.77
CA GLU A 959 8.33 42.66 36.75
C GLU A 959 7.72 42.30 38.10
N GLY A 960 7.00 43.24 38.69
CA GLY A 960 6.38 42.97 39.97
C GLY A 960 7.39 43.06 41.10
N GLU A 961 7.23 42.18 42.09
CA GLU A 961 8.05 42.19 43.30
C GLU A 961 7.99 40.81 43.95
N TRP A 962 9.01 40.54 44.76
CA TRP A 962 9.21 39.22 45.39
C TRP A 962 8.05 38.87 46.31
N ILE A 963 7.33 37.78 45.98
CA ILE A 963 6.16 37.37 46.73
C ILE A 963 6.30 35.91 47.11
N VAL A 964 5.57 35.51 48.14
CA VAL A 964 5.52 34.10 48.51
C VAL A 964 4.61 33.37 47.51
N ASP A 965 5.09 32.23 47.03
CA ASP A 965 4.34 31.40 46.08
C ASP A 965 4.07 30.05 46.74
N PRO A 966 2.91 29.90 47.41
CA PRO A 966 2.52 28.64 48.05
C PRO A 966 2.17 27.55 47.05
N ASP A 1098 -0.01 24.65 54.42
CA ASP A 1098 0.16 25.92 55.13
C ASP A 1098 0.01 27.09 54.17
N GLN A 1099 -0.88 28.03 54.51
CA GLN A 1099 -1.09 29.20 53.67
C GLN A 1099 0.02 30.22 53.79
N GLU A 1100 0.85 30.13 54.85
CA GLU A 1100 2.03 30.97 54.95
C GLU A 1100 3.13 30.55 53.98
N GLY A 1101 3.08 29.32 53.47
CA GLY A 1101 4.08 28.84 52.55
C GLY A 1101 5.13 27.93 53.15
N TRP A 1102 5.00 27.57 54.43
CA TRP A 1102 6.02 26.77 55.09
C TRP A 1102 5.90 25.32 54.66
N GLU A 1103 7.00 24.77 54.14
CA GLU A 1103 7.10 23.39 53.68
C GLU A 1103 8.05 22.65 54.62
N TYR A 1104 7.60 21.51 55.16
CA TYR A 1104 8.27 20.85 56.26
C TYR A 1104 8.86 19.50 55.83
N ALA A 1105 10.02 19.18 56.41
CA ALA A 1105 10.68 17.90 56.14
C ALA A 1105 11.18 17.30 57.45
N SER A 1106 11.34 15.98 57.45
CA SER A 1106 11.83 15.25 58.61
C SER A 1106 13.33 15.37 58.82
N LEU A 1107 14.10 15.60 57.76
CA LEU A 1107 15.54 15.72 57.86
C LEU A 1107 15.96 17.03 57.21
N ILE A 1108 17.23 17.40 57.44
CA ILE A 1108 17.73 18.68 56.94
C ILE A 1108 18.09 18.53 55.46
N GLY A 1109 17.58 19.44 54.65
CA GLY A 1109 17.76 19.34 53.20
C GLY A 1109 17.03 18.20 52.55
N TRP A 1110 15.93 17.74 53.15
CA TRP A 1110 15.23 16.54 52.71
C TRP A 1110 13.98 16.95 51.94
N LYS A 1111 13.13 15.98 51.60
CA LYS A 1111 11.91 16.22 50.83
C LYS A 1111 10.87 16.96 51.63
N PHE A 1112 10.49 18.15 51.16
CA PHE A 1112 9.51 18.99 51.85
C PHE A 1112 8.09 18.70 51.35
N HIS A 1113 7.13 18.81 52.26
CA HIS A 1113 5.72 18.64 51.92
C HIS A 1113 4.91 19.67 52.70
N TRP A 1114 3.57 19.55 52.59
CA TRP A 1114 2.69 20.69 52.83
C TRP A 1114 2.62 21.10 54.30
N LYS A 1115 2.39 20.16 55.21
CA LYS A 1115 2.14 20.51 56.60
C LYS A 1115 3.02 19.68 57.51
N GLN A 1116 3.25 20.21 58.72
CA GLN A 1116 4.20 19.62 59.66
C GLN A 1116 3.56 18.41 60.33
N ARG A 1117 4.16 17.23 60.11
CA ARG A 1117 3.75 16.02 60.78
C ARG A 1117 4.52 15.85 62.10
N SER A 1118 4.42 14.66 62.67
CA SER A 1118 5.09 14.39 63.94
C SER A 1118 6.60 14.29 63.78
N SER A 1119 7.07 13.84 62.61
CA SER A 1119 8.48 13.61 62.41
C SER A 1119 9.22 14.79 61.78
N ASP A 1120 8.50 15.86 61.40
CA ASP A 1120 9.14 16.97 60.71
C ASP A 1120 9.77 17.93 61.72
N THR A 1121 11.08 18.19 61.55
CA THR A 1121 11.80 19.12 62.42
C THR A 1121 12.53 20.23 61.66
N PHE A 1122 12.34 20.35 60.35
CA PHE A 1122 12.97 21.40 59.56
C PHE A 1122 11.94 21.97 58.59
N ARG A 1123 12.17 23.21 58.15
CA ARG A 1123 11.21 23.86 57.26
C ARG A 1123 11.89 24.90 56.39
N ARG A 1124 11.17 25.33 55.36
CA ARG A 1124 11.60 26.36 54.42
C ARG A 1124 10.35 27.03 53.86
N ARG A 1125 10.55 28.08 53.06
CA ARG A 1125 9.47 28.67 52.28
C ARG A 1125 10.03 29.37 51.05
N ARG A 1126 9.13 29.95 50.27
CA ARG A 1126 9.37 30.27 48.87
C ARG A 1126 9.18 31.76 48.59
N TRP A 1127 10.07 32.31 47.76
CA TRP A 1127 9.87 33.59 47.10
C TRP A 1127 10.27 33.50 45.65
N ARG A 1128 9.48 34.14 44.78
CA ARG A 1128 9.76 34.19 43.35
C ARG A 1128 9.63 35.64 42.86
N ARG A 1129 10.40 35.96 41.82
CA ARG A 1129 10.27 37.25 41.16
C ARG A 1129 10.32 37.05 39.65
N LYS A 1130 9.36 37.64 38.95
CA LYS A 1130 9.27 37.53 37.50
C LYS A 1130 10.28 38.45 36.83
N MET A 1131 10.84 37.97 35.71
CA MET A 1131 11.56 38.85 34.79
C MET A 1131 10.98 38.67 33.39
N ALA A 1132 10.71 39.78 32.73
CA ALA A 1132 10.05 39.83 31.44
C ALA A 1132 10.94 40.62 30.48
N PRO A 1133 10.80 40.39 29.17
CA PRO A 1133 11.56 41.19 28.20
C PRO A 1133 11.13 42.66 28.22
N SER A 1134 12.12 43.55 28.36
CA SER A 1134 11.87 44.96 28.56
C SER A 1134 11.64 45.72 27.26
N GLU A 1135 12.68 45.79 26.42
CA GLU A 1135 12.65 46.60 25.21
C GLU A 1135 12.18 45.76 24.04
N THR A 1136 12.43 46.25 22.81
CA THR A 1136 12.12 45.53 21.58
C THR A 1136 13.08 44.37 21.31
N HIS A 1137 13.97 44.06 22.26
CA HIS A 1137 14.67 42.78 22.25
C HIS A 1137 13.68 41.62 22.29
N GLY A 1138 12.64 41.73 23.12
CA GLY A 1138 11.46 40.90 23.10
C GLY A 1138 11.71 39.45 23.47
N ALA A 1139 10.93 38.57 22.83
CA ALA A 1139 10.99 37.14 23.11
C ALA A 1139 12.27 36.49 22.61
N ALA A 1140 13.04 37.21 21.80
CA ALA A 1140 14.34 36.72 21.34
C ALA A 1140 15.41 36.76 22.43
N ALA A 1141 15.12 37.38 23.58
CA ALA A 1141 16.12 37.54 24.63
C ALA A 1141 16.37 36.26 25.41
N ILE A 1142 15.62 35.19 25.14
CA ILE A 1142 15.84 33.93 25.84
C ILE A 1142 17.12 33.25 25.35
N PHE A 1143 17.64 33.65 24.19
CA PHE A 1143 18.94 33.14 23.75
C PHE A 1143 20.09 33.88 24.45
N LYS A 1144 19.80 35.01 25.08
CA LYS A 1144 20.83 35.79 25.74
C LYS A 1144 21.06 35.36 27.17
N LEU A 1145 20.41 34.29 27.63
CA LEU A 1145 20.55 33.79 29.00
C LEU A 1145 21.71 32.79 29.03
N GLU A 1146 22.91 33.30 28.77
CA GLU A 1146 24.12 32.48 28.77
C GLU A 1146 25.06 32.92 29.88
N THR A 1177 21.75 27.53 34.19
CA THR A 1177 20.79 28.30 33.41
C THR A 1177 19.41 28.22 34.04
N PRO A 1178 18.77 29.37 34.26
CA PRO A 1178 17.41 29.39 34.84
C PRO A 1178 16.39 28.75 33.92
N ILE A 1179 15.35 28.18 34.51
CA ILE A 1179 14.32 27.45 33.79
C ILE A 1179 13.39 28.46 33.14
N VAL A 1180 13.21 28.33 31.82
CA VAL A 1180 12.38 29.24 31.04
C VAL A 1180 11.08 28.53 30.67
N SER A 1181 9.97 29.24 30.84
CA SER A 1181 8.65 28.73 30.48
C SER A 1181 7.87 29.83 29.78
N CYS A 1182 6.98 29.42 28.87
CA CYS A 1182 6.14 30.34 28.13
C CYS A 1182 4.78 30.43 28.82
N ASN A 1183 4.35 31.65 29.12
CA ASN A 1183 3.10 31.90 29.81
C ASN A 1183 2.07 32.34 28.77
N PHE A 1184 0.98 31.57 28.66
CA PHE A 1184 -0.11 31.94 27.77
C PHE A 1184 -1.18 32.69 28.57
N ASP A 1185 -1.52 33.89 28.11
CA ASP A 1185 -2.47 34.75 28.81
C ASP A 1185 -3.92 34.55 28.36
N ARG A 1186 -4.17 33.65 27.40
CA ARG A 1186 -5.52 33.43 26.91
C ARG A 1186 -5.71 31.96 26.57
N VAL A 1187 -6.88 31.44 26.88
CA VAL A 1187 -7.24 30.05 26.64
C VAL A 1187 -8.35 30.01 25.59
N TYR A 1188 -8.35 28.95 24.79
CA TYR A 1188 -9.35 28.75 23.74
C TYR A 1188 -10.03 27.40 23.94
N ILE A 1189 -11.35 27.40 23.85
CA ILE A 1189 -12.16 26.22 24.14
C ILE A 1189 -12.46 25.49 22.83
N TYR A 1190 -12.28 24.18 22.82
CA TYR A 1190 -12.47 23.37 21.63
C TYR A 1190 -13.43 22.22 21.92
N HIS A 1191 -14.32 21.96 20.98
CA HIS A 1191 -15.31 20.90 21.08
C HIS A 1191 -15.14 19.97 19.89
N LEU A 1192 -14.85 18.70 20.17
CA LEU A 1192 -14.49 17.74 19.13
C LEU A 1192 -15.52 16.62 19.08
N ARG A 1193 -15.93 16.26 17.87
CA ARG A 1193 -16.80 15.11 17.66
C ARG A 1193 -16.15 14.18 16.65
N CYS A 1194 -15.95 12.93 17.04
CA CYS A 1194 -15.42 11.90 16.15
C CYS A 1194 -16.54 10.97 15.73
N TYR A 1195 -16.75 10.85 14.43
CA TYR A 1195 -17.82 10.03 13.86
C TYR A 1195 -17.21 8.69 13.47
N VAL A 1196 -17.37 7.70 14.34
CA VAL A 1196 -16.82 6.36 14.13
C VAL A 1196 -17.98 5.46 13.72
N TYR A 1197 -18.15 5.29 12.40
CA TYR A 1197 -19.26 4.49 11.92
C TYR A 1197 -18.92 3.00 11.90
N GLN A 1198 -17.92 2.60 11.12
CA GLN A 1198 -17.69 1.17 10.94
C GLN A 1198 -16.22 0.92 10.62
N ALA A 1199 -15.85 -0.35 10.69
CA ALA A 1199 -14.53 -0.82 10.33
C ALA A 1199 -14.66 -1.99 9.35
N ARG A 1200 -13.52 -2.44 8.83
CA ARG A 1200 -13.50 -3.58 7.92
C ARG A 1200 -12.16 -4.27 7.99
N ASN A 1201 -12.16 -5.58 7.69
CA ASN A 1201 -10.98 -6.44 7.58
C ASN A 1201 -10.12 -6.44 8.85
N LEU A 1202 -10.76 -6.45 10.01
CA LEU A 1202 -10.02 -6.52 11.26
C LEU A 1202 -9.51 -7.94 11.51
N LEU A 1203 -8.45 -8.02 12.32
CA LEU A 1203 -7.84 -9.31 12.62
C LEU A 1203 -8.73 -10.12 13.57
N ALA A 1204 -8.60 -11.44 13.49
CA ALA A 1204 -9.35 -12.35 14.36
C ALA A 1204 -8.43 -12.81 15.47
N LEU A 1205 -8.52 -12.15 16.63
CA LEU A 1205 -7.68 -12.49 17.77
C LEU A 1205 -8.35 -13.49 18.72
N ASP A 1206 -9.60 -13.87 18.46
CA ASP A 1206 -10.28 -14.87 19.26
C ASP A 1206 -10.19 -16.23 18.59
N LYS A 1207 -10.65 -17.26 19.32
CA LYS A 1207 -10.57 -18.62 18.84
C LYS A 1207 -11.68 -18.98 17.86
N ASP A 1208 -12.72 -18.15 17.76
CA ASP A 1208 -13.83 -18.42 16.86
C ASP A 1208 -13.67 -17.80 15.48
N SER A 1209 -12.43 -17.43 15.11
CA SER A 1209 -12.09 -16.63 13.93
C SER A 1209 -12.95 -15.36 13.80
N PHE A 1210 -13.20 -14.70 14.92
CA PHE A 1210 -13.79 -13.36 14.93
C PHE A 1210 -13.11 -12.57 16.04
N SER A 1211 -13.69 -11.43 16.38
CA SER A 1211 -13.20 -10.58 17.46
C SER A 1211 -14.37 -9.82 18.06
N ASP A 1212 -14.09 -9.10 19.13
CA ASP A 1212 -15.10 -8.26 19.78
C ASP A 1212 -14.57 -6.83 19.85
N PRO A 1213 -14.56 -6.10 18.73
CA PRO A 1213 -13.78 -4.85 18.68
C PRO A 1213 -14.47 -3.69 19.39
N TYR A 1214 -13.64 -2.81 19.94
CA TYR A 1214 -14.07 -1.51 20.44
C TYR A 1214 -12.91 -0.55 20.23
N ALA A 1215 -13.19 0.74 20.36
CA ALA A 1215 -12.21 1.77 20.02
C ALA A 1215 -12.00 2.74 21.17
N HIS A 1216 -10.74 3.01 21.46
CA HIS A 1216 -10.37 4.11 22.36
C HIS A 1216 -10.06 5.34 21.52
N ILE A 1217 -10.98 6.29 21.50
CA ILE A 1217 -10.83 7.52 20.74
C ILE A 1217 -10.14 8.53 21.63
N CYS A 1218 -8.84 8.75 21.40
CA CYS A 1218 -8.08 9.67 22.23
C CYS A 1218 -7.68 10.90 21.42
N PHE A 1219 -7.81 12.06 22.06
CA PHE A 1219 -7.43 13.33 21.45
C PHE A 1219 -6.93 14.23 22.57
N LEU A 1220 -5.60 14.36 22.65
CA LEU A 1220 -4.89 15.25 23.58
C LEU A 1220 -5.25 14.85 25.01
N HIS A 1221 -5.70 15.77 25.86
CA HIS A 1221 -5.93 15.48 27.27
C HIS A 1221 -7.29 14.86 27.55
N ARG A 1222 -7.92 14.26 26.53
CA ARG A 1222 -9.18 13.56 26.71
C ARG A 1222 -9.16 12.27 25.92
N SER A 1223 -10.03 11.34 26.32
CA SER A 1223 -10.22 10.08 25.64
C SER A 1223 -11.63 9.61 25.93
N LYS A 1224 -12.10 8.62 25.18
CA LYS A 1224 -13.35 7.93 25.48
C LYS A 1224 -13.26 6.51 24.95
N THR A 1225 -14.27 5.71 25.31
CA THR A 1225 -14.36 4.31 24.92
C THR A 1225 -15.69 4.07 24.23
N THR A 1226 -15.65 3.42 23.07
CA THR A 1226 -16.88 3.10 22.36
C THR A 1226 -17.43 1.76 22.83
N GLU A 1227 -18.52 1.35 22.19
CA GLU A 1227 -19.18 0.10 22.52
C GLU A 1227 -18.43 -1.09 21.92
N ILE A 1228 -18.77 -2.27 22.42
CA ILE A 1228 -18.19 -3.52 21.93
C ILE A 1228 -19.25 -4.24 21.10
N ILE A 1229 -18.90 -4.61 19.87
CA ILE A 1229 -19.76 -5.39 19.00
C ILE A 1229 -19.19 -6.80 18.96
N HIS A 1230 -19.88 -7.74 19.57
CA HIS A 1230 -19.32 -9.07 19.77
C HIS A 1230 -19.42 -9.92 18.51
N SER A 1231 -18.36 -10.68 18.26
CA SER A 1231 -18.25 -11.70 17.22
C SER A 1231 -18.48 -11.13 15.82
N THR A 1232 -17.72 -10.07 15.52
CA THR A 1232 -17.78 -9.44 14.21
C THR A 1232 -16.40 -8.95 13.83
N LEU A 1233 -16.00 -9.25 12.59
CA LEU A 1233 -14.77 -8.71 12.01
C LEU A 1233 -15.02 -7.52 11.10
N ASN A 1234 -16.28 -7.17 10.84
CA ASN A 1234 -16.65 -5.96 10.11
C ASN A 1234 -17.65 -5.19 10.96
N PRO A 1235 -17.21 -4.56 12.05
CA PRO A 1235 -18.15 -4.02 13.04
C PRO A 1235 -18.80 -2.74 12.53
N THR A 1236 -20.01 -2.48 13.01
CA THR A 1236 -20.68 -1.20 12.81
C THR A 1236 -20.97 -0.64 14.19
N TRP A 1237 -20.04 0.16 14.70
CA TRP A 1237 -20.25 0.83 15.98
C TRP A 1237 -21.40 1.83 15.88
N ASP A 1238 -21.41 2.62 14.80
CA ASP A 1238 -22.42 3.66 14.52
C ASP A 1238 -22.53 4.63 15.69
N GLN A 1239 -21.38 5.12 16.13
CA GLN A 1239 -21.26 5.80 17.43
C GLN A 1239 -20.45 7.07 17.28
N THR A 1240 -21.00 8.18 17.79
CA THR A 1240 -20.27 9.44 17.84
C THR A 1240 -19.69 9.66 19.22
N ILE A 1241 -18.38 9.89 19.27
CA ILE A 1241 -17.65 10.15 20.50
C ILE A 1241 -17.49 11.66 20.63
N ILE A 1242 -17.99 12.22 21.74
CA ILE A 1242 -18.06 13.67 21.92
C ILE A 1242 -17.19 14.06 23.10
N PHE A 1243 -16.30 15.04 22.87
CA PHE A 1243 -15.51 15.66 23.92
C PHE A 1243 -15.97 17.10 24.08
N ASP A 1244 -16.19 17.50 25.33
CA ASP A 1244 -16.49 18.88 25.65
C ASP A 1244 -15.36 19.48 26.48
N GLU A 1245 -15.12 20.77 26.29
CA GLU A 1245 -14.13 21.57 27.04
C GLU A 1245 -12.71 21.01 26.90
N VAL A 1246 -12.25 20.92 25.67
CA VAL A 1246 -10.86 20.58 25.37
C VAL A 1246 -10.08 21.88 25.20
N GLU A 1247 -9.25 22.22 26.18
CA GLU A 1247 -8.61 23.53 26.22
C GLU A 1247 -7.25 23.45 25.55
N ILE A 1248 -7.11 24.14 24.41
CA ILE A 1248 -5.86 24.23 23.65
C ILE A 1248 -5.51 25.70 23.47
N TYR A 1249 -4.27 26.04 23.81
CA TYR A 1249 -3.77 27.40 23.83
C TYR A 1249 -3.19 27.77 22.47
N GLY A 1250 -2.74 29.02 22.38
CA GLY A 1250 -2.24 29.54 21.12
C GLY A 1250 -3.33 30.17 20.28
N GLU A 1251 -2.91 30.75 19.17
CA GLU A 1251 -3.86 31.34 18.24
C GLU A 1251 -4.63 30.23 17.53
N PRO A 1252 -5.91 30.43 17.19
CA PRO A 1252 -6.64 29.42 16.41
C PRO A 1252 -6.09 29.16 15.02
N GLN A 1253 -5.36 30.12 14.44
CA GLN A 1253 -4.74 29.89 13.14
C GLN A 1253 -3.60 28.87 13.23
N THR A 1254 -2.94 28.80 14.39
CA THR A 1254 -1.91 27.80 14.63
C THR A 1254 -2.50 26.39 14.58
N VAL A 1255 -3.66 26.20 15.20
CA VAL A 1255 -4.28 24.88 15.19
C VAL A 1255 -5.00 24.64 13.87
N LEU A 1256 -5.31 25.71 13.12
CA LEU A 1256 -5.92 25.53 11.81
C LEU A 1256 -4.89 25.05 10.80
N GLN A 1257 -3.68 25.60 10.86
CA GLN A 1257 -2.61 25.15 9.98
C GLN A 1257 -2.09 23.78 10.37
N ASN A 1258 -2.01 23.49 11.68
CA ASN A 1258 -1.46 22.23 12.18
C ASN A 1258 -2.38 21.68 13.26
N PRO A 1259 -3.42 20.94 12.87
CA PRO A 1259 -4.30 20.32 13.87
C PRO A 1259 -3.62 19.13 14.53
N PRO A 1260 -3.89 18.89 15.82
CA PRO A 1260 -3.36 17.69 16.47
C PRO A 1260 -4.12 16.47 15.99
N LYS A 1261 -3.43 15.34 16.00
CA LYS A 1261 -3.99 14.12 15.43
C LYS A 1261 -5.03 13.52 16.37
N VAL A 1262 -6.11 13.01 15.80
CA VAL A 1262 -7.05 12.16 16.52
C VAL A 1262 -6.63 10.72 16.31
N ILE A 1263 -6.37 10.02 17.40
CA ILE A 1263 -5.81 8.67 17.36
C ILE A 1263 -6.85 7.69 17.87
N MET A 1264 -7.06 6.61 17.14
CA MET A 1264 -8.02 5.59 17.51
C MET A 1264 -7.26 4.28 17.74
N GLU A 1265 -7.34 3.75 18.95
CA GLU A 1265 -6.69 2.50 19.28
C GLU A 1265 -7.75 1.42 19.45
N LEU A 1266 -7.87 0.57 18.44
CA LEU A 1266 -8.85 -0.51 18.42
C LEU A 1266 -8.30 -1.71 19.19
N PHE A 1267 -9.17 -2.35 19.98
CA PHE A 1267 -8.79 -3.49 20.80
C PHE A 1267 -9.84 -4.58 20.68
N ASP A 1268 -9.40 -5.82 20.91
CA ASP A 1268 -10.26 -6.99 20.91
C ASP A 1268 -10.64 -7.30 22.35
N ASN A 1269 -11.92 -7.11 22.67
CA ASN A 1269 -12.40 -7.29 24.04
C ASN A 1269 -12.46 -8.78 24.39
N ASP A 1270 -11.58 -9.20 25.30
CA ASP A 1270 -11.60 -10.54 25.85
C ASP A 1270 -12.15 -10.47 27.27
N GLN A 1271 -13.15 -11.30 27.57
CA GLN A 1271 -13.73 -11.31 28.90
C GLN A 1271 -12.79 -11.88 29.95
N VAL A 1272 -11.80 -12.68 29.54
CA VAL A 1272 -10.77 -13.18 30.44
C VAL A 1272 -9.42 -12.74 29.90
N GLY A 1273 -8.67 -12.02 30.72
CA GLY A 1273 -7.34 -11.58 30.35
C GLY A 1273 -7.33 -10.20 29.71
N LYS A 1274 -6.12 -9.73 29.43
CA LYS A 1274 -5.93 -8.41 28.83
C LYS A 1274 -6.36 -8.41 27.38
N ASP A 1275 -6.95 -7.30 26.95
CA ASP A 1275 -7.38 -7.15 25.55
C ASP A 1275 -6.17 -7.08 24.63
N GLU A 1276 -6.37 -7.52 23.38
CA GLU A 1276 -5.30 -7.65 22.41
C GLU A 1276 -5.40 -6.52 21.39
N PHE A 1277 -4.25 -6.03 20.94
CA PHE A 1277 -4.20 -4.83 20.12
C PHE A 1277 -4.59 -5.16 18.68
N LEU A 1278 -5.61 -4.46 18.16
CA LEU A 1278 -6.07 -4.68 16.80
C LEU A 1278 -5.43 -3.74 15.79
N GLY A 1279 -5.16 -2.50 16.19
CA GLY A 1279 -4.53 -1.56 15.27
C GLY A 1279 -4.76 -0.14 15.71
N ARG A 1280 -4.26 0.78 14.87
CA ARG A 1280 -4.29 2.20 15.17
C ARG A 1280 -4.53 3.01 13.91
N SER A 1281 -5.43 3.99 14.00
CA SER A 1281 -5.71 4.89 12.90
C SER A 1281 -5.43 6.32 13.34
N ILE A 1282 -4.65 7.03 12.55
CA ILE A 1282 -4.27 8.42 12.84
C ILE A 1282 -4.77 9.30 11.71
N PHE A 1283 -5.55 10.32 12.06
CA PHE A 1283 -6.13 11.21 11.07
C PHE A 1283 -6.34 12.58 11.69
N SER A 1284 -6.48 13.59 10.83
CA SER A 1284 -6.62 14.91 11.43
C SER A 1284 -8.07 15.38 11.36
N PRO A 1285 -8.54 16.10 12.37
CA PRO A 1285 -9.91 16.64 12.33
C PRO A 1285 -9.99 17.87 11.46
N VAL A 1286 -11.16 18.08 10.86
CA VAL A 1286 -11.41 19.26 10.05
C VAL A 1286 -11.73 20.41 11.00
N VAL A 1287 -10.76 21.32 11.18
CA VAL A 1287 -10.92 22.40 12.15
C VAL A 1287 -11.84 23.47 11.58
N LYS A 1288 -12.85 23.84 12.38
CA LYS A 1288 -13.85 24.84 11.99
C LYS A 1288 -13.77 25.99 13.00
N LEU A 1289 -13.08 27.06 12.62
CA LEU A 1289 -12.94 28.19 13.53
C LEU A 1289 -14.22 29.01 13.66
N ASN A 1290 -15.07 29.00 12.64
CA ASN A 1290 -16.29 29.80 12.68
C ASN A 1290 -17.32 29.18 11.75
N SER A 1291 -18.38 29.95 11.48
CA SER A 1291 -19.56 29.41 10.82
C SER A 1291 -19.32 29.15 9.34
N GLU A 1292 -18.43 29.91 8.72
CA GLU A 1292 -18.24 29.77 7.27
C GLU A 1292 -17.39 28.57 6.88
N MET A 1293 -16.79 27.86 7.85
CA MET A 1293 -16.11 26.61 7.57
C MET A 1293 -16.97 25.39 7.86
N ASP A 1294 -18.29 25.48 7.63
CA ASP A 1294 -19.20 24.40 7.97
C ASP A 1294 -19.33 23.35 6.87
N ILE A 1295 -18.20 22.83 6.41
CA ILE A 1295 -18.21 21.68 5.52
C ILE A 1295 -18.57 20.45 6.33
N THR A 1296 -19.59 19.72 5.88
CA THR A 1296 -19.96 18.48 6.54
C THR A 1296 -18.87 17.45 6.28
N PRO A 1297 -18.22 16.90 7.30
CA PRO A 1297 -17.03 16.07 7.08
C PRO A 1297 -17.41 14.69 6.55
N LYS A 1298 -16.88 14.35 5.38
CA LYS A 1298 -17.13 13.04 4.82
C LYS A 1298 -16.26 12.00 5.52
N LEU A 1299 -16.84 10.83 5.78
CA LEU A 1299 -16.08 9.72 6.32
C LEU A 1299 -15.13 9.18 5.27
N LEU A 1300 -13.91 8.86 5.70
CA LEU A 1300 -12.89 8.33 4.80
C LEU A 1300 -12.34 7.04 5.38
N TRP A 1301 -11.87 6.16 4.50
CA TRP A 1301 -11.30 4.88 4.91
C TRP A 1301 -9.83 5.09 5.27
N HIS A 1302 -9.62 5.59 6.49
CA HIS A 1302 -8.27 5.73 6.99
C HIS A 1302 -7.69 4.36 7.33
N PRO A 1303 -6.42 4.11 6.99
CA PRO A 1303 -5.85 2.78 7.25
C PRO A 1303 -5.61 2.55 8.73
N VAL A 1304 -5.65 1.28 9.12
CA VAL A 1304 -5.48 0.85 10.50
C VAL A 1304 -4.17 0.09 10.55
N MET A 1305 -3.10 0.80 10.85
CA MET A 1305 -1.76 0.21 10.83
C MET A 1305 -1.54 -0.62 12.09
N ASN A 1306 -0.99 -1.82 11.89
CA ASN A 1306 -0.62 -2.71 12.99
C ASN A 1306 0.73 -3.30 12.64
N GLY A 1307 1.72 -3.09 13.51
CA GLY A 1307 3.06 -3.53 13.17
C GLY A 1307 3.65 -2.63 12.11
N ASP A 1308 3.79 -3.16 10.90
CA ASP A 1308 4.30 -2.37 9.78
C ASP A 1308 3.20 -2.15 8.75
N LYS A 1309 2.40 -3.16 8.46
CA LYS A 1309 1.46 -3.14 7.35
C LYS A 1309 0.07 -2.75 7.82
N ALA A 1310 -0.73 -2.24 6.88
CA ALA A 1310 -2.13 -1.96 7.17
C ALA A 1310 -2.90 -3.26 7.30
N CYS A 1311 -3.77 -3.33 8.31
CA CYS A 1311 -4.51 -4.54 8.65
C CYS A 1311 -5.99 -4.23 8.82
N GLY A 1312 -6.54 -3.52 7.84
CA GLY A 1312 -7.94 -3.11 7.87
C GLY A 1312 -8.06 -1.61 7.74
N ASP A 1313 -9.30 -1.16 7.55
CA ASP A 1313 -9.62 0.26 7.45
C ASP A 1313 -10.71 0.59 8.47
N VAL A 1314 -10.84 1.88 8.77
CA VAL A 1314 -11.97 2.42 9.53
C VAL A 1314 -12.54 3.60 8.77
N LEU A 1315 -13.85 3.76 8.83
CA LEU A 1315 -14.58 4.79 8.08
C LEU A 1315 -14.92 5.92 9.03
N VAL A 1316 -13.96 6.82 9.29
CA VAL A 1316 -14.06 7.81 10.35
C VAL A 1316 -13.72 9.20 9.82
N THR A 1317 -14.18 10.21 10.58
CA THR A 1317 -13.87 11.61 10.34
C THR A 1317 -14.07 12.35 11.66
N ALA A 1318 -13.66 13.62 11.70
CA ALA A 1318 -13.82 14.41 12.91
C ALA A 1318 -13.94 15.89 12.57
N GLU A 1319 -14.48 16.66 13.52
CA GLU A 1319 -14.54 18.12 13.42
C GLU A 1319 -14.14 18.73 14.76
N LEU A 1320 -13.38 19.83 14.70
CA LEU A 1320 -12.74 20.43 15.86
C LEU A 1320 -13.04 21.93 15.84
N ILE A 1321 -13.93 22.38 16.71
CA ILE A 1321 -14.60 23.68 16.56
C ILE A 1321 -14.19 24.63 17.68
N LEU A 1322 -13.99 25.91 17.34
CA LEU A 1322 -14.07 26.98 18.34
C LEU A 1322 -15.41 26.94 19.04
N ARG A 1323 -15.39 26.59 20.32
CA ARG A 1323 -16.58 26.72 21.15
C ARG A 1323 -16.72 28.18 21.54
N GLY A 1324 -17.76 28.83 21.05
CA GLY A 1324 -17.95 30.25 21.30
C GLY A 1324 -18.55 30.55 22.65
N LYS A 1325 -19.39 31.57 22.73
CA LYS A 1325 -20.03 31.93 23.99
C LYS A 1325 -21.15 30.95 24.29
N ASP A 1326 -21.03 30.25 25.43
CA ASP A 1326 -22.00 29.29 25.96
C ASP A 1326 -22.26 28.11 25.02
N GLY A 1327 -21.31 27.81 24.13
CA GLY A 1327 -21.48 26.72 23.19
C GLY A 1327 -22.58 26.93 22.16
N SER A 1328 -22.85 28.18 21.80
CA SER A 1328 -24.00 28.48 20.93
C SER A 1328 -23.74 28.09 19.49
N ASN A 1329 -22.49 28.18 19.03
CA ASN A 1329 -22.18 27.82 17.65
C ASN A 1329 -21.92 26.34 17.46
N LEU A 1330 -21.97 25.55 18.54
CA LEU A 1330 -21.82 24.11 18.42
C LEU A 1330 -23.03 23.50 17.73
N PRO A 1331 -22.85 22.41 16.99
CA PRO A 1331 -23.98 21.82 16.27
C PRO A 1331 -24.95 21.10 17.21
N ILE A 1332 -26.10 20.74 16.64
CA ILE A 1332 -27.12 20.01 17.38
C ILE A 1332 -26.60 18.61 17.71
N LEU A 1333 -26.90 18.15 18.93
CA LEU A 1333 -26.36 16.88 19.41
C LEU A 1333 -26.94 15.72 18.61
N PRO A 1334 -26.16 14.67 18.38
CA PRO A 1334 -26.69 13.49 17.70
C PRO A 1334 -27.73 12.78 18.55
N PRO A 1335 -28.64 12.04 17.93
CA PRO A 1335 -29.67 11.33 18.70
C PRO A 1335 -29.08 10.19 19.51
N GLN A 1336 -29.87 9.71 20.47
CA GLN A 1336 -29.44 8.67 21.39
C GLN A 1336 -30.26 7.42 21.20
N ARG A 1337 -29.59 6.31 20.88
CA ARG A 1337 -30.21 5.00 20.93
C ARG A 1337 -30.10 4.36 22.30
N ALA A 1338 -29.26 4.91 23.17
CA ALA A 1338 -29.00 4.41 24.51
C ALA A 1338 -28.62 5.61 25.37
N PRO A 1339 -28.78 5.50 26.71
CA PRO A 1339 -28.34 6.61 27.58
C PRO A 1339 -26.85 6.82 27.51
N ASN A 1340 -26.46 8.11 27.45
CA ASN A 1340 -25.12 8.66 27.15
C ASN A 1340 -24.34 7.82 26.15
N LEU A 1341 -24.96 7.55 25.01
CA LEU A 1341 -24.38 6.69 23.98
C LEU A 1341 -24.94 7.16 22.65
N TYR A 1342 -24.13 7.88 21.88
CA TYR A 1342 -24.62 8.65 20.75
C TYR A 1342 -24.44 7.86 19.45
N MET A 1343 -25.19 8.28 18.43
CA MET A 1343 -25.09 7.65 17.12
C MET A 1343 -24.43 8.59 16.12
N VAL A 1344 -23.92 8.02 15.03
CA VAL A 1344 -23.43 8.86 13.93
C VAL A 1344 -24.61 9.53 13.25
N PRO A 1345 -24.62 10.86 13.10
CA PRO A 1345 -25.84 11.54 12.65
C PRO A 1345 -26.08 11.35 11.16
N GLN A 1346 -27.19 11.92 10.69
CA GLN A 1346 -27.77 11.57 9.40
C GLN A 1346 -26.91 12.05 8.23
N GLY A 1347 -26.27 13.22 8.36
CA GLY A 1347 -25.50 13.75 7.25
C GLY A 1347 -24.10 13.20 7.12
N ILE A 1348 -23.61 12.49 8.12
CA ILE A 1348 -22.24 12.00 8.15
C ILE A 1348 -22.23 10.48 7.96
N ARG A 1349 -23.33 9.81 8.35
CA ARG A 1349 -23.42 8.37 8.20
C ARG A 1349 -23.51 8.00 6.72
N PRO A 1350 -23.06 6.80 6.36
CA PRO A 1350 -23.24 6.34 4.98
C PRO A 1350 -24.72 6.15 4.67
N VAL A 1351 -25.15 6.72 3.55
CA VAL A 1351 -26.56 6.71 3.18
C VAL A 1351 -26.96 5.29 2.74
N VAL A 1352 -27.69 4.60 3.60
CA VAL A 1352 -28.02 3.21 3.34
C VAL A 1352 -29.46 3.10 2.83
N GLN A 1353 -29.68 2.17 1.91
CA GLN A 1353 -31.01 1.83 1.45
C GLN A 1353 -31.15 0.31 1.48
N LEU A 1354 -32.35 -0.15 1.82
CA LEU A 1354 -32.57 -1.55 2.14
C LEU A 1354 -32.72 -2.36 0.86
N THR A 1355 -31.86 -3.35 0.69
CA THR A 1355 -31.82 -4.19 -0.51
C THR A 1355 -32.08 -5.64 -0.14
N ALA A 1356 -32.58 -6.40 -1.12
CA ALA A 1356 -32.72 -7.84 -1.03
C ALA A 1356 -31.64 -8.49 -1.87
N ILE A 1357 -30.65 -9.09 -1.21
CA ILE A 1357 -29.61 -9.83 -1.89
C ILE A 1357 -30.07 -11.28 -1.99
N GLU A 1358 -30.42 -11.70 -3.19
CA GLU A 1358 -30.90 -13.06 -3.45
C GLU A 1358 -29.77 -13.86 -4.08
N ILE A 1359 -29.50 -15.03 -3.53
CA ILE A 1359 -28.36 -15.85 -3.94
C ILE A 1359 -28.89 -17.16 -4.47
N LEU A 1360 -28.51 -17.50 -5.71
CA LEU A 1360 -28.81 -18.82 -6.27
C LEU A 1360 -27.64 -19.76 -6.01
N ALA A 1361 -27.48 -20.12 -4.73
CA ALA A 1361 -26.43 -21.04 -4.32
C ALA A 1361 -26.74 -22.45 -4.82
N TRP A 1362 -26.04 -22.89 -5.87
CA TRP A 1362 -26.36 -24.16 -6.51
C TRP A 1362 -25.31 -25.23 -6.30
N GLY A 1363 -24.06 -25.00 -6.66
CA GLY A 1363 -23.11 -26.10 -6.66
C GLY A 1363 -21.68 -25.63 -6.52
N LEU A 1364 -20.83 -26.59 -6.18
CA LEU A 1364 -19.40 -26.40 -6.02
C LEU A 1364 -18.66 -27.40 -6.91
N ARG A 1365 -17.71 -26.90 -7.69
CA ARG A 1365 -16.99 -27.71 -8.67
C ARG A 1365 -15.50 -27.63 -8.43
N ASN A 1366 -14.80 -28.74 -8.70
CA ASN A 1366 -13.34 -28.85 -8.74
C ASN A 1366 -12.71 -28.49 -7.40
N MET A 1367 -12.97 -29.33 -6.40
CA MET A 1367 -12.45 -29.12 -5.06
C MET A 1367 -10.99 -29.56 -4.94
N LYS A 1368 -10.32 -29.00 -3.93
CA LYS A 1368 -8.96 -29.37 -3.57
C LYS A 1368 -8.96 -29.89 -2.14
N ASN A 1369 -8.01 -30.77 -1.83
CA ASN A 1369 -7.99 -31.43 -0.53
C ASN A 1369 -7.50 -30.49 0.57
N PHE A 1370 -8.20 -30.51 1.71
CA PHE A 1370 -7.87 -29.73 2.89
C PHE A 1370 -6.96 -30.67 3.70
N GLN A 1371 -5.71 -30.24 3.92
CA GLN A 1371 -4.69 -31.00 4.67
C GLN A 1371 -4.49 -32.41 4.11
N MET A 1372 -4.44 -32.49 2.77
CA MET A 1372 -4.30 -33.73 2.00
C MET A 1372 -5.41 -34.73 2.32
N ALA A 1373 -6.63 -34.23 2.52
CA ALA A 1373 -7.80 -35.06 2.79
C ALA A 1373 -8.99 -34.53 2.00
N SER A 1374 -9.76 -35.44 1.42
CA SER A 1374 -10.83 -35.06 0.51
C SER A 1374 -12.00 -34.40 1.25
N ILE A 1375 -12.73 -33.58 0.51
CA ILE A 1375 -13.88 -32.84 1.04
C ILE A 1375 -15.13 -33.70 0.86
N THR A 1376 -15.91 -33.83 1.92
CA THR A 1376 -17.10 -34.68 1.91
C THR A 1376 -18.39 -33.95 2.25
N SER A 1377 -18.35 -32.93 3.11
CA SER A 1377 -19.59 -32.32 3.56
C SER A 1377 -19.51 -30.80 3.60
N PRO A 1378 -19.56 -30.12 2.46
CA PRO A 1378 -19.46 -28.65 2.47
C PRO A 1378 -20.81 -27.98 2.62
N SER A 1379 -20.76 -26.72 3.06
CA SER A 1379 -21.93 -25.87 3.21
C SER A 1379 -21.54 -24.44 2.89
N LEU A 1380 -22.53 -23.62 2.52
CA LEU A 1380 -22.26 -22.27 2.05
C LEU A 1380 -22.90 -21.24 2.96
N VAL A 1381 -22.12 -20.23 3.33
CA VAL A 1381 -22.57 -19.10 4.14
C VAL A 1381 -22.31 -17.83 3.34
N VAL A 1382 -23.32 -16.97 3.24
CA VAL A 1382 -23.19 -15.71 2.49
C VAL A 1382 -23.17 -14.56 3.48
N GLU A 1383 -22.16 -13.70 3.34
CA GLU A 1383 -21.98 -12.53 4.19
C GLU A 1383 -21.94 -11.28 3.33
N CYS A 1384 -22.56 -10.21 3.80
CA CYS A 1384 -22.46 -8.89 3.16
C CYS A 1384 -22.67 -7.85 4.24
N GLY A 1385 -21.58 -7.28 4.75
CA GLY A 1385 -21.67 -6.26 5.78
C GLY A 1385 -22.20 -6.75 7.11
N GLY A 1386 -21.85 -7.98 7.50
CA GLY A 1386 -22.26 -8.54 8.76
C GLY A 1386 -23.53 -9.35 8.74
N GLU A 1387 -24.37 -9.20 7.72
CA GLU A 1387 -25.58 -9.99 7.60
C GLU A 1387 -25.23 -11.41 7.18
N ARG A 1388 -25.92 -12.39 7.75
CA ARG A 1388 -25.56 -13.79 7.57
C ARG A 1388 -26.76 -14.63 7.17
N VAL A 1389 -26.56 -15.48 6.16
CA VAL A 1389 -27.49 -16.56 5.85
C VAL A 1389 -26.67 -17.81 5.63
N GLU A 1390 -27.28 -18.97 5.89
CA GLU A 1390 -26.62 -20.26 5.76
C GLU A 1390 -27.43 -21.19 4.88
N SER A 1391 -26.75 -22.15 4.26
CA SER A 1391 -27.38 -23.11 3.38
C SER A 1391 -27.39 -24.50 4.01
N VAL A 1392 -28.18 -25.39 3.41
CA VAL A 1392 -28.24 -26.78 3.87
C VAL A 1392 -26.94 -27.48 3.50
N VAL A 1393 -26.37 -28.19 4.48
CA VAL A 1393 -25.09 -28.86 4.28
C VAL A 1393 -25.26 -30.06 3.36
N ILE A 1394 -24.33 -30.20 2.41
CA ILE A 1394 -24.31 -31.36 1.53
C ILE A 1394 -23.88 -32.58 2.32
N LYS A 1395 -24.66 -33.66 2.25
CA LYS A 1395 -24.30 -34.87 2.97
C LYS A 1395 -23.19 -35.65 2.27
N ASN A 1396 -23.15 -35.63 0.93
CA ASN A 1396 -22.13 -36.36 0.19
C ASN A 1396 -21.76 -35.52 -1.03
N LEU A 1397 -20.54 -34.97 -1.03
CA LEU A 1397 -20.14 -34.05 -2.09
C LEU A 1397 -19.86 -34.78 -3.39
N LYS A 1398 -19.33 -36.00 -3.31
CA LYS A 1398 -19.02 -36.77 -4.52
C LYS A 1398 -20.29 -37.25 -5.20
N LYS A 1399 -21.33 -37.55 -4.42
CA LYS A 1399 -22.55 -38.09 -4.99
C LYS A 1399 -23.50 -36.98 -5.46
N THR A 1400 -23.86 -36.07 -4.56
CA THR A 1400 -24.76 -34.96 -4.87
C THR A 1400 -24.12 -33.63 -4.47
N PRO A 1401 -23.37 -33.02 -5.39
CA PRO A 1401 -22.71 -31.74 -5.06
C PRO A 1401 -23.61 -30.51 -5.18
N ASN A 1402 -24.93 -30.69 -5.22
CA ASN A 1402 -25.86 -29.57 -5.38
C ASN A 1402 -26.61 -29.33 -4.08
N PHE A 1403 -26.74 -28.06 -3.71
CA PHE A 1403 -27.45 -27.68 -2.49
C PHE A 1403 -28.93 -27.96 -2.63
N PRO A 1404 -29.56 -28.61 -1.63
CA PRO A 1404 -31.04 -28.63 -1.60
C PRO A 1404 -31.65 -27.25 -1.47
N SER A 1405 -31.01 -26.34 -0.74
CA SER A 1405 -31.47 -24.95 -0.62
C SER A 1405 -30.85 -24.13 -1.76
N SER A 1406 -31.58 -24.10 -2.88
CA SER A 1406 -31.11 -23.39 -4.06
C SER A 1406 -31.16 -21.87 -3.90
N VAL A 1407 -32.15 -21.35 -3.18
CA VAL A 1407 -32.37 -19.91 -3.07
C VAL A 1407 -32.20 -19.50 -1.61
N LEU A 1408 -31.43 -18.43 -1.38
CA LEU A 1408 -31.25 -17.86 -0.06
C LEU A 1408 -31.60 -16.38 -0.10
N PHE A 1409 -31.92 -15.83 1.07
CA PHE A 1409 -32.29 -14.43 1.21
C PHE A 1409 -31.44 -13.74 2.26
N MET A 1410 -31.03 -12.52 1.97
CA MET A 1410 -30.51 -11.59 2.96
C MET A 1410 -31.15 -10.23 2.73
N LYS A 1411 -31.44 -9.53 3.82
CA LYS A 1411 -31.98 -8.17 3.76
C LYS A 1411 -30.96 -7.24 4.39
N VAL A 1412 -30.15 -6.59 3.56
CA VAL A 1412 -29.01 -5.81 4.02
C VAL A 1412 -29.23 -4.34 3.67
N PHE A 1413 -29.00 -3.46 4.65
CA PHE A 1413 -28.91 -2.03 4.39
C PHE A 1413 -27.55 -1.76 3.73
N LEU A 1414 -27.56 -1.57 2.41
CA LEU A 1414 -26.29 -1.33 1.75
C LEU A 1414 -26.14 0.14 1.39
N PRO A 1415 -24.93 0.68 1.48
CA PRO A 1415 -24.72 2.08 1.11
C PRO A 1415 -24.87 2.32 -0.38
N LYS A 1416 -25.44 3.48 -0.72
CA LYS A 1416 -25.58 3.86 -2.13
C LYS A 1416 -24.23 4.23 -2.73
N GLU A 1417 -23.34 4.80 -1.92
CA GLU A 1417 -22.01 5.13 -2.40
C GLU A 1417 -21.19 3.87 -2.61
N GLU A 1418 -20.40 3.84 -3.68
CA GLU A 1418 -19.58 2.68 -3.98
C GLU A 1418 -18.44 2.51 -2.98
N LEU A 1419 -17.95 3.63 -2.43
CA LEU A 1419 -16.82 3.60 -1.51
C LEU A 1419 -17.19 2.96 -0.18
N TYR A 1420 -18.32 3.37 0.40
CA TYR A 1420 -18.69 2.89 1.73
C TYR A 1420 -19.24 1.47 1.70
N MET A 1421 -19.65 0.98 0.53
CA MET A 1421 -20.40 -0.25 0.42
C MET A 1421 -19.48 -1.46 0.56
N PRO A 1422 -19.79 -2.38 1.46
CA PRO A 1422 -18.84 -3.43 1.86
C PRO A 1422 -18.75 -4.53 0.81
N PRO A 1423 -17.59 -5.20 0.72
CA PRO A 1423 -17.48 -6.34 -0.21
C PRO A 1423 -18.26 -7.54 0.27
N LEU A 1424 -18.66 -8.39 -0.68
CA LEU A 1424 -19.40 -9.60 -0.38
C LEU A 1424 -18.42 -10.75 -0.17
N VAL A 1425 -18.54 -11.43 0.98
CA VAL A 1425 -17.64 -12.50 1.36
C VAL A 1425 -18.43 -13.79 1.55
N ILE A 1426 -17.98 -14.86 0.91
CA ILE A 1426 -18.62 -16.16 0.99
C ILE A 1426 -17.71 -17.08 1.80
N LYS A 1427 -18.30 -17.85 2.70
CA LYS A 1427 -17.58 -18.82 3.52
C LYS A 1427 -18.04 -20.24 3.17
N VAL A 1428 -17.10 -21.18 3.17
CA VAL A 1428 -17.41 -22.59 2.97
C VAL A 1428 -16.94 -23.35 4.20
N ILE A 1429 -17.85 -24.10 4.82
CA ILE A 1429 -17.57 -24.82 6.06
C ILE A 1429 -17.76 -26.31 5.81
N ASP A 1430 -16.76 -27.10 6.19
CA ASP A 1430 -16.79 -28.55 5.97
C ASP A 1430 -17.04 -29.26 7.29
N HIS A 1431 -18.00 -30.18 7.30
CA HIS A 1431 -18.39 -30.93 8.50
C HIS A 1431 -17.42 -32.11 8.68
N ARG A 1432 -16.28 -31.80 9.27
CA ARG A 1432 -15.22 -32.77 9.50
C ARG A 1432 -15.30 -33.31 10.93
N GLN A 1433 -14.24 -34.01 11.34
CA GLN A 1433 -14.18 -34.63 12.65
C GLN A 1433 -14.03 -33.59 13.76
N PHE A 1434 -14.14 -34.06 15.00
CA PHE A 1434 -13.95 -33.33 16.25
C PHE A 1434 -14.93 -32.17 16.44
N GLY A 1435 -16.02 -32.12 15.68
CA GLY A 1435 -16.92 -30.98 15.73
C GLY A 1435 -16.30 -29.69 15.25
N ARG A 1436 -15.38 -29.77 14.30
CA ARG A 1436 -14.59 -28.62 13.88
C ARG A 1436 -15.43 -27.71 12.98
N LYS A 1437 -15.01 -26.44 12.91
CA LYS A 1437 -15.57 -25.46 11.98
C LYS A 1437 -14.46 -24.83 11.14
N PRO A 1438 -13.97 -25.55 10.12
CA PRO A 1438 -12.89 -24.98 9.31
C PRO A 1438 -13.41 -24.27 8.08
N VAL A 1439 -12.54 -23.45 7.48
CA VAL A 1439 -12.87 -22.70 6.26
C VAL A 1439 -12.06 -23.32 5.14
N VAL A 1440 -12.73 -24.12 4.30
CA VAL A 1440 -12.04 -24.76 3.18
C VAL A 1440 -12.09 -23.90 1.92
N GLY A 1441 -12.78 -22.75 1.96
CA GLY A 1441 -12.85 -21.89 0.79
C GLY A 1441 -13.52 -20.59 1.14
N GLN A 1442 -13.00 -19.51 0.54
CA GLN A 1442 -13.58 -18.19 0.74
C GLN A 1442 -13.57 -17.44 -0.59
N CYS A 1443 -14.58 -16.60 -0.78
CA CYS A 1443 -14.75 -15.87 -2.03
C CYS A 1443 -15.00 -14.41 -1.72
N THR A 1444 -14.57 -13.54 -2.64
CA THR A 1444 -14.81 -12.11 -2.53
C THR A 1444 -15.35 -11.57 -3.86
N ILE A 1445 -16.39 -10.74 -3.75
CA ILE A 1445 -17.06 -10.13 -4.89
C ILE A 1445 -17.13 -8.63 -4.63
N GLU A 1446 -16.70 -7.84 -5.61
CA GLU A 1446 -16.66 -6.38 -5.49
C GLU A 1446 -17.55 -5.67 -6.51
N ARG A 1447 -17.83 -6.31 -7.65
CA ARG A 1447 -18.61 -5.66 -8.69
C ARG A 1447 -20.11 -5.93 -8.52
N LEU A 1448 -20.65 -5.55 -7.35
CA LEU A 1448 -22.05 -5.77 -7.03
C LEU A 1448 -23.01 -4.79 -7.72
N ASP A 1449 -22.51 -3.89 -8.57
CA ASP A 1449 -23.34 -3.05 -9.41
C ASP A 1449 -23.92 -3.85 -10.58
N ARG A 1450 -23.36 -5.03 -10.87
CA ARG A 1450 -23.75 -5.82 -12.03
C ARG A 1450 -25.17 -6.35 -11.91
N PHE A 1451 -25.56 -6.79 -10.72
CA PHE A 1451 -26.71 -7.67 -10.55
C PHE A 1451 -28.00 -6.91 -10.24
N ARG A 1452 -28.15 -5.69 -10.75
CA ARG A 1452 -29.40 -4.95 -10.57
C ARG A 1452 -30.50 -5.52 -11.44
N GLU A 1499 -31.64 -34.20 -56.74
CA GLU A 1499 -32.49 -34.69 -55.66
C GLU A 1499 -31.66 -34.93 -54.40
N GLU A 1500 -30.47 -35.50 -54.60
CA GLU A 1500 -29.47 -35.86 -53.59
C GLU A 1500 -29.96 -36.90 -52.57
N ILE A 1501 -29.05 -37.37 -51.71
CA ILE A 1501 -29.39 -38.46 -50.79
C ILE A 1501 -30.04 -37.95 -49.50
N VAL A 1502 -30.07 -36.63 -49.29
CA VAL A 1502 -30.68 -35.93 -48.16
C VAL A 1502 -30.05 -36.45 -46.86
N ASP A 1503 -28.74 -36.30 -46.75
CA ASP A 1503 -27.99 -36.60 -45.53
C ASP A 1503 -27.53 -35.29 -44.86
N TRP A 1504 -26.68 -35.40 -43.85
CA TRP A 1504 -26.20 -34.18 -43.18
C TRP A 1504 -25.12 -33.46 -43.97
N TRP A 1505 -24.37 -34.17 -44.81
CA TRP A 1505 -23.39 -33.48 -45.63
C TRP A 1505 -24.08 -32.58 -46.66
N SER A 1506 -25.20 -33.04 -47.21
CA SER A 1506 -25.98 -32.23 -48.14
C SER A 1506 -26.59 -31.01 -47.46
N LYS A 1507 -27.12 -31.19 -46.24
CA LYS A 1507 -27.71 -30.05 -45.52
C LYS A 1507 -26.62 -29.08 -45.06
N PHE A 1508 -25.43 -29.60 -44.74
CA PHE A 1508 -24.29 -28.76 -44.39
C PHE A 1508 -23.87 -27.90 -45.59
N TYR A 1509 -23.82 -28.50 -46.78
CA TYR A 1509 -23.44 -27.73 -47.96
C TYR A 1509 -24.57 -26.79 -48.38
N ALA A 1510 -25.82 -27.14 -48.09
CA ALA A 1510 -26.94 -26.27 -48.43
C ALA A 1510 -26.97 -25.04 -47.53
N SER A 1511 -26.70 -25.22 -46.24
CA SER A 1511 -26.69 -24.09 -45.31
C SER A 1511 -25.43 -23.25 -45.48
N SER A 1512 -24.30 -23.89 -45.79
CA SER A 1512 -23.05 -23.15 -45.93
C SER A 1512 -23.03 -22.33 -47.22
N GLY A 1513 -23.65 -22.83 -48.29
CA GLY A 1513 -23.53 -22.20 -49.58
C GLY A 1513 -22.23 -22.46 -50.29
N GLU A 1514 -21.42 -23.41 -49.82
CA GLU A 1514 -20.14 -23.70 -50.44
C GLU A 1514 -20.32 -24.40 -51.78
N HIS A 1515 -21.31 -25.28 -51.89
CA HIS A 1515 -21.49 -26.06 -53.11
C HIS A 1515 -22.91 -25.91 -53.64
N GLU A 1516 -22.97 -25.50 -54.92
CA GLU A 1516 -24.11 -25.35 -55.84
C GLU A 1516 -25.01 -24.15 -55.53
N LYS A 1517 -25.02 -23.71 -54.27
CA LYS A 1517 -25.42 -22.40 -53.73
C LYS A 1517 -26.89 -21.98 -53.89
N CYS A 1518 -27.65 -22.64 -54.76
CA CYS A 1518 -29.05 -22.29 -54.99
C CYS A 1518 -29.84 -23.52 -55.45
N GLY A 1519 -29.23 -24.70 -55.35
CA GLY A 1519 -29.61 -25.84 -56.17
C GLY A 1519 -30.93 -26.48 -55.77
N GLN A 1520 -31.18 -27.64 -56.41
CA GLN A 1520 -32.48 -28.30 -56.29
C GLN A 1520 -32.68 -28.90 -54.90
N TYR A 1521 -31.59 -29.21 -54.20
CA TYR A 1521 -31.70 -29.64 -52.81
C TYR A 1521 -32.16 -28.49 -51.92
N ILE A 1522 -31.68 -27.27 -52.20
CA ILE A 1522 -32.12 -26.10 -51.46
C ILE A 1522 -33.57 -25.76 -51.79
N GLN A 1523 -33.98 -26.01 -53.04
CA GLN A 1523 -35.34 -25.74 -53.49
C GLN A 1523 -36.36 -26.73 -52.95
N LYS A 1524 -35.95 -27.72 -52.16
CA LYS A 1524 -36.90 -28.58 -51.46
C LYS A 1524 -37.33 -27.99 -50.12
N GLY A 1525 -36.78 -26.84 -49.72
CA GLY A 1525 -37.18 -26.18 -48.50
C GLY A 1525 -36.78 -26.88 -47.21
N TYR A 1526 -35.57 -27.43 -47.15
CA TYR A 1526 -35.13 -28.11 -45.94
C TYR A 1526 -34.70 -27.10 -44.88
N SER A 1527 -34.51 -27.58 -43.66
CA SER A 1527 -34.02 -26.75 -42.57
C SER A 1527 -32.57 -26.37 -42.82
N LYS A 1528 -32.22 -25.13 -42.50
CA LYS A 1528 -30.88 -24.61 -42.70
C LYS A 1528 -30.24 -24.28 -41.35
N LEU A 1529 -29.06 -24.84 -41.12
CA LEU A 1529 -28.29 -24.58 -39.91
C LEU A 1529 -27.45 -23.31 -40.10
N LYS A 1530 -26.68 -22.98 -39.06
CA LYS A 1530 -25.83 -21.81 -39.05
C LYS A 1530 -24.43 -22.18 -38.61
N ILE A 1531 -23.42 -21.72 -39.35
CA ILE A 1531 -22.03 -22.00 -39.06
C ILE A 1531 -21.43 -20.79 -38.35
N TYR A 1532 -20.88 -21.02 -37.15
CA TYR A 1532 -20.24 -19.98 -36.38
C TYR A 1532 -18.74 -20.22 -36.33
N ASN A 1533 -17.97 -19.21 -36.74
CA ASN A 1533 -16.52 -19.34 -36.82
C ASN A 1533 -15.83 -19.25 -35.46
N CYS A 1534 -16.55 -18.92 -34.40
CA CYS A 1534 -16.00 -18.82 -33.05
C CYS A 1534 -16.81 -19.71 -32.13
N GLU A 1535 -16.56 -19.57 -30.83
CA GLU A 1535 -17.29 -20.35 -29.83
C GLU A 1535 -18.71 -19.83 -29.67
N LEU A 1536 -19.58 -20.71 -29.16
CA LEU A 1536 -20.89 -20.26 -28.71
C LEU A 1536 -20.78 -19.40 -27.45
N GLU A 1537 -19.72 -19.60 -26.67
CA GLU A 1537 -19.47 -18.78 -25.49
C GLU A 1537 -19.08 -17.36 -25.90
N ASN A 1538 -18.45 -17.20 -27.06
CA ASN A 1538 -18.08 -15.88 -27.56
C ASN A 1538 -19.23 -15.19 -28.30
N VAL A 1539 -20.35 -15.88 -28.49
CA VAL A 1539 -21.53 -15.26 -29.11
C VAL A 1539 -22.28 -14.48 -28.04
N ALA A 1540 -22.47 -13.18 -28.28
CA ALA A 1540 -23.14 -12.32 -27.31
C ALA A 1540 -24.65 -12.45 -27.37
N GLU A 1541 -25.18 -13.16 -28.38
CA GLU A 1541 -26.62 -13.34 -28.48
C GLU A 1541 -27.15 -14.30 -27.41
N PHE A 1542 -26.41 -15.37 -27.14
CA PHE A 1542 -26.82 -16.37 -26.15
C PHE A 1542 -26.14 -16.16 -24.80
N GLU A 1543 -25.51 -14.99 -24.60
CA GLU A 1543 -24.91 -14.56 -23.32
C GLU A 1543 -23.79 -15.51 -22.86
N GLY A 1544 -23.20 -16.24 -23.79
CA GLY A 1544 -22.13 -17.16 -23.45
C GLY A 1544 -22.57 -18.44 -22.77
N LEU A 1545 -23.87 -18.69 -22.68
CA LEU A 1545 -24.51 -19.81 -21.98
C LEU A 1545 -24.10 -19.90 -20.51
N THR A 1546 -23.92 -18.77 -19.84
CA THR A 1546 -23.44 -18.74 -18.47
C THR A 1546 -24.37 -17.93 -17.56
N ASP A 1547 -25.50 -17.43 -18.11
CA ASP A 1547 -26.34 -16.46 -17.41
C ASP A 1547 -27.01 -17.07 -16.17
N PHE A 1548 -27.45 -18.32 -16.26
CA PHE A 1548 -28.05 -18.98 -15.11
C PHE A 1548 -27.02 -19.50 -14.12
N SER A 1549 -25.75 -19.58 -14.53
CA SER A 1549 -24.70 -20.21 -13.75
C SER A 1549 -23.41 -19.40 -13.79
N ASP A 1550 -23.49 -18.10 -13.42
CA ASP A 1550 -22.31 -17.25 -13.35
C ASP A 1550 -21.28 -17.81 -12.37
N THR A 1551 -20.03 -17.91 -12.83
CA THR A 1551 -19.01 -18.68 -12.14
C THR A 1551 -18.07 -17.74 -11.38
N PHE A 1552 -17.63 -18.19 -10.21
CA PHE A 1552 -16.78 -17.40 -9.32
C PHE A 1552 -15.60 -18.25 -8.85
N LYS A 1553 -14.71 -17.61 -8.07
CA LYS A 1553 -13.38 -18.14 -7.83
C LYS A 1553 -13.09 -18.06 -6.34
N LEU A 1554 -12.56 -19.16 -5.78
CA LEU A 1554 -12.37 -19.30 -4.35
C LEU A 1554 -10.89 -19.31 -3.96
N TYR A 1555 -10.63 -19.28 -2.65
CA TYR A 1555 -9.29 -19.13 -2.11
C TYR A 1555 -9.21 -19.82 -0.76
N ARG A 1556 -7.98 -20.03 -0.27
CA ARG A 1556 -7.77 -20.64 1.03
C ARG A 1556 -6.44 -20.17 1.61
N GLY A 1557 -6.43 -19.97 2.93
CA GLY A 1557 -5.20 -19.69 3.63
C GLY A 1557 -4.80 -18.22 3.61
N LYS A 1558 -3.55 -17.97 3.97
CA LYS A 1558 -3.01 -16.62 4.05
C LYS A 1558 -1.67 -16.60 3.33
N SER A 1559 -1.38 -15.48 2.66
CA SER A 1559 -0.13 -15.31 1.93
C SER A 1559 1.08 -15.24 2.87
N PRO A 1565 -1.24 -17.62 -2.24
CA PRO A 1565 -2.38 -18.54 -2.33
C PRO A 1565 -2.62 -19.01 -3.77
N SER A 1566 -3.49 -20.00 -3.95
CA SER A 1566 -3.71 -20.59 -5.26
C SER A 1566 -5.13 -21.11 -5.38
N VAL A 1567 -5.37 -21.89 -6.42
CA VAL A 1567 -6.68 -22.41 -6.79
C VAL A 1567 -7.08 -23.54 -5.85
N VAL A 1568 -8.26 -23.43 -5.22
CA VAL A 1568 -8.76 -24.49 -4.35
C VAL A 1568 -10.15 -24.95 -4.78
N GLY A 1569 -10.87 -24.11 -5.51
CA GLY A 1569 -12.22 -24.47 -5.90
C GLY A 1569 -12.92 -23.33 -6.60
N GLU A 1570 -14.09 -23.66 -7.16
CA GLU A 1570 -14.92 -22.72 -7.89
C GLU A 1570 -16.39 -22.95 -7.53
N PHE A 1571 -17.04 -21.89 -7.02
CA PHE A 1571 -18.47 -21.92 -6.75
C PHE A 1571 -19.18 -21.09 -7.81
N LYS A 1572 -20.29 -21.60 -8.33
CA LYS A 1572 -21.06 -20.87 -9.32
C LYS A 1572 -22.52 -20.80 -8.92
N GLY A 1573 -23.20 -19.76 -9.41
CA GLY A 1573 -24.57 -19.46 -9.06
C GLY A 1573 -24.84 -17.98 -9.19
N SER A 1574 -25.99 -17.62 -9.77
CA SER A 1574 -26.25 -16.24 -10.13
C SER A 1574 -26.70 -15.43 -8.92
N PHE A 1575 -26.16 -14.23 -8.78
CA PHE A 1575 -26.63 -13.29 -7.77
C PHE A 1575 -27.62 -12.31 -8.38
N ARG A 1576 -28.57 -11.88 -7.55
CA ARG A 1576 -29.51 -10.84 -7.93
C ARG A 1576 -29.64 -9.87 -6.77
N ILE A 1577 -28.94 -8.74 -6.88
CA ILE A 1577 -28.92 -7.72 -5.85
C ILE A 1577 -29.80 -6.58 -6.33
N TYR A 1578 -31.02 -6.53 -5.82
CA TYR A 1578 -32.06 -5.61 -6.25
C TYR A 1578 -32.60 -4.92 -5.01
N PRO A 1579 -33.15 -3.72 -5.15
CA PRO A 1579 -33.68 -3.00 -3.98
C PRO A 1579 -34.92 -3.69 -3.40
N LEU A 1580 -34.88 -3.93 -2.09
CA LEU A 1580 -36.05 -4.31 -1.31
C LEU A 1580 -37.00 -3.13 -1.20
N PRO A 1581 -38.29 -3.38 -0.99
CA PRO A 1581 -39.21 -2.28 -0.65
C PRO A 1581 -38.82 -1.60 0.65
N ASP A 1582 -39.11 -0.30 0.73
CA ASP A 1582 -38.56 0.58 1.75
C ASP A 1582 -39.07 0.28 3.15
N ASP A 1583 -40.19 -0.41 3.29
CA ASP A 1583 -40.67 -0.78 4.62
C ASP A 1583 -40.01 -2.09 5.06
N PRO A 1584 -39.27 -2.09 6.18
CA PRO A 1584 -38.66 -3.35 6.65
C PRO A 1584 -39.66 -4.39 7.10
N SER A 1585 -40.82 -3.96 7.62
CA SER A 1585 -41.83 -4.91 8.08
C SER A 1585 -42.59 -5.56 6.92
N VAL A 1586 -42.57 -4.94 5.74
CA VAL A 1586 -43.24 -5.52 4.56
C VAL A 1586 -42.44 -6.74 4.09
N PRO A 1587 -43.09 -7.87 3.79
CA PRO A 1587 -42.36 -9.08 3.41
C PRO A 1587 -41.76 -9.00 2.01
N ALA A 1588 -41.26 -10.14 1.57
CA ALA A 1588 -40.39 -10.22 0.39
C ALA A 1588 -41.15 -9.91 -0.90
N PRO A 1589 -40.48 -9.33 -1.88
CA PRO A 1589 -41.04 -9.21 -3.23
C PRO A 1589 -41.03 -10.57 -3.91
N PRO A 1590 -41.75 -10.75 -5.02
CA PRO A 1590 -41.65 -12.03 -5.74
C PRO A 1590 -40.25 -12.27 -6.30
N ARG A 1591 -39.84 -13.53 -6.25
CA ARG A 1591 -38.45 -13.92 -6.41
C ARG A 1591 -37.99 -13.72 -7.86
N GLN A 1592 -36.72 -13.34 -8.01
CA GLN A 1592 -36.10 -13.37 -9.33
C GLN A 1592 -35.71 -14.78 -9.75
N PHE A 1593 -35.64 -15.71 -8.79
CA PHE A 1593 -35.42 -17.12 -9.08
C PHE A 1593 -36.69 -17.88 -8.73
N ARG A 1594 -37.51 -18.14 -9.74
CA ARG A 1594 -38.82 -18.77 -9.55
C ARG A 1594 -38.99 -20.07 -10.30
N GLU A 1595 -38.02 -20.49 -11.11
CA GLU A 1595 -38.14 -21.67 -11.96
C GLU A 1595 -36.98 -22.64 -11.75
N LEU A 1596 -36.75 -23.05 -10.51
CA LEU A 1596 -35.71 -24.02 -10.22
C LEU A 1596 -36.02 -25.35 -10.92
N PRO A 1597 -35.13 -25.86 -11.77
CA PRO A 1597 -35.36 -27.16 -12.41
C PRO A 1597 -35.06 -28.32 -11.47
N ASP A 1598 -35.02 -29.53 -12.01
CA ASP A 1598 -34.63 -30.69 -11.24
C ASP A 1598 -33.18 -30.57 -10.80
N SER A 1599 -32.98 -30.27 -9.51
CA SER A 1599 -31.65 -29.92 -9.01
C SER A 1599 -30.84 -31.13 -8.59
N VAL A 1600 -31.44 -32.31 -8.55
CA VAL A 1600 -30.68 -33.54 -8.27
C VAL A 1600 -29.94 -33.92 -9.54
N PRO A 1601 -28.80 -34.60 -9.45
CA PRO A 1601 -28.10 -35.04 -10.66
C PRO A 1601 -28.88 -36.08 -11.45
N GLN A 1602 -28.75 -36.02 -12.77
CA GLN A 1602 -29.41 -36.94 -13.68
C GLN A 1602 -28.39 -37.57 -14.60
N GLU A 1603 -28.57 -38.86 -14.89
CA GLU A 1603 -27.80 -39.51 -15.93
C GLU A 1603 -28.26 -38.99 -17.29
N CYS A 1604 -27.31 -38.62 -18.14
CA CYS A 1604 -27.61 -38.01 -19.43
C CYS A 1604 -26.87 -38.73 -20.54
N THR A 1605 -27.53 -38.86 -21.70
CA THR A 1605 -26.91 -39.39 -22.90
C THR A 1605 -26.39 -38.24 -23.75
N VAL A 1606 -25.12 -38.31 -24.12
CA VAL A 1606 -24.49 -37.29 -24.95
C VAL A 1606 -24.18 -37.90 -26.32
N ARG A 1607 -24.19 -37.05 -27.35
CA ARG A 1607 -23.88 -37.46 -28.71
C ARG A 1607 -23.04 -36.37 -29.34
N ILE A 1608 -21.74 -36.62 -29.51
CA ILE A 1608 -20.81 -35.62 -30.00
C ILE A 1608 -20.58 -35.84 -31.48
N TYR A 1609 -20.75 -34.78 -32.26
CA TYR A 1609 -20.60 -34.80 -33.72
C TYR A 1609 -19.37 -33.98 -34.07
N ILE A 1610 -18.46 -34.56 -34.85
CA ILE A 1610 -17.26 -33.89 -35.31
C ILE A 1610 -17.28 -33.87 -36.83
N VAL A 1611 -17.11 -32.68 -37.41
CA VAL A 1611 -17.28 -32.51 -38.86
C VAL A 1611 -15.94 -32.49 -39.58
N ARG A 1612 -15.13 -31.48 -39.31
CA ARG A 1612 -13.88 -31.30 -40.04
C ARG A 1612 -12.94 -30.39 -39.28
N GLY A 1613 -11.65 -30.73 -39.29
CA GLY A 1613 -10.63 -29.82 -38.79
C GLY A 1613 -10.04 -29.00 -39.92
N LEU A 1614 -9.52 -27.83 -39.57
CA LEU A 1614 -8.88 -26.92 -40.51
C LEU A 1614 -7.58 -26.40 -39.92
N GLU A 1615 -6.53 -26.38 -40.75
CA GLU A 1615 -5.25 -25.72 -40.46
C GLU A 1615 -4.56 -26.25 -39.20
N LEU A 1616 -4.49 -27.56 -39.05
CA LEU A 1616 -3.83 -28.15 -37.90
C LEU A 1616 -2.31 -28.08 -38.04
N GLN A 1617 -1.62 -28.05 -36.91
CA GLN A 1617 -0.17 -28.03 -36.92
C GLN A 1617 0.38 -29.40 -37.28
N PRO A 1618 1.38 -29.47 -38.16
CA PRO A 1618 2.03 -30.76 -38.44
C PRO A 1618 2.79 -31.28 -37.23
N GLN A 1619 2.76 -32.60 -37.05
CA GLN A 1619 3.41 -33.24 -35.91
C GLN A 1619 4.36 -34.35 -36.33
N ASP A 1620 4.74 -34.44 -37.60
CA ASP A 1620 5.49 -35.56 -38.12
C ASP A 1620 6.80 -35.10 -38.75
N ASN A 1621 7.63 -36.07 -39.12
CA ASN A 1621 8.88 -35.78 -39.81
C ASN A 1621 8.65 -35.47 -41.29
N ASN A 1622 7.46 -35.81 -41.82
CA ASN A 1622 7.16 -35.56 -43.22
C ASN A 1622 6.56 -34.19 -43.46
N GLY A 1623 6.43 -33.36 -42.43
CA GLY A 1623 5.88 -32.03 -42.57
C GLY A 1623 4.36 -31.96 -42.56
N LEU A 1624 3.69 -33.04 -42.19
CA LEU A 1624 2.23 -33.09 -42.17
C LEU A 1624 1.79 -33.69 -40.85
N CYS A 1625 0.50 -34.02 -40.76
CA CYS A 1625 -0.06 -34.60 -39.54
C CYS A 1625 -0.95 -35.76 -39.92
N ASP A 1626 -1.13 -36.69 -38.97
CA ASP A 1626 -2.04 -37.83 -39.12
C ASP A 1626 -3.03 -37.80 -37.97
N PRO A 1627 -3.97 -36.84 -37.98
CA PRO A 1627 -4.75 -36.56 -36.77
C PRO A 1627 -5.87 -37.55 -36.52
N TYR A 1628 -6.29 -37.62 -35.26
CA TYR A 1628 -7.42 -38.43 -34.84
C TYR A 1628 -8.03 -37.81 -33.59
N ILE A 1629 -9.06 -38.47 -33.05
CA ILE A 1629 -9.88 -37.90 -31.98
C ILE A 1629 -9.65 -38.68 -30.69
N LYS A 1630 -9.51 -37.96 -29.58
CA LYS A 1630 -9.41 -38.61 -28.27
C LYS A 1630 -10.33 -37.90 -27.28
N ILE A 1631 -11.24 -38.66 -26.66
CA ILE A 1631 -12.31 -38.13 -25.83
C ILE A 1631 -12.21 -38.77 -24.45
N THR A 1632 -12.39 -37.96 -23.40
CA THR A 1632 -12.52 -38.45 -22.03
C THR A 1632 -13.68 -37.77 -21.34
N LEU A 1633 -14.61 -38.57 -20.83
CA LEU A 1633 -15.71 -38.11 -19.97
C LEU A 1633 -15.61 -38.85 -18.64
N GLY A 1634 -14.80 -38.32 -17.73
CA GLY A 1634 -14.65 -38.90 -16.41
C GLY A 1634 -14.06 -40.30 -16.41
N LYS A 1635 -14.90 -41.29 -16.11
CA LYS A 1635 -14.46 -42.68 -16.05
C LYS A 1635 -14.40 -43.36 -17.41
N LYS A 1636 -14.98 -42.77 -18.45
CA LYS A 1636 -15.06 -43.39 -19.76
C LYS A 1636 -14.10 -42.69 -20.73
N VAL A 1637 -13.25 -43.48 -21.38
CA VAL A 1637 -12.26 -42.95 -22.32
C VAL A 1637 -12.47 -43.64 -23.67
N ILE A 1638 -12.66 -42.83 -24.71
CA ILE A 1638 -12.69 -43.30 -26.10
C ILE A 1638 -11.43 -42.80 -26.78
N GLU A 1639 -10.65 -43.72 -27.35
CA GLU A 1639 -9.54 -43.38 -28.22
C GLU A 1639 -9.89 -43.83 -29.63
N ASP A 1640 -10.17 -42.88 -30.51
CA ASP A 1640 -10.54 -43.15 -31.90
C ASP A 1640 -9.33 -43.45 -32.77
N ARG A 1641 -8.76 -44.64 -32.61
CA ARG A 1641 -7.43 -44.89 -33.15
C ARG A 1641 -7.48 -45.21 -34.64
N ASP A 1642 -8.15 -46.29 -35.02
CA ASP A 1642 -8.04 -46.84 -36.37
C ASP A 1642 -8.88 -46.11 -37.44
N HIS A 1643 -9.56 -45.01 -37.09
CA HIS A 1643 -10.17 -44.13 -38.08
C HIS A 1643 -9.38 -42.84 -38.28
N TYR A 1644 -8.05 -42.92 -38.28
CA TYR A 1644 -7.23 -41.76 -38.56
C TYR A 1644 -7.26 -41.39 -40.04
N ILE A 1645 -6.96 -40.14 -40.33
CA ILE A 1645 -6.93 -39.62 -41.70
C ILE A 1645 -5.48 -39.34 -42.08
N PRO A 1646 -4.96 -39.94 -43.15
CA PRO A 1646 -3.52 -39.85 -43.42
C PRO A 1646 -3.12 -38.59 -44.18
N ASN A 1647 -2.09 -37.92 -43.64
CA ASN A 1647 -1.27 -36.92 -44.33
C ASN A 1647 -2.08 -35.70 -44.77
N THR A 1648 -2.76 -35.08 -43.83
CA THR A 1648 -3.52 -33.87 -44.11
C THR A 1648 -3.47 -32.93 -42.91
N LEU A 1649 -3.60 -31.63 -43.20
CA LEU A 1649 -3.83 -30.64 -42.17
C LEU A 1649 -5.27 -30.16 -42.12
N ASN A 1650 -6.14 -30.71 -42.97
CA ASN A 1650 -7.57 -30.41 -42.97
C ASN A 1650 -8.37 -31.71 -42.91
N PRO A 1651 -8.49 -32.32 -41.72
CA PRO A 1651 -9.11 -33.66 -41.65
C PRO A 1651 -10.62 -33.66 -41.64
N VAL A 1652 -11.24 -34.13 -42.73
CA VAL A 1652 -12.69 -34.24 -42.77
C VAL A 1652 -13.10 -35.51 -42.05
N PHE A 1653 -13.41 -35.39 -40.75
CA PHE A 1653 -13.70 -36.57 -39.94
C PHE A 1653 -15.08 -37.15 -40.27
N GLY A 1654 -16.13 -36.39 -39.98
CA GLY A 1654 -17.50 -36.84 -40.20
C GLY A 1654 -17.89 -38.07 -39.40
N ARG A 1655 -17.58 -38.09 -38.11
CA ARG A 1655 -17.69 -39.30 -37.31
C ARG A 1655 -18.64 -39.09 -36.13
N MET A 1656 -19.15 -40.19 -35.59
CA MET A 1656 -20.23 -40.20 -34.61
C MET A 1656 -19.77 -40.97 -33.38
N TYR A 1657 -19.79 -40.32 -32.22
CA TYR A 1657 -19.37 -40.94 -30.97
C TYR A 1657 -20.48 -40.81 -29.94
N GLU A 1658 -20.91 -41.95 -29.38
CA GLU A 1658 -21.99 -41.97 -28.40
C GLU A 1658 -21.43 -42.32 -27.02
N LEU A 1659 -21.78 -41.52 -26.02
CA LEU A 1659 -21.39 -41.77 -24.64
C LEU A 1659 -22.55 -41.46 -23.72
N SER A 1660 -22.44 -41.92 -22.48
CA SER A 1660 -23.44 -41.63 -21.45
C SER A 1660 -22.71 -41.55 -20.11
N CYS A 1661 -22.89 -40.43 -19.41
CA CYS A 1661 -22.16 -40.18 -18.19
C CYS A 1661 -23.02 -39.39 -17.21
N TYR A 1662 -22.62 -39.43 -15.94
CA TYR A 1662 -23.38 -38.77 -14.88
C TYR A 1662 -23.18 -37.27 -14.95
N LEU A 1663 -24.28 -36.54 -15.13
CA LEU A 1663 -24.30 -35.09 -15.09
C LEU A 1663 -24.91 -34.61 -13.78
N PRO A 1664 -24.44 -33.51 -13.20
CA PRO A 1664 -23.36 -32.62 -13.64
C PRO A 1664 -22.01 -32.88 -12.97
N GLN A 1665 -21.79 -34.07 -12.41
CA GLN A 1665 -20.52 -34.39 -11.76
C GLN A 1665 -19.39 -34.50 -12.77
N GLU A 1666 -19.61 -35.27 -13.84
CA GLU A 1666 -18.63 -35.41 -14.91
C GLU A 1666 -18.87 -34.42 -16.04
N LYS A 1667 -18.82 -33.12 -15.72
CA LYS A 1667 -19.21 -32.09 -16.68
C LYS A 1667 -18.11 -31.79 -17.69
N ASP A 1668 -16.88 -32.20 -17.42
CA ASP A 1668 -15.74 -31.77 -18.22
C ASP A 1668 -15.63 -32.66 -19.45
N LEU A 1669 -16.19 -32.19 -20.55
CA LEU A 1669 -16.06 -32.88 -21.83
C LEU A 1669 -14.77 -32.41 -22.51
N LYS A 1670 -13.75 -33.26 -22.49
CA LYS A 1670 -12.46 -32.88 -23.05
C LYS A 1670 -12.32 -33.53 -24.43
N ILE A 1671 -12.29 -32.70 -25.46
CA ILE A 1671 -12.00 -33.14 -26.83
C ILE A 1671 -10.59 -32.73 -27.18
N SER A 1672 -9.79 -33.68 -27.64
CA SER A 1672 -8.42 -33.42 -28.02
C SER A 1672 -8.14 -34.09 -29.35
N VAL A 1673 -7.19 -33.55 -30.09
CA VAL A 1673 -6.65 -34.16 -31.29
C VAL A 1673 -5.24 -34.60 -30.99
N TYR A 1674 -4.98 -35.89 -31.16
CA TYR A 1674 -3.64 -36.44 -31.03
C TYR A 1674 -3.18 -36.91 -32.40
N ASP A 1675 -1.91 -37.28 -32.50
CA ASP A 1675 -1.31 -37.55 -33.80
C ASP A 1675 -0.89 -39.01 -33.88
N TYR A 1676 -1.44 -39.74 -34.85
CA TYR A 1676 -0.96 -41.08 -35.16
C TYR A 1676 0.48 -41.12 -35.61
N ASP A 1677 1.21 -42.06 -35.02
CA ASP A 1677 2.51 -42.49 -35.48
C ASP A 1677 2.57 -44.00 -35.34
N THR A 1678 3.02 -44.67 -36.38
CA THR A 1678 3.10 -46.13 -36.35
C THR A 1678 4.25 -46.64 -35.50
N PHE A 1679 5.23 -45.79 -35.17
CA PHE A 1679 6.40 -46.22 -34.41
C PHE A 1679 6.73 -45.36 -33.19
N THR A 1680 6.10 -44.19 -33.02
CA THR A 1680 6.48 -43.30 -31.93
C THR A 1680 5.25 -42.84 -31.16
N ARG A 1681 5.51 -42.08 -30.09
CA ARG A 1681 4.46 -41.64 -29.19
C ARG A 1681 3.58 -40.58 -29.85
N ASP A 1682 2.29 -40.62 -29.52
CA ASP A 1682 1.31 -39.71 -30.12
C ASP A 1682 1.47 -38.31 -29.55
N GLU A 1683 1.76 -37.34 -30.42
CA GLU A 1683 1.92 -35.95 -29.98
C GLU A 1683 0.56 -35.29 -29.82
N LYS A 1684 0.54 -34.16 -29.12
CA LYS A 1684 -0.70 -33.43 -28.89
C LYS A 1684 -0.82 -32.27 -29.87
N VAL A 1685 -1.81 -32.34 -30.76
CA VAL A 1685 -2.08 -31.23 -31.67
C VAL A 1685 -2.76 -30.09 -30.93
N GLY A 1686 -3.72 -30.40 -30.08
CA GLY A 1686 -4.46 -29.39 -29.34
C GLY A 1686 -5.64 -30.00 -28.64
N GLU A 1687 -6.28 -29.18 -27.81
CA GLU A 1687 -7.44 -29.63 -27.04
C GLU A 1687 -8.31 -28.44 -26.67
N THR A 1688 -9.59 -28.72 -26.48
CA THR A 1688 -10.55 -27.71 -26.02
C THR A 1688 -11.43 -28.32 -24.94
N ILE A 1689 -11.87 -27.49 -24.00
CA ILE A 1689 -12.68 -27.95 -22.87
C ILE A 1689 -14.10 -27.43 -23.04
N ILE A 1690 -15.06 -28.34 -23.01
CA ILE A 1690 -16.48 -28.02 -23.18
C ILE A 1690 -17.19 -28.39 -21.88
N ASP A 1691 -17.86 -27.43 -21.27
CA ASP A 1691 -18.57 -27.66 -20.01
C ASP A 1691 -20.04 -27.92 -20.35
N LEU A 1692 -20.44 -29.19 -20.33
CA LEU A 1692 -21.75 -29.59 -20.84
C LEU A 1692 -22.88 -29.18 -19.91
N GLU A 1693 -22.60 -28.92 -18.63
CA GLU A 1693 -23.68 -28.59 -17.72
C GLU A 1693 -24.18 -27.18 -17.98
N ASN A 1694 -23.29 -26.28 -18.42
CA ASN A 1694 -23.73 -24.96 -18.88
C ASN A 1694 -24.53 -25.07 -20.17
N ARG A 1695 -24.27 -26.10 -20.98
CA ARG A 1695 -25.10 -26.32 -22.16
C ARG A 1695 -26.47 -26.84 -21.79
N PHE A 1696 -26.55 -27.70 -20.77
CA PHE A 1696 -27.83 -28.28 -20.39
C PHE A 1696 -28.69 -27.30 -19.59
N LEU A 1697 -28.06 -26.52 -18.71
CA LEU A 1697 -28.74 -25.66 -17.76
C LEU A 1697 -28.97 -24.25 -18.29
N SER A 1698 -28.62 -23.98 -19.55
CA SER A 1698 -28.78 -22.64 -20.10
C SER A 1698 -30.24 -22.32 -20.31
N ARG A 1699 -30.59 -21.05 -20.12
CA ARG A 1699 -31.94 -20.58 -20.44
C ARG A 1699 -32.18 -20.53 -21.95
N PHE A 1700 -31.11 -20.52 -22.75
CA PHE A 1700 -31.21 -20.52 -24.20
C PHE A 1700 -31.33 -21.93 -24.77
N GLY A 1701 -31.30 -22.96 -23.93
CA GLY A 1701 -31.64 -24.31 -24.36
C GLY A 1701 -30.68 -24.94 -25.34
N SER A 1702 -29.38 -24.78 -25.13
CA SER A 1702 -28.39 -25.28 -26.07
C SER A 1702 -28.12 -26.79 -25.94
N HIS A 1703 -28.98 -27.53 -25.23
CA HIS A 1703 -28.84 -28.98 -25.17
C HIS A 1703 -29.16 -29.63 -26.51
N CYS A 1704 -30.07 -29.04 -27.27
CA CYS A 1704 -30.51 -29.65 -28.53
C CYS A 1704 -30.73 -28.54 -29.55
N GLY A 1705 -29.98 -28.58 -30.64
CA GLY A 1705 -30.14 -27.61 -31.70
C GLY A 1705 -31.40 -27.88 -32.49
N ILE A 1706 -32.34 -26.93 -32.47
CA ILE A 1706 -33.65 -27.14 -33.07
C ILE A 1706 -33.57 -26.95 -34.59
N PRO A 1707 -34.41 -27.64 -35.38
CA PRO A 1707 -34.44 -27.38 -36.83
C PRO A 1707 -35.23 -26.12 -37.16
N GLU A 1708 -35.39 -25.84 -38.45
CA GLU A 1708 -36.13 -24.65 -38.88
C GLU A 1708 -37.64 -24.91 -38.93
N GLU A 1709 -38.05 -26.03 -39.53
CA GLU A 1709 -39.46 -26.43 -39.52
C GLU A 1709 -39.56 -27.86 -38.99
N TYR A 1710 -40.66 -28.15 -38.32
CA TYR A 1710 -40.82 -29.41 -37.60
C TYR A 1710 -41.06 -30.56 -38.57
N CYS A 1711 -40.27 -31.61 -38.44
CA CYS A 1711 -40.37 -32.77 -39.31
C CYS A 1711 -40.25 -34.04 -38.47
N VAL A 1712 -40.80 -35.13 -39.01
CA VAL A 1712 -41.00 -36.36 -38.24
C VAL A 1712 -40.21 -37.52 -38.82
N SER A 1713 -39.59 -37.36 -39.99
CA SER A 1713 -38.90 -38.47 -40.62
C SER A 1713 -37.76 -37.93 -41.48
N GLY A 1714 -36.96 -38.86 -42.00
CA GLY A 1714 -35.87 -38.49 -42.87
C GLY A 1714 -34.64 -38.00 -42.09
N VAL A 1715 -34.00 -36.99 -42.66
CA VAL A 1715 -32.83 -36.38 -42.03
C VAL A 1715 -33.21 -35.23 -41.11
N ASN A 1716 -34.45 -34.73 -41.19
CA ASN A 1716 -34.89 -33.62 -40.38
C ASN A 1716 -35.72 -34.06 -39.18
N THR A 1717 -35.53 -35.29 -38.69
CA THR A 1717 -36.38 -35.85 -37.66
C THR A 1717 -36.18 -35.12 -36.33
N TRP A 1718 -37.28 -34.88 -35.63
CA TRP A 1718 -37.24 -34.22 -34.33
C TRP A 1718 -36.65 -35.17 -33.28
N ARG A 1719 -35.39 -34.95 -32.91
CA ARG A 1719 -34.70 -35.82 -31.96
C ARG A 1719 -34.88 -35.39 -30.51
N ASP A 1720 -35.48 -34.22 -30.27
CA ASP A 1720 -35.68 -33.76 -28.91
C ASP A 1720 -36.79 -34.58 -28.25
N GLN A 1721 -36.55 -34.97 -27.01
CA GLN A 1721 -37.52 -35.75 -26.25
C GLN A 1721 -38.75 -34.94 -25.87
N LEU A 1722 -38.70 -33.62 -26.01
CA LEU A 1722 -39.82 -32.74 -25.74
C LEU A 1722 -40.23 -32.07 -27.03
N ARG A 1723 -41.54 -32.09 -27.32
CA ARG A 1723 -42.11 -31.54 -28.54
C ARG A 1723 -41.95 -30.01 -28.56
N PRO A 1724 -42.07 -29.37 -29.74
CA PRO A 1724 -41.91 -27.89 -29.80
C PRO A 1724 -42.88 -27.08 -28.93
N THR A 1725 -44.12 -27.53 -28.76
CA THR A 1725 -45.05 -26.79 -27.92
C THR A 1725 -44.73 -26.97 -26.44
N GLN A 1726 -44.31 -28.18 -26.05
CA GLN A 1726 -43.90 -28.40 -24.66
C GLN A 1726 -42.58 -27.70 -24.35
N LEU A 1727 -41.69 -27.59 -25.35
CA LEU A 1727 -40.49 -26.78 -25.19
C LEU A 1727 -40.83 -25.30 -25.13
N LEU A 1728 -41.90 -24.90 -25.83
CA LEU A 1728 -42.35 -23.51 -25.75
C LEU A 1728 -42.90 -23.18 -24.38
N GLN A 1729 -43.67 -24.08 -23.78
CA GLN A 1729 -44.14 -23.81 -22.42
C GLN A 1729 -43.00 -23.97 -21.40
N ASN A 1730 -42.00 -24.80 -21.69
CA ASN A 1730 -40.83 -24.89 -20.83
C ASN A 1730 -40.00 -23.61 -20.86
N VAL A 1731 -39.81 -23.02 -22.05
CA VAL A 1731 -39.08 -21.76 -22.15
C VAL A 1731 -39.94 -20.60 -21.65
N ALA A 1732 -41.26 -20.76 -21.64
CA ALA A 1732 -42.13 -19.84 -20.93
C ALA A 1732 -41.88 -19.90 -19.44
N ARG A 1733 -41.65 -21.12 -18.92
CA ARG A 1733 -41.31 -21.26 -17.51
C ARG A 1733 -39.95 -20.64 -17.18
N PHE A 1734 -38.91 -20.95 -17.96
CA PHE A 1734 -37.59 -20.41 -17.62
C PHE A 1734 -37.47 -18.92 -17.87
N LYS A 1735 -38.20 -18.37 -18.85
CA LYS A 1735 -38.11 -16.94 -19.07
C LYS A 1735 -39.05 -16.13 -18.19
N GLY A 1736 -39.91 -16.78 -17.42
CA GLY A 1736 -40.90 -16.05 -16.65
C GLY A 1736 -42.07 -15.54 -17.47
N PHE A 1737 -42.16 -15.96 -18.72
CA PHE A 1737 -43.20 -15.57 -19.67
C PHE A 1737 -44.48 -16.37 -19.39
N PRO A 1738 -45.63 -15.85 -19.81
CA PRO A 1738 -46.86 -16.65 -19.70
C PRO A 1738 -46.86 -17.84 -20.64
N GLN A 1739 -47.73 -18.79 -20.35
CA GLN A 1739 -47.85 -20.01 -21.13
C GLN A 1739 -48.36 -19.70 -22.54
N PRO A 1740 -47.92 -20.46 -23.55
CA PRO A 1740 -48.35 -20.17 -24.93
C PRO A 1740 -49.82 -20.51 -25.15
N ILE A 1741 -50.55 -19.56 -25.72
CA ILE A 1741 -51.97 -19.74 -26.02
C ILE A 1741 -52.05 -20.21 -27.47
N LEU A 1742 -52.11 -21.52 -27.65
CA LEU A 1742 -52.25 -22.09 -28.98
C LEU A 1742 -53.68 -21.91 -29.49
N SER A 1743 -53.81 -21.80 -30.81
CA SER A 1743 -55.13 -21.70 -31.41
C SER A 1743 -55.76 -23.09 -31.56
N GLU A 1744 -56.96 -23.12 -32.13
CA GLU A 1744 -57.70 -24.36 -32.26
C GLU A 1744 -57.13 -25.27 -33.34
N ASP A 1745 -56.34 -24.73 -34.27
CA ASP A 1745 -55.72 -25.53 -35.32
C ASP A 1745 -54.20 -25.37 -35.37
N GLY A 1746 -53.61 -24.60 -34.45
CA GLY A 1746 -52.18 -24.37 -34.43
C GLY A 1746 -51.69 -23.33 -35.41
N SER A 1747 -52.58 -22.62 -36.11
CA SER A 1747 -52.14 -21.63 -37.08
C SER A 1747 -51.67 -20.33 -36.42
N ARG A 1748 -52.13 -20.03 -35.21
CA ARG A 1748 -51.71 -18.84 -34.48
C ARG A 1748 -51.24 -19.24 -33.10
N ILE A 1749 -50.13 -18.64 -32.65
CA ILE A 1749 -49.61 -18.87 -31.31
C ILE A 1749 -49.23 -17.53 -30.71
N ARG A 1750 -49.80 -17.22 -29.54
CA ARG A 1750 -49.52 -16.00 -28.80
C ARG A 1750 -48.55 -16.32 -27.68
N TYR A 1751 -47.41 -15.62 -27.67
CA TYR A 1751 -46.36 -15.91 -26.70
C TYR A 1751 -45.47 -14.68 -26.50
N GLY A 1752 -45.18 -14.40 -25.23
CA GLY A 1752 -44.21 -13.37 -24.88
C GLY A 1752 -44.61 -11.95 -25.22
N GLY A 1753 -45.90 -11.62 -25.12
CA GLY A 1753 -46.37 -10.30 -25.43
C GLY A 1753 -46.54 -10.00 -26.89
N ARG A 1754 -46.32 -10.97 -27.78
CA ARG A 1754 -46.43 -10.78 -29.21
C ARG A 1754 -47.22 -11.93 -29.83
N ASP A 1755 -48.11 -11.59 -30.75
CA ASP A 1755 -48.85 -12.60 -31.49
C ASP A 1755 -48.07 -13.02 -32.73
N TYR A 1756 -48.05 -14.32 -33.01
CA TYR A 1756 -47.32 -14.88 -34.13
C TYR A 1756 -48.29 -15.61 -35.05
N SER A 1757 -47.98 -15.63 -36.34
CA SER A 1757 -48.83 -16.26 -37.33
C SER A 1757 -47.98 -17.14 -38.25
N LEU A 1758 -48.59 -18.21 -38.76
CA LEU A 1758 -47.86 -19.17 -39.59
C LEU A 1758 -47.66 -18.64 -41.01
N ASP A 1759 -48.53 -17.75 -41.48
CA ASP A 1759 -48.43 -17.29 -42.86
C ASP A 1759 -47.32 -16.27 -43.06
N GLU A 1760 -46.76 -15.73 -41.97
CA GLU A 1760 -45.63 -14.82 -42.09
C GLU A 1760 -44.38 -15.56 -42.53
N PHE A 1761 -44.17 -16.77 -42.02
CA PHE A 1761 -43.00 -17.57 -42.37
C PHE A 1761 -43.25 -18.44 -43.59
N GLU A 1762 -44.49 -18.90 -43.78
CA GLU A 1762 -44.79 -19.81 -44.88
C GLU A 1762 -45.02 -19.07 -46.19
N ALA A 1763 -45.00 -17.74 -46.19
CA ALA A 1763 -45.14 -16.98 -47.43
C ALA A 1763 -43.88 -17.12 -48.27
N ASN A 1764 -44.05 -17.66 -49.48
CA ASN A 1764 -42.98 -17.97 -50.44
C ASN A 1764 -41.92 -18.90 -49.84
N LYS A 1765 -42.33 -19.83 -48.98
CA LYS A 1765 -41.44 -20.82 -48.40
C LYS A 1765 -41.86 -22.20 -48.88
N ILE A 1766 -40.89 -22.97 -49.38
CA ILE A 1766 -41.19 -24.25 -50.00
C ILE A 1766 -41.34 -25.32 -48.94
N LEU A 1767 -42.47 -26.02 -48.95
CA LEU A 1767 -42.77 -27.09 -48.02
C LEU A 1767 -42.69 -28.43 -48.74
N HIS A 1768 -42.41 -29.49 -47.99
CA HIS A 1768 -42.10 -30.78 -48.58
C HIS A 1768 -42.52 -31.85 -47.56
N GLN A 1769 -42.51 -33.12 -48.01
CA GLN A 1769 -43.31 -34.19 -47.40
C GLN A 1769 -42.95 -34.54 -45.96
N HIS A 1770 -41.78 -34.10 -45.46
CA HIS A 1770 -41.43 -34.46 -44.08
C HIS A 1770 -42.18 -33.63 -43.04
N LEU A 1771 -42.93 -32.61 -43.45
CA LEU A 1771 -43.55 -31.67 -42.51
C LEU A 1771 -44.64 -32.36 -41.69
N GLY A 1772 -44.65 -32.06 -40.39
CA GLY A 1772 -45.53 -32.70 -39.43
C GLY A 1772 -46.73 -31.86 -39.05
N ALA A 1773 -47.01 -31.80 -37.75
CA ALA A 1773 -48.17 -31.08 -37.26
C ALA A 1773 -47.97 -29.57 -37.39
N PRO A 1774 -49.02 -28.82 -37.73
CA PRO A 1774 -48.86 -27.37 -37.91
C PRO A 1774 -48.56 -26.61 -36.62
N GLU A 1775 -49.05 -27.11 -35.48
CA GLU A 1775 -48.80 -26.40 -34.21
C GLU A 1775 -47.34 -26.49 -33.80
N GLU A 1776 -46.74 -27.68 -33.91
CA GLU A 1776 -45.31 -27.82 -33.63
C GLU A 1776 -44.48 -27.06 -34.66
N ARG A 1777 -44.93 -27.06 -35.92
CA ARG A 1777 -44.26 -26.35 -37.00
C ARG A 1777 -44.21 -24.85 -36.73
N LEU A 1778 -45.33 -24.28 -36.29
CA LEU A 1778 -45.35 -22.85 -35.96
C LEU A 1778 -44.55 -22.57 -34.70
N ALA A 1779 -44.72 -23.41 -33.67
CA ALA A 1779 -44.06 -23.20 -32.39
C ALA A 1779 -42.54 -23.25 -32.52
N LEU A 1780 -42.03 -24.05 -33.47
CA LEU A 1780 -40.61 -24.10 -33.74
C LEU A 1780 -40.10 -22.77 -34.29
N HIS A 1781 -40.91 -22.07 -35.09
CA HIS A 1781 -40.51 -20.75 -35.55
C HIS A 1781 -40.59 -19.71 -34.44
N ILE A 1782 -41.54 -19.85 -33.50
CA ILE A 1782 -41.47 -19.05 -32.27
C ILE A 1782 -40.17 -19.34 -31.50
N LEU A 1783 -39.78 -20.61 -31.38
CA LEU A 1783 -38.54 -20.93 -30.65
C LEU A 1783 -37.30 -20.40 -31.38
N ARG A 1784 -37.37 -20.31 -32.72
CA ARG A 1784 -36.25 -19.74 -33.46
C ARG A 1784 -36.20 -18.22 -33.34
N THR A 1785 -37.37 -17.57 -33.26
CA THR A 1785 -37.37 -16.13 -33.15
C THR A 1785 -37.17 -15.63 -31.72
N GLN A 1786 -37.27 -16.50 -30.72
CA GLN A 1786 -37.15 -16.08 -29.32
C GLN A 1786 -35.74 -16.25 -28.78
N GLY A 1787 -34.84 -16.90 -29.50
CA GLY A 1787 -33.47 -17.01 -29.08
C GLY A 1787 -33.04 -18.36 -28.55
N LEU A 1788 -33.89 -19.39 -28.64
CA LEU A 1788 -33.43 -20.74 -28.33
C LEU A 1788 -32.47 -21.18 -29.43
N VAL A 1789 -31.41 -21.88 -29.02
CA VAL A 1789 -30.28 -22.22 -29.90
C VAL A 1789 -30.74 -23.19 -30.98
N PRO A 1790 -30.61 -22.84 -32.27
CA PRO A 1790 -30.91 -23.81 -33.32
C PRO A 1790 -29.70 -24.70 -33.60
N GLU A 1791 -29.84 -25.53 -34.63
CA GLU A 1791 -28.77 -26.43 -34.99
C GLU A 1791 -27.61 -25.65 -35.59
N HIS A 1792 -26.41 -25.91 -35.08
CA HIS A 1792 -25.21 -25.25 -35.57
C HIS A 1792 -24.14 -26.27 -35.90
N VAL A 1793 -23.09 -25.80 -36.57
CA VAL A 1793 -21.78 -26.43 -36.57
C VAL A 1793 -20.82 -25.39 -35.98
N GLU A 1794 -20.56 -25.51 -34.69
CA GLU A 1794 -19.62 -24.63 -34.02
C GLU A 1794 -18.19 -24.95 -34.45
N THR A 1795 -17.28 -24.02 -34.17
CA THR A 1795 -15.88 -24.17 -34.58
C THR A 1795 -15.01 -23.75 -33.39
N ARG A 1796 -14.54 -24.73 -32.63
CA ARG A 1796 -13.81 -24.47 -31.40
C ARG A 1796 -12.34 -24.21 -31.67
N THR A 1797 -11.64 -23.70 -30.66
CA THR A 1797 -10.22 -23.40 -30.77
C THR A 1797 -9.40 -24.44 -30.00
N LEU A 1798 -8.36 -24.96 -30.64
CA LEU A 1798 -7.44 -25.87 -29.99
C LEU A 1798 -6.34 -25.10 -29.26
N HIS A 1799 -5.95 -25.63 -28.12
CA HIS A 1799 -4.88 -25.09 -27.28
C HIS A 1799 -3.94 -26.21 -26.87
N SER A 1800 -2.65 -25.93 -26.95
CA SER A 1800 -1.62 -26.88 -26.52
C SER A 1800 -1.17 -26.47 -25.12
N THR A 1801 -0.38 -27.34 -24.49
CA THR A 1801 0.14 -27.02 -23.17
C THR A 1801 1.24 -25.96 -23.24
N PHE A 1802 1.92 -25.87 -24.38
CA PHE A 1802 2.91 -24.82 -24.56
C PHE A 1802 2.25 -23.46 -24.76
N GLN A 1803 1.16 -23.42 -25.52
CA GLN A 1803 0.41 -22.20 -25.81
C GLN A 1803 -1.05 -22.42 -25.41
N PRO A 1804 -1.39 -22.17 -24.14
CA PRO A 1804 -2.77 -22.44 -23.69
C PRO A 1804 -3.80 -21.43 -24.14
N ASN A 1805 -3.40 -20.35 -24.82
CA ASN A 1805 -4.36 -19.36 -25.30
C ASN A 1805 -4.17 -19.01 -26.77
N ILE A 1806 -3.34 -19.75 -27.50
CA ILE A 1806 -3.05 -19.48 -28.90
C ILE A 1806 -3.63 -20.62 -29.73
N SER A 1807 -4.20 -20.29 -30.88
CA SER A 1807 -4.88 -21.27 -31.73
C SER A 1807 -3.89 -22.25 -32.33
N GLN A 1808 -3.89 -23.48 -31.81
CA GLN A 1808 -3.10 -24.58 -32.37
C GLN A 1808 -3.96 -25.39 -33.35
N GLY A 1809 -4.51 -24.66 -34.32
CA GLY A 1809 -5.42 -25.26 -35.27
C GLY A 1809 -6.87 -24.93 -34.97
N LYS A 1810 -7.74 -25.51 -35.81
CA LYS A 1810 -9.17 -25.25 -35.80
C LYS A 1810 -9.87 -26.57 -36.07
N LEU A 1811 -11.11 -26.71 -35.57
CA LEU A 1811 -11.92 -27.89 -35.85
C LEU A 1811 -13.39 -27.57 -35.57
N GLN A 1812 -14.28 -28.42 -36.07
CA GLN A 1812 -15.72 -28.18 -36.05
C GLN A 1812 -16.42 -29.26 -35.23
N MET A 1813 -17.31 -28.83 -34.33
CA MET A 1813 -18.08 -29.75 -33.50
C MET A 1813 -19.46 -29.17 -33.25
N TRP A 1814 -20.40 -30.05 -32.88
CA TRP A 1814 -21.63 -29.65 -32.23
C TRP A 1814 -22.12 -30.82 -31.39
N VAL A 1815 -22.57 -30.49 -30.17
CA VAL A 1815 -22.81 -31.48 -29.12
C VAL A 1815 -24.29 -31.52 -28.80
N ASP A 1816 -24.81 -32.72 -28.54
CA ASP A 1816 -26.18 -32.93 -28.12
C ASP A 1816 -26.22 -33.54 -26.72
N VAL A 1817 -27.04 -32.96 -25.85
CA VAL A 1817 -27.24 -33.44 -24.49
C VAL A 1817 -28.73 -33.72 -24.30
N PHE A 1818 -29.05 -34.95 -23.87
CA PHE A 1818 -30.43 -35.30 -23.55
C PHE A 1818 -30.50 -35.97 -22.19
N PRO A 1819 -31.27 -35.45 -21.25
CA PRO A 1819 -31.41 -36.13 -19.96
C PRO A 1819 -32.26 -37.38 -20.07
N LYS A 1820 -31.94 -38.38 -19.24
CA LYS A 1820 -32.75 -39.60 -19.20
C LYS A 1820 -33.97 -39.44 -18.32
N SER A 1821 -34.06 -38.37 -17.54
CA SER A 1821 -35.23 -38.15 -16.69
C SER A 1821 -36.44 -37.75 -17.52
N LEU A 1822 -36.23 -37.15 -18.69
CA LEU A 1822 -37.30 -36.76 -19.58
C LEU A 1822 -37.58 -37.82 -20.66
N GLY A 1823 -37.17 -39.06 -20.42
CA GLY A 1823 -37.40 -40.13 -21.37
C GLY A 1823 -36.23 -40.36 -22.30
N PRO A 1824 -36.32 -41.38 -23.13
CA PRO A 1824 -35.26 -41.63 -24.11
C PRO A 1824 -35.28 -40.58 -25.20
N PRO A 1825 -34.14 -40.27 -25.80
CA PRO A 1825 -34.11 -39.27 -26.88
C PRO A 1825 -34.57 -39.86 -28.21
N GLY A 1826 -34.46 -39.03 -29.25
CA GLY A 1826 -34.88 -39.41 -30.57
C GLY A 1826 -33.83 -40.20 -31.32
N PRO A 1827 -33.98 -40.32 -32.65
CA PRO A 1827 -33.05 -41.13 -33.42
C PRO A 1827 -31.72 -40.44 -33.58
N PRO A 1828 -30.61 -41.19 -33.55
CA PRO A 1828 -29.28 -40.57 -33.71
C PRO A 1828 -29.00 -40.21 -35.16
N PHE A 1829 -28.17 -39.20 -35.37
CA PHE A 1829 -27.93 -38.69 -36.71
C PHE A 1829 -26.50 -38.98 -37.17
N ASN A 1830 -26.38 -39.31 -38.46
CA ASN A 1830 -25.13 -39.81 -39.05
C ASN A 1830 -24.42 -38.68 -39.80
#